data_8ZPE
#
_entry.id   8ZPE
#
_cell.length_a   87.600
_cell.length_b   108.700
_cell.length_c   89.100
_cell.angle_alpha   90.00
_cell.angle_beta   115.00
_cell.angle_gamma   90.00
#
_symmetry.space_group_name_H-M   'P 1 21 1'
#
loop_
_entity.id
_entity.type
_entity.pdbx_description
1 polymer 'Alanine racemase 2'
2 non-polymer 'CHLORIDE ION'
3 water water
#
_entity_poly.entity_id   1
_entity_poly.type   'polypeptide(L)'
_entity_poly.pdbx_seq_one_letter_code
;GSHMMIKLCREVWIEVNLDAVKKNLRAIRRHIPHKSKIMAVV(LLP)ANGYGHGSIEVARHALEHGASELAVASVEEGIV
LRKAGITAPILVLGFTSLSCVKKSAAWNITLSAFQVDWMKEANEILEKEASANRLAIHINVDTGMGRLGVRTKEELLEVV
KALKASKFLRWTGIFTHFSTADEPDTTLTKLQHEKFISFLSFLKKQGIELPTVHMCNTAAAIAFPEFSADMIRLGIGLYG
LYPSAYIKQLNLVKLEPALSLKARIAYVKTMRTEPRTVSYGATYIAEPNEVIATLPIGYADGYSRALSNRGFVLHRGKRV
PVAGRVTMDMIMVSLGENGEGKQGDEVVIYGKQKGAEISVDEVAEMLNTINYEVVSTLSRRIPRFYIRDGEIFKVSTPVL
YV
;
_entity_poly.pdbx_strand_id   A,B,C,D
#
loop_
_chem_comp.id
_chem_comp.type
_chem_comp.name
_chem_comp.formula
CL non-polymer 'CHLORIDE ION' 'Cl -1'
#
# COMPACT_ATOMS: atom_id res chain seq x y z
N MET A 5 -25.25 -4.97 7.42
CA MET A 5 -25.22 -5.63 6.12
C MET A 5 -23.98 -5.13 5.35
N ILE A 6 -24.05 -5.17 4.02
CA ILE A 6 -22.94 -4.83 3.14
C ILE A 6 -23.05 -3.37 2.74
N LYS A 7 -22.04 -2.57 3.08
CA LYS A 7 -22.04 -1.13 2.80
C LYS A 7 -21.01 -0.86 1.72
N LEU A 8 -21.49 -0.55 0.52
CA LEU A 8 -20.63 -0.19 -0.58
C LEU A 8 -21.08 1.16 -1.13
N CYS A 9 -20.13 1.87 -1.74
CA CYS A 9 -20.51 3.03 -2.52
C CYS A 9 -21.20 2.59 -3.81
N ARG A 10 -20.54 1.72 -4.56
CA ARG A 10 -21.12 1.09 -5.73
C ARG A 10 -21.61 -0.28 -5.27
N GLU A 11 -22.92 -0.47 -5.28
CA GLU A 11 -23.53 -1.60 -4.59
C GLU A 11 -23.66 -2.81 -5.50
N VAL A 12 -22.49 -3.37 -5.85
CA VAL A 12 -22.38 -4.69 -6.47
C VAL A 12 -21.30 -5.47 -5.74
N TRP A 13 -21.52 -6.77 -5.55
CA TRP A 13 -20.54 -7.57 -4.82
C TRP A 13 -20.71 -9.05 -5.13
N ILE A 14 -19.71 -9.82 -4.75
CA ILE A 14 -19.70 -11.26 -4.91
C ILE A 14 -19.74 -11.88 -3.52
N GLU A 15 -20.53 -12.93 -3.35
CA GLU A 15 -20.50 -13.76 -2.15
C GLU A 15 -19.91 -15.12 -2.52
N VAL A 16 -18.83 -15.50 -1.85
CA VAL A 16 -18.24 -16.82 -1.99
C VAL A 16 -18.55 -17.62 -0.72
N ASN A 17 -19.27 -18.72 -0.89
CA ASN A 17 -19.70 -19.54 0.24
C ASN A 17 -18.61 -20.56 0.52
N LEU A 18 -17.84 -20.34 1.59
CA LEU A 18 -16.73 -21.23 1.91
C LEU A 18 -17.21 -22.54 2.53
N ASP A 19 -18.42 -22.57 3.11
CA ASP A 19 -19.03 -23.83 3.54
C ASP A 19 -19.28 -24.76 2.37
N ALA A 20 -19.78 -24.20 1.26
CA ALA A 20 -19.86 -24.97 0.02
C ALA A 20 -18.50 -25.51 -0.37
N VAL A 21 -17.46 -24.68 -0.27
CA VAL A 21 -16.12 -25.13 -0.66
C VAL A 21 -15.68 -26.33 0.19
N LYS A 22 -15.83 -26.22 1.52
CA LYS A 22 -15.53 -27.33 2.41
C LYS A 22 -16.29 -28.59 1.99
N LYS A 23 -17.59 -28.44 1.73
CA LYS A 23 -18.39 -29.60 1.34
C LYS A 23 -17.90 -30.19 0.03
N ASN A 24 -17.48 -29.32 -0.90
CA ASN A 24 -17.02 -29.83 -2.20
C ASN A 24 -15.75 -30.64 -2.05
N LEU A 25 -14.91 -30.28 -1.07
CA LEU A 25 -13.67 -31.00 -0.84
C LEU A 25 -13.94 -32.36 -0.21
N ARG A 26 -14.80 -32.40 0.81
CA ARG A 26 -15.08 -33.67 1.46
C ARG A 26 -15.69 -34.65 0.46
N ALA A 27 -16.59 -34.16 -0.42
CA ALA A 27 -17.18 -35.04 -1.44
C ALA A 27 -16.09 -35.66 -2.31
N ILE A 28 -15.15 -34.84 -2.79
CA ILE A 28 -14.05 -35.34 -3.61
C ILE A 28 -13.14 -36.27 -2.81
N ARG A 29 -12.80 -35.87 -1.57
CA ARG A 29 -11.93 -36.69 -0.73
C ARG A 29 -12.52 -38.09 -0.53
N ARG A 30 -13.84 -38.19 -0.41
CA ARG A 30 -14.51 -39.46 -0.18
C ARG A 30 -14.72 -40.27 -1.45
N HIS A 31 -14.63 -39.63 -2.61
CA HIS A 31 -14.79 -40.33 -3.87
C HIS A 31 -13.49 -41.02 -4.31
N ILE A 32 -12.36 -40.34 -4.16
CA ILE A 32 -11.07 -40.79 -4.68
C ILE A 32 -10.40 -41.68 -3.64
N PRO A 33 -9.32 -42.40 -3.98
CA PRO A 33 -8.65 -43.22 -2.98
C PRO A 33 -8.19 -42.44 -1.76
N HIS A 34 -8.17 -43.11 -0.62
CA HIS A 34 -7.77 -42.47 0.63
C HIS A 34 -6.28 -42.13 0.62
N LYS A 35 -5.46 -42.91 -0.11
CA LYS A 35 -4.03 -42.63 -0.23
C LYS A 35 -3.77 -41.31 -0.96
N SER A 36 -4.63 -40.94 -1.91
CA SER A 36 -4.35 -39.83 -2.82
C SER A 36 -4.53 -38.49 -2.12
N LYS A 37 -3.66 -37.54 -2.46
CA LYS A 37 -3.71 -36.18 -1.93
C LYS A 37 -4.48 -35.27 -2.87
N ILE A 38 -4.89 -34.12 -2.35
CA ILE A 38 -5.62 -33.14 -3.12
C ILE A 38 -4.78 -31.88 -3.25
N MET A 39 -4.55 -31.48 -4.50
CA MET A 39 -4.00 -30.17 -4.83
C MET A 39 -5.15 -29.26 -5.25
N ALA A 40 -5.36 -28.19 -4.49
CA ALA A 40 -6.40 -27.23 -4.82
C ALA A 40 -5.83 -26.22 -5.79
N VAL A 41 -6.54 -26.00 -6.90
CA VAL A 41 -6.07 -25.12 -7.97
C VAL A 41 -6.78 -23.78 -7.81
N VAL A 42 -6.01 -22.73 -7.46
CA VAL A 42 -6.56 -21.40 -7.17
C VAL A 42 -5.93 -20.36 -8.08
N1 LLP A 43 -4.38 -29.36 -14.11
C2 LLP A 43 -3.89 -28.42 -14.95
C2' LLP A 43 -2.59 -28.70 -15.77
C3 LLP A 43 -4.57 -27.20 -15.08
O3 LLP A 43 -4.05 -26.19 -15.94
C4 LLP A 43 -5.73 -27.00 -14.31
C4' LLP A 43 -6.48 -25.66 -14.43
C5 LLP A 43 -6.20 -28.02 -13.45
C6 LLP A 43 -5.48 -29.22 -13.39
C5' LLP A 43 -7.49 -27.93 -12.61
OP4 LLP A 43 -8.49 -28.39 -13.51
P LLP A 43 -10.14 -28.35 -13.32
OP1 LLP A 43 -10.84 -28.86 -14.55
OP2 LLP A 43 -10.58 -26.93 -13.04
OP3 LLP A 43 -10.51 -29.26 -12.18
N LLP A 43 -5.57 -20.79 -9.29
CA LLP A 43 -5.07 -19.88 -10.31
CB LLP A 43 -4.55 -20.68 -11.50
CG LLP A 43 -5.63 -21.31 -12.34
CD LLP A 43 -5.08 -22.47 -13.14
CE LLP A 43 -6.00 -22.84 -14.29
NZ LLP A 43 -6.00 -24.31 -14.48
C LLP A 43 -6.17 -18.91 -10.74
O LLP A 43 -7.37 -19.13 -10.50
N ALA A 44 -5.75 -17.80 -11.35
CA ALA A 44 -6.69 -16.81 -11.85
C ALA A 44 -7.59 -16.29 -10.74
N ASN A 45 -6.96 -15.86 -9.65
CA ASN A 45 -7.67 -15.33 -8.49
C ASN A 45 -8.71 -16.31 -8.00
N GLY A 46 -8.31 -17.58 -7.89
CA GLY A 46 -9.20 -18.61 -7.41
C GLY A 46 -10.41 -18.80 -8.31
N TYR A 47 -10.15 -18.95 -9.61
CA TYR A 47 -11.20 -18.99 -10.63
C TYR A 47 -12.20 -17.86 -10.44
N GLY A 48 -11.69 -16.67 -10.07
CA GLY A 48 -12.52 -15.50 -9.82
C GLY A 48 -13.10 -15.41 -8.42
N HIS A 49 -12.88 -16.41 -7.57
CA HIS A 49 -13.50 -16.46 -6.25
C HIS A 49 -12.66 -15.79 -5.18
N GLY A 50 -11.41 -15.44 -5.50
CA GLY A 50 -10.46 -14.93 -4.53
C GLY A 50 -9.48 -16.03 -4.16
N SER A 51 -8.19 -15.84 -4.45
CA SER A 51 -7.28 -16.96 -4.24
C SER A 51 -6.89 -17.12 -2.77
N ILE A 52 -6.87 -16.04 -2.00
CA ILE A 52 -6.32 -16.14 -0.66
C ILE A 52 -7.28 -16.89 0.25
N GLU A 53 -8.55 -16.47 0.31
CA GLU A 53 -9.47 -17.10 1.25
C GLU A 53 -9.86 -18.52 0.84
N VAL A 54 -9.91 -18.79 -0.46
CA VAL A 54 -10.20 -20.15 -0.91
C VAL A 54 -9.03 -21.07 -0.62
N ALA A 55 -7.81 -20.60 -0.87
CA ALA A 55 -6.63 -21.39 -0.54
C ALA A 55 -6.58 -21.68 0.96
N ARG A 56 -6.61 -20.61 1.77
CA ARG A 56 -6.62 -20.76 3.23
C ARG A 56 -7.62 -21.82 3.65
N HIS A 57 -8.83 -21.76 3.08
CA HIS A 57 -9.91 -22.65 3.47
C HIS A 57 -9.69 -24.07 2.95
N ALA A 58 -9.20 -24.22 1.72
CA ALA A 58 -8.99 -25.56 1.19
C ALA A 58 -7.89 -26.29 1.95
N LEU A 59 -6.83 -25.57 2.33
CA LEU A 59 -5.77 -26.18 3.13
C LEU A 59 -6.27 -26.64 4.49
N GLU A 60 -7.27 -25.93 5.04
CA GLU A 60 -7.87 -26.34 6.31
C GLU A 60 -8.61 -27.66 6.19
N HIS A 61 -9.13 -27.98 5.01
CA HIS A 61 -10.25 -28.90 4.93
C HIS A 61 -10.03 -29.98 3.90
N GLY A 62 -8.80 -30.44 3.71
CA GLY A 62 -8.59 -31.57 2.82
C GLY A 62 -7.45 -31.42 1.84
N ALA A 63 -7.05 -30.19 1.52
CA ALA A 63 -6.00 -29.96 0.55
C ALA A 63 -4.65 -29.88 1.25
N SER A 64 -3.62 -30.37 0.58
CA SER A 64 -2.26 -30.23 1.09
C SER A 64 -1.35 -29.44 0.17
N GLU A 65 -1.72 -29.23 -1.10
CA GLU A 65 -0.90 -28.42 -1.98
C GLU A 65 -1.79 -27.47 -2.78
N LEU A 66 -1.16 -26.47 -3.37
CA LEU A 66 -1.86 -25.46 -4.15
C LEU A 66 -1.22 -25.38 -5.51
N ALA A 67 -2.02 -24.99 -6.50
CA ALA A 67 -1.53 -24.75 -7.85
C ALA A 67 -2.03 -23.40 -8.33
N VAL A 68 -1.17 -22.68 -9.06
CA VAL A 68 -1.46 -21.33 -9.55
C VAL A 68 -0.98 -21.23 -10.98
N ALA A 69 -1.30 -20.12 -11.63
CA ALA A 69 -0.88 -19.95 -13.02
C ALA A 69 0.50 -19.32 -13.16
N SER A 70 1.01 -18.68 -12.11
CA SER A 70 2.26 -17.94 -12.26
C SER A 70 2.90 -17.75 -10.90
N VAL A 71 4.18 -17.38 -10.94
CA VAL A 71 4.94 -17.07 -9.73
C VAL A 71 4.22 -16.01 -8.91
N GLU A 72 3.83 -14.91 -9.58
CA GLU A 72 3.19 -13.77 -8.93
C GLU A 72 1.93 -14.18 -8.17
N GLU A 73 1.07 -14.99 -8.80
CA GLU A 73 -0.07 -15.54 -8.07
C GLU A 73 0.40 -16.35 -6.87
N GLY A 74 1.54 -17.04 -7.01
CA GLY A 74 2.05 -17.82 -5.91
C GLY A 74 2.51 -16.94 -4.76
N ILE A 75 3.30 -15.89 -5.08
CA ILE A 75 3.80 -14.96 -4.08
C ILE A 75 2.66 -14.32 -3.30
N VAL A 76 1.54 -14.03 -3.99
CA VAL A 76 0.39 -13.46 -3.28
C VAL A 76 -0.06 -14.39 -2.17
N LEU A 77 0.00 -15.71 -2.41
CA LEU A 77 -0.40 -16.66 -1.36
C LEU A 77 0.64 -16.75 -0.25
N ARG A 78 1.93 -16.70 -0.61
CA ARG A 78 2.99 -16.63 0.40
C ARG A 78 2.82 -15.40 1.29
N LYS A 79 2.63 -14.24 0.67
CA LYS A 79 2.42 -13.00 1.44
C LYS A 79 1.18 -13.09 2.32
N ALA A 80 0.21 -13.91 1.97
CA ALA A 80 -0.93 -14.11 2.85
C ALA A 80 -0.62 -15.05 4.01
N GLY A 81 0.58 -15.61 4.07
CA GLY A 81 0.96 -16.47 5.18
C GLY A 81 0.94 -17.95 4.93
N ILE A 82 0.79 -18.38 3.69
CA ILE A 82 0.56 -19.78 3.35
C ILE A 82 1.90 -20.46 3.15
N THR A 83 2.10 -21.60 3.80
CA THR A 83 3.37 -22.30 3.72
C THR A 83 3.27 -23.62 2.99
N ALA A 84 2.07 -23.97 2.51
CA ALA A 84 1.89 -25.17 1.73
C ALA A 84 2.69 -25.08 0.43
N PRO A 85 2.99 -26.23 -0.19
CA PRO A 85 3.56 -26.23 -1.54
C PRO A 85 2.67 -25.48 -2.52
N ILE A 86 3.31 -24.67 -3.38
CA ILE A 86 2.61 -23.94 -4.43
C ILE A 86 3.25 -24.28 -5.76
N LEU A 87 2.49 -24.93 -6.63
CA LEU A 87 3.01 -25.33 -7.93
C LEU A 87 2.53 -24.34 -8.99
N VAL A 88 3.45 -23.84 -9.81
CA VAL A 88 3.13 -23.01 -10.96
C VAL A 88 2.90 -23.94 -12.15
N LEU A 89 1.70 -23.88 -12.73
CA LEU A 89 1.31 -24.83 -13.78
C LEU A 89 1.76 -24.39 -15.16
N GLY A 90 1.95 -23.11 -15.39
CA GLY A 90 2.44 -22.61 -16.66
C GLY A 90 3.95 -22.56 -16.75
N PHE A 91 4.43 -21.78 -17.71
CA PHE A 91 5.86 -21.60 -17.89
C PHE A 91 6.36 -20.42 -17.05
N THR A 92 7.50 -20.61 -16.41
CA THR A 92 8.14 -19.55 -15.64
C THR A 92 9.47 -19.19 -16.30
N SER A 93 9.66 -17.90 -16.54
CA SER A 93 10.89 -17.42 -17.15
C SER A 93 12.10 -17.72 -16.26
N LEU A 94 13.25 -17.98 -16.90
CA LEU A 94 14.47 -18.17 -16.13
C LEU A 94 14.80 -16.96 -15.26
N SER A 95 14.45 -15.75 -15.73
CA SER A 95 14.68 -14.55 -14.94
C SER A 95 13.94 -14.55 -13.61
N CYS A 96 13.03 -15.49 -13.37
CA CYS A 96 12.32 -15.57 -12.10
C CYS A 96 12.73 -16.78 -11.28
N VAL A 97 13.84 -17.42 -11.63
CA VAL A 97 14.27 -18.60 -10.87
C VAL A 97 14.70 -18.16 -9.47
N LYS A 98 15.53 -17.13 -9.39
CA LYS A 98 15.97 -16.62 -8.10
C LYS A 98 14.76 -16.27 -7.23
N LYS A 99 13.80 -15.56 -7.81
CA LYS A 99 12.61 -15.17 -7.06
C LYS A 99 11.77 -16.37 -6.64
N SER A 100 11.60 -17.37 -7.52
CA SER A 100 10.84 -18.56 -7.12
C SER A 100 11.55 -19.30 -6.00
N ALA A 101 12.87 -19.43 -6.09
CA ALA A 101 13.58 -20.09 -5.00
C ALA A 101 13.41 -19.33 -3.69
N ALA A 102 13.46 -18.01 -3.77
CA ALA A 102 13.33 -17.18 -2.57
C ALA A 102 11.97 -17.36 -1.90
N TRP A 103 10.92 -17.52 -2.69
CA TRP A 103 9.59 -17.67 -2.11
C TRP A 103 9.17 -19.13 -1.96
N ASN A 104 10.08 -20.07 -2.28
CA ASN A 104 9.79 -21.51 -2.31
C ASN A 104 8.52 -21.84 -3.08
N ILE A 105 8.46 -21.36 -4.31
CA ILE A 105 7.38 -21.69 -5.20
C ILE A 105 7.86 -22.82 -6.10
N THR A 106 7.08 -23.90 -6.19
CA THR A 106 7.47 -25.03 -7.03
C THR A 106 7.20 -24.67 -8.49
N LEU A 107 8.21 -24.84 -9.32
CA LEU A 107 8.10 -24.49 -10.72
C LEU A 107 7.83 -25.75 -11.55
N SER A 108 7.00 -25.61 -12.58
CA SER A 108 6.92 -26.62 -13.62
C SER A 108 8.10 -26.42 -14.54
N ALA A 109 8.66 -27.52 -15.02
CA ALA A 109 9.74 -27.45 -15.98
C ALA A 109 9.77 -28.75 -16.75
N PHE A 110 10.31 -28.68 -17.97
CA PHE A 110 10.21 -29.82 -18.89
C PHE A 110 11.30 -29.76 -19.95
N GLN A 111 12.38 -29.02 -19.73
CA GLN A 111 13.44 -28.87 -20.70
C GLN A 111 14.78 -29.07 -20.00
N VAL A 112 15.73 -29.69 -20.71
CA VAL A 112 17.06 -29.88 -20.13
C VAL A 112 17.76 -28.55 -19.97
N ASP A 113 17.70 -27.69 -20.99
CA ASP A 113 18.43 -26.44 -20.92
C ASP A 113 17.92 -25.55 -19.79
N TRP A 114 16.60 -25.42 -19.68
CA TRP A 114 16.01 -24.66 -18.59
C TRP A 114 16.52 -25.16 -17.23
N MET A 115 16.54 -26.48 -17.01
CA MET A 115 17.09 -27.05 -15.78
C MET A 115 18.51 -26.57 -15.50
N LYS A 116 19.41 -26.74 -16.46
CA LYS A 116 20.80 -26.40 -16.22
C LYS A 116 20.96 -24.92 -15.92
N GLU A 117 20.36 -24.05 -16.74
CA GLU A 117 20.47 -22.61 -16.51
C GLU A 117 19.86 -22.22 -15.17
N ALA A 118 18.72 -22.81 -14.82
CA ALA A 118 18.14 -22.57 -13.49
C ALA A 118 19.11 -22.98 -12.39
N ASN A 119 19.83 -24.09 -12.58
CA ASN A 119 20.73 -24.58 -11.55
C ASN A 119 21.95 -23.69 -11.39
N GLU A 120 22.44 -23.10 -12.48
CA GLU A 120 23.60 -22.22 -12.42
C GLU A 120 23.24 -20.89 -11.76
N ILE A 121 22.13 -20.29 -12.17
CA ILE A 121 21.64 -19.07 -11.52
C ILE A 121 21.62 -19.25 -10.02
N LEU A 122 21.13 -20.40 -9.56
CA LEU A 122 20.98 -20.66 -8.14
C LEU A 122 22.31 -20.95 -7.45
N GLU A 123 23.25 -21.61 -8.14
CA GLU A 123 24.56 -21.89 -7.56
C GLU A 123 25.44 -20.65 -7.58
N LYS A 124 25.33 -19.81 -8.62
CA LYS A 124 26.04 -18.55 -8.70
C LYS A 124 25.60 -17.58 -7.61
N GLU A 125 24.46 -17.83 -6.97
CA GLU A 125 23.96 -17.02 -5.88
C GLU A 125 24.11 -17.72 -4.53
N ALA A 126 24.52 -18.99 -4.52
CA ALA A 126 24.81 -19.75 -3.31
C ALA A 126 23.70 -19.65 -2.28
N SER A 127 23.76 -18.61 -1.44
CA SER A 127 22.84 -18.35 -0.33
C SER A 127 21.38 -18.57 -0.70
N ALA A 128 21.04 -19.79 -1.11
CA ALA A 128 19.75 -20.06 -1.72
C ALA A 128 19.11 -21.28 -1.07
N ASN A 129 17.79 -21.35 -1.24
CA ASN A 129 17.07 -22.59 -1.12
C ASN A 129 17.29 -23.42 -2.38
N ARG A 130 16.89 -24.67 -2.32
CA ARG A 130 16.81 -25.47 -3.53
C ARG A 130 15.43 -25.27 -4.15
N LEU A 131 15.40 -25.17 -5.47
CA LEU A 131 14.18 -24.95 -6.21
C LEU A 131 13.50 -26.29 -6.48
N ALA A 132 12.27 -26.46 -6.00
CA ALA A 132 11.50 -27.67 -6.27
C ALA A 132 10.90 -27.62 -7.67
N ILE A 133 10.95 -28.74 -8.36
CA ILE A 133 10.51 -28.84 -9.76
C ILE A 133 9.52 -29.98 -9.88
N HIS A 134 8.42 -29.74 -10.59
CA HIS A 134 7.58 -30.80 -11.14
C HIS A 134 7.83 -30.87 -12.64
N ILE A 135 7.93 -32.08 -13.18
CA ILE A 135 8.07 -32.28 -14.61
C ILE A 135 6.67 -32.44 -15.22
N ASN A 136 6.37 -31.62 -16.21
CA ASN A 136 5.13 -31.74 -16.97
C ASN A 136 5.38 -32.71 -18.12
N VAL A 137 4.65 -33.82 -18.14
CA VAL A 137 4.68 -34.74 -19.28
C VAL A 137 3.45 -34.45 -20.13
N ASP A 138 3.68 -34.06 -21.38
CA ASP A 138 2.58 -33.84 -22.32
C ASP A 138 2.21 -35.16 -22.98
N THR A 139 1.04 -35.68 -22.65
CA THR A 139 0.53 -36.92 -23.21
C THR A 139 -0.62 -36.70 -24.17
N GLY A 140 -0.89 -35.45 -24.56
CA GLY A 140 -1.97 -35.18 -25.50
C GLY A 140 -2.68 -33.84 -25.38
N MET A 141 -2.41 -33.11 -24.30
CA MET A 141 -2.85 -31.72 -24.19
C MET A 141 -2.23 -30.84 -25.27
N GLY A 142 -0.96 -31.10 -25.61
CA GLY A 142 -0.26 -30.30 -26.59
C GLY A 142 0.14 -28.91 -26.14
N ARG A 143 0.16 -28.67 -24.83
CA ARG A 143 0.37 -27.31 -24.36
C ARG A 143 1.80 -27.12 -23.92
N LEU A 144 2.15 -27.72 -22.79
CA LEU A 144 3.49 -27.70 -22.22
C LEU A 144 3.88 -29.12 -21.85
N GLY A 145 5.18 -29.38 -21.79
CA GLY A 145 5.68 -30.64 -21.27
C GLY A 145 6.42 -31.44 -22.31
N VAL A 146 7.08 -32.52 -21.81
CA VAL A 146 7.89 -33.42 -22.63
C VAL A 146 6.99 -34.45 -23.28
N ARG A 147 7.34 -34.85 -24.50
CA ARG A 147 6.44 -35.72 -25.25
C ARG A 147 6.98 -37.11 -25.55
N THR A 148 8.25 -37.41 -25.23
CA THR A 148 8.80 -38.74 -25.49
C THR A 148 9.50 -39.26 -24.25
N LYS A 149 9.68 -40.58 -24.19
CA LYS A 149 10.36 -41.13 -23.03
C LYS A 149 11.86 -40.87 -23.07
N GLU A 150 12.42 -40.67 -24.26
CA GLU A 150 13.84 -40.35 -24.36
C GLU A 150 14.10 -38.92 -23.88
N GLU A 151 13.27 -37.97 -24.33
CA GLU A 151 13.36 -36.59 -23.84
C GLU A 151 13.12 -36.52 -22.34
N LEU A 152 12.14 -37.28 -21.83
CA LEU A 152 11.87 -37.29 -20.40
C LEU A 152 13.09 -37.77 -19.60
N LEU A 153 13.74 -38.83 -20.07
CA LEU A 153 14.93 -39.31 -19.39
C LEU A 153 16.04 -38.26 -19.40
N GLU A 154 16.26 -37.60 -20.54
CA GLU A 154 17.22 -36.50 -20.59
C GLU A 154 16.93 -35.47 -19.50
N VAL A 155 15.64 -35.19 -19.27
CA VAL A 155 15.24 -34.13 -18.34
C VAL A 155 15.44 -34.58 -16.90
N VAL A 156 15.05 -35.82 -16.59
CA VAL A 156 15.19 -36.37 -15.26
C VAL A 156 16.67 -36.48 -14.88
N LYS A 157 17.54 -36.74 -15.84
CA LYS A 157 18.97 -36.84 -15.55
C LYS A 157 19.59 -35.48 -15.28
N ALA A 158 19.24 -34.48 -16.11
CA ALA A 158 19.67 -33.11 -15.86
C ALA A 158 19.17 -32.61 -14.51
N LEU A 159 17.92 -32.92 -14.17
CA LEU A 159 17.36 -32.50 -12.89
C LEU A 159 18.03 -33.24 -11.74
N LYS A 160 18.21 -34.55 -11.88
CA LYS A 160 18.83 -35.34 -10.80
C LYS A 160 20.27 -34.93 -10.57
N ALA A 161 20.96 -34.48 -11.61
CA ALA A 161 22.33 -34.00 -11.47
C ALA A 161 22.43 -32.62 -10.84
N SER A 162 21.36 -31.82 -10.91
CA SER A 162 21.38 -30.41 -10.51
C SER A 162 21.26 -30.30 -9.01
N LYS A 163 22.35 -29.90 -8.33
CA LYS A 163 22.36 -29.91 -6.87
C LYS A 163 21.36 -28.92 -6.27
N PHE A 164 21.05 -27.84 -6.98
CA PHE A 164 20.19 -26.78 -6.45
C PHE A 164 18.73 -26.89 -6.89
N LEU A 165 18.37 -27.91 -7.65
CA LEU A 165 16.99 -28.22 -7.94
C LEU A 165 16.58 -29.45 -7.14
N ARG A 166 15.29 -29.62 -6.96
CA ARG A 166 14.77 -30.79 -6.26
C ARG A 166 13.55 -31.30 -7.01
N TRP A 167 13.50 -32.62 -7.21
CA TRP A 167 12.44 -33.25 -7.98
C TRP A 167 11.33 -33.70 -7.04
N THR A 168 10.19 -33.01 -7.06
CA THR A 168 9.09 -33.34 -6.16
C THR A 168 7.81 -33.80 -6.86
N GLY A 169 7.76 -33.81 -8.19
CA GLY A 169 6.54 -34.25 -8.82
C GLY A 169 6.70 -34.42 -10.32
N ILE A 170 5.78 -35.19 -10.89
CA ILE A 170 5.69 -35.39 -12.32
C ILE A 170 4.21 -35.51 -12.64
N PHE A 171 3.77 -34.89 -13.71
CA PHE A 171 2.34 -34.86 -13.96
C PHE A 171 2.04 -34.78 -15.44
N THR A 172 0.75 -34.95 -15.73
CA THR A 172 0.22 -34.79 -17.06
C THR A 172 -1.18 -34.21 -16.91
N HIS A 173 -1.72 -33.70 -18.01
CA HIS A 173 -3.07 -33.16 -18.04
C HIS A 173 -3.89 -33.92 -19.08
N PHE A 174 -5.08 -34.37 -18.68
CA PHE A 174 -6.05 -34.93 -19.61
C PHE A 174 -6.81 -33.83 -20.31
N SER A 175 -6.89 -33.89 -21.63
CA SER A 175 -7.60 -32.86 -22.38
C SER A 175 -9.08 -33.16 -22.57
N THR A 176 -9.55 -34.39 -22.34
CA THR A 176 -10.95 -34.69 -22.65
C THR A 176 -11.60 -35.58 -21.59
N ALA A 177 -11.16 -35.49 -20.34
CA ALA A 177 -11.75 -36.36 -19.32
C ALA A 177 -13.15 -35.95 -18.92
N ASP A 178 -13.66 -34.84 -19.45
CA ASP A 178 -15.01 -34.36 -19.16
C ASP A 178 -16.06 -34.81 -20.19
N GLU A 179 -15.66 -35.57 -21.22
CA GLU A 179 -16.43 -36.04 -22.37
C GLU A 179 -16.80 -37.50 -22.23
N PRO A 180 -17.93 -37.91 -22.83
CA PRO A 180 -18.38 -39.30 -22.66
C PRO A 180 -17.53 -40.31 -23.41
N ASP A 181 -16.90 -39.92 -24.51
CA ASP A 181 -15.96 -40.81 -25.18
C ASP A 181 -14.64 -40.76 -24.41
N THR A 182 -14.29 -41.87 -23.76
CA THR A 182 -13.12 -41.92 -22.90
C THR A 182 -11.86 -42.38 -23.63
N THR A 183 -11.91 -42.59 -24.94
CA THR A 183 -10.78 -43.26 -25.57
C THR A 183 -9.51 -42.44 -25.45
N LEU A 184 -9.60 -41.11 -25.58
CA LEU A 184 -8.40 -40.29 -25.51
C LEU A 184 -7.85 -40.23 -24.07
N THR A 185 -8.74 -40.22 -23.07
CA THR A 185 -8.29 -40.22 -21.68
C THR A 185 -7.55 -41.52 -21.35
N LYS A 186 -8.10 -42.65 -21.77
CA LYS A 186 -7.44 -43.92 -21.48
C LYS A 186 -6.09 -43.99 -22.17
N LEU A 187 -6.00 -43.41 -23.37
CA LEU A 187 -4.74 -43.40 -24.10
C LEU A 187 -3.73 -42.52 -23.41
N GLN A 188 -4.14 -41.32 -22.98
CA GLN A 188 -3.23 -40.47 -22.22
C GLN A 188 -2.69 -41.21 -21.02
N HIS A 189 -3.56 -41.96 -20.33
CA HIS A 189 -3.16 -42.58 -19.08
C HIS A 189 -2.13 -43.68 -19.29
N GLU A 190 -2.31 -44.51 -20.30
CA GLU A 190 -1.35 -45.57 -20.53
C GLU A 190 -0.07 -45.05 -21.16
N LYS A 191 -0.13 -43.96 -21.92
CA LYS A 191 1.11 -43.29 -22.32
C LYS A 191 1.88 -42.84 -21.09
N PHE A 192 1.22 -42.13 -20.17
CA PHE A 192 1.88 -41.67 -18.96
C PHE A 192 2.43 -42.82 -18.16
N ILE A 193 1.62 -43.86 -17.96
CA ILE A 193 2.03 -44.99 -17.12
C ILE A 193 3.22 -45.71 -17.75
N SER A 194 3.24 -45.81 -19.07
CA SER A 194 4.39 -46.45 -19.70
C SER A 194 5.65 -45.61 -19.53
N PHE A 195 5.51 -44.28 -19.50
CA PHE A 195 6.66 -43.40 -19.30
C PHE A 195 7.23 -43.55 -17.89
N LEU A 196 6.35 -43.55 -16.90
CA LEU A 196 6.80 -43.76 -15.52
C LEU A 196 7.44 -45.12 -15.36
N SER A 197 6.92 -46.14 -16.07
CA SER A 197 7.51 -47.48 -15.99
C SER A 197 8.88 -47.51 -16.65
N PHE A 198 9.04 -46.81 -17.78
CA PHE A 198 10.36 -46.69 -18.37
C PHE A 198 11.35 -46.09 -17.38
N LEU A 199 10.92 -45.09 -16.60
CA LEU A 199 11.82 -44.49 -15.64
C LEU A 199 12.14 -45.46 -14.52
N LYS A 200 11.20 -46.34 -14.17
CA LYS A 200 11.42 -47.23 -13.05
C LYS A 200 12.46 -48.31 -13.37
N LYS A 201 12.43 -48.87 -14.57
CA LYS A 201 13.42 -49.88 -14.94
C LYS A 201 14.77 -49.25 -15.32
N GLN A 202 14.92 -47.94 -15.17
CA GLN A 202 16.23 -47.32 -15.11
C GLN A 202 16.74 -47.24 -13.69
N GLY A 203 15.96 -47.72 -12.72
CA GLY A 203 16.27 -47.51 -11.32
C GLY A 203 16.10 -46.08 -10.83
N ILE A 204 15.14 -45.34 -11.39
CA ILE A 204 14.82 -43.98 -10.96
C ILE A 204 13.57 -44.03 -10.11
N GLU A 205 13.70 -43.71 -8.82
CA GLU A 205 12.54 -43.66 -7.94
C GLU A 205 11.67 -42.45 -8.27
N LEU A 206 10.36 -42.64 -8.24
CA LEU A 206 9.48 -41.57 -8.68
C LEU A 206 9.00 -40.72 -7.52
N PRO A 207 8.85 -39.39 -7.72
CA PRO A 207 8.17 -38.56 -6.72
C PRO A 207 6.65 -38.60 -6.86
N THR A 208 5.98 -37.56 -6.41
CA THR A 208 4.52 -37.55 -6.41
C THR A 208 4.00 -37.55 -7.84
N VAL A 209 3.17 -38.52 -8.17
CA VAL A 209 2.53 -38.61 -9.48
C VAL A 209 1.16 -37.99 -9.37
N HIS A 210 0.86 -37.00 -10.20
CA HIS A 210 -0.50 -36.49 -10.20
C HIS A 210 -0.96 -36.32 -11.63
N MET A 211 -2.24 -36.57 -11.88
CA MET A 211 -2.66 -36.48 -13.28
C MET A 211 -4.11 -36.03 -13.44
N CYS A 212 -4.96 -36.24 -12.43
CA CYS A 212 -6.38 -35.97 -12.58
C CYS A 212 -6.72 -34.51 -12.31
N ASN A 213 -7.55 -33.92 -13.18
CA ASN A 213 -8.28 -32.69 -12.90
C ASN A 213 -9.62 -33.05 -12.23
N THR A 214 -10.55 -32.10 -12.12
CA THR A 214 -11.85 -32.41 -11.51
C THR A 214 -12.57 -33.52 -12.27
N ALA A 215 -12.60 -33.42 -13.61
CA ALA A 215 -13.33 -34.39 -14.41
C ALA A 215 -12.75 -35.78 -14.25
N ALA A 216 -11.43 -35.92 -14.38
CA ALA A 216 -10.82 -37.24 -14.27
C ALA A 216 -10.91 -37.81 -12.87
N ALA A 217 -10.90 -36.96 -11.83
CA ALA A 217 -11.00 -37.50 -10.47
C ALA A 217 -12.37 -38.08 -10.20
N ILE A 218 -13.42 -37.47 -10.75
CA ILE A 218 -14.77 -37.99 -10.59
C ILE A 218 -14.97 -39.23 -11.46
N ALA A 219 -14.56 -39.15 -12.73
CA ALA A 219 -14.87 -40.19 -13.69
C ALA A 219 -13.89 -41.35 -13.63
N PHE A 220 -12.63 -41.11 -13.27
CA PHE A 220 -11.61 -42.16 -13.19
C PHE A 220 -10.85 -42.06 -11.88
N PRO A 221 -11.52 -42.28 -10.75
CA PRO A 221 -10.81 -42.14 -9.47
C PRO A 221 -9.61 -43.06 -9.36
N GLU A 222 -9.62 -44.18 -10.09
CA GLU A 222 -8.48 -45.09 -10.08
C GLU A 222 -7.26 -44.49 -10.76
N PHE A 223 -7.40 -43.32 -11.39
CA PHE A 223 -6.26 -42.57 -11.93
C PHE A 223 -5.66 -41.60 -10.92
N SER A 224 -6.20 -41.55 -9.70
CA SER A 224 -5.80 -40.55 -8.72
C SER A 224 -4.32 -40.60 -8.39
N ALA A 225 -3.70 -41.78 -8.42
CA ALA A 225 -2.27 -41.98 -8.13
C ALA A 225 -1.96 -41.25 -6.83
N ASP A 226 -0.89 -40.44 -6.76
CA ASP A 226 -0.51 -39.82 -5.49
C ASP A 226 -1.35 -38.59 -5.16
N MET A 227 -1.83 -37.88 -6.19
CA MET A 227 -2.41 -36.57 -5.97
C MET A 227 -3.29 -36.21 -7.16
N ILE A 228 -4.40 -35.54 -6.89
CA ILE A 228 -5.25 -34.99 -7.93
C ILE A 228 -5.23 -33.47 -7.84
N ARG A 229 -5.59 -32.82 -8.92
CA ARG A 229 -5.62 -31.37 -8.96
C ARG A 229 -7.06 -30.93 -9.08
N LEU A 230 -7.61 -30.46 -7.96
CA LEU A 230 -9.02 -30.10 -7.87
C LEU A 230 -9.16 -28.62 -8.23
N GLY A 231 -9.71 -28.35 -9.40
CA GLY A 231 -9.97 -26.98 -9.77
C GLY A 231 -11.44 -26.68 -9.69
N ILE A 232 -12.15 -26.87 -10.81
CA ILE A 232 -13.51 -26.36 -10.93
C ILE A 232 -14.41 -26.99 -9.88
N GLY A 233 -14.21 -28.27 -9.57
CA GLY A 233 -15.05 -28.91 -8.56
C GLY A 233 -14.95 -28.24 -7.21
N LEU A 234 -13.79 -27.65 -6.90
CA LEU A 234 -13.60 -27.01 -5.61
C LEU A 234 -14.63 -25.90 -5.42
N TYR A 235 -14.98 -25.21 -6.49
CA TYR A 235 -15.95 -24.12 -6.47
C TYR A 235 -17.38 -24.60 -6.69
N GLY A 236 -17.60 -25.91 -6.71
CA GLY A 236 -18.95 -26.42 -6.81
C GLY A 236 -19.51 -26.36 -8.19
N LEU A 237 -18.67 -26.45 -9.21
CA LEU A 237 -19.12 -26.39 -10.60
C LEU A 237 -18.67 -27.65 -11.31
N TYR A 238 -19.54 -28.17 -12.12
CA TYR A 238 -19.09 -29.40 -12.74
C TYR A 238 -18.29 -29.10 -14.02
N PRO A 239 -17.30 -29.93 -14.34
CA PRO A 239 -16.53 -29.68 -15.56
C PRO A 239 -17.38 -29.71 -16.81
N SER A 240 -18.43 -30.50 -16.83
CA SER A 240 -19.30 -30.57 -18.00
C SER A 240 -20.60 -31.21 -17.55
N ALA A 241 -21.64 -31.01 -18.37
CA ALA A 241 -22.94 -31.61 -18.08
C ALA A 241 -22.85 -33.13 -17.98
N TYR A 242 -22.00 -33.73 -18.82
CA TYR A 242 -21.80 -35.18 -18.77
C TYR A 242 -21.27 -35.62 -17.41
N ILE A 243 -20.23 -34.93 -16.91
CA ILE A 243 -19.71 -35.32 -15.60
C ILE A 243 -20.78 -35.12 -14.54
N LYS A 244 -21.55 -34.03 -14.65
CA LYS A 244 -22.63 -33.76 -13.71
C LYS A 244 -23.66 -34.89 -13.72
N GLN A 245 -24.07 -35.34 -14.92
CA GLN A 245 -25.12 -36.35 -15.00
C GLN A 245 -24.65 -37.74 -14.58
N LEU A 246 -23.34 -37.98 -14.50
CA LEU A 246 -22.85 -39.22 -13.88
C LEU A 246 -23.37 -39.38 -12.46
N ASN A 247 -23.72 -38.30 -11.78
CA ASN A 247 -24.33 -38.32 -10.44
C ASN A 247 -23.51 -39.14 -9.45
N LEU A 248 -22.20 -38.95 -9.48
CA LEU A 248 -21.28 -39.62 -8.57
C LEU A 248 -20.89 -38.75 -7.40
N VAL A 249 -20.71 -37.45 -7.63
CA VAL A 249 -20.26 -36.50 -6.62
C VAL A 249 -21.22 -35.33 -6.61
N LYS A 250 -21.71 -34.97 -5.43
CA LYS A 250 -22.60 -33.84 -5.28
C LYS A 250 -21.79 -32.60 -4.95
N LEU A 251 -21.81 -31.61 -5.85
CA LEU A 251 -21.09 -30.36 -5.67
C LEU A 251 -22.06 -29.22 -5.48
N GLU A 252 -21.64 -28.22 -4.72
CA GLU A 252 -22.50 -27.11 -4.34
C GLU A 252 -21.84 -25.81 -4.78
N PRO A 253 -22.49 -25.03 -5.66
CA PRO A 253 -21.89 -23.77 -6.15
C PRO A 253 -21.57 -22.79 -5.03
N ALA A 254 -20.36 -22.21 -5.08
CA ALA A 254 -19.84 -21.35 -4.03
C ALA A 254 -20.09 -19.86 -4.28
N LEU A 255 -20.23 -19.46 -5.55
CA LEU A 255 -20.19 -18.05 -5.91
C LEU A 255 -21.59 -17.52 -6.18
N SER A 256 -21.88 -16.35 -5.64
CA SER A 256 -23.07 -15.60 -6.03
C SER A 256 -22.64 -14.18 -6.37
N LEU A 257 -23.30 -13.60 -7.38
CA LEU A 257 -23.06 -12.22 -7.77
C LEU A 257 -24.33 -11.44 -7.51
N LYS A 258 -24.24 -10.37 -6.72
CA LYS A 258 -25.41 -9.59 -6.35
C LYS A 258 -25.16 -8.10 -6.56
N ALA A 259 -26.26 -7.35 -6.61
CA ALA A 259 -26.23 -5.91 -6.67
C ALA A 259 -27.48 -5.37 -5.97
N ARG A 260 -27.52 -4.07 -5.78
CA ARG A 260 -28.72 -3.39 -5.32
C ARG A 260 -29.16 -2.42 -6.40
N ILE A 261 -30.48 -2.32 -6.59
CA ILE A 261 -31.01 -1.41 -7.59
C ILE A 261 -30.54 0.00 -7.27
N ALA A 262 -29.93 0.65 -8.26
CA ALA A 262 -29.50 2.03 -8.09
C ALA A 262 -30.65 3.01 -8.28
N TYR A 263 -31.55 2.75 -9.23
CA TYR A 263 -32.62 3.70 -9.51
C TYR A 263 -33.79 2.97 -10.16
N VAL A 264 -34.99 3.45 -9.85
CA VAL A 264 -36.24 2.95 -10.42
C VAL A 264 -37.02 4.15 -10.94
N LYS A 265 -37.72 3.96 -12.07
CA LYS A 265 -38.50 5.04 -12.66
C LYS A 265 -39.57 4.47 -13.59
N THR A 266 -40.70 5.16 -13.67
CA THR A 266 -41.69 4.89 -14.69
C THR A 266 -41.36 5.72 -15.92
N MET A 267 -41.56 5.15 -17.10
CA MET A 267 -41.14 5.78 -18.36
C MET A 267 -42.26 6.61 -18.98
N ARG A 268 -42.66 7.67 -18.26
CA ARG A 268 -43.85 8.44 -18.60
C ARG A 268 -43.62 9.39 -19.75
N THR A 269 -42.51 10.11 -19.75
CA THR A 269 -42.29 11.15 -20.74
C THR A 269 -41.41 10.63 -21.87
N GLU A 270 -41.46 11.32 -22.97
CA GLU A 270 -40.63 10.90 -24.10
C GLU A 270 -39.29 11.62 -24.07
N PRO A 271 -38.24 11.01 -24.64
CA PRO A 271 -38.23 9.67 -25.24
C PRO A 271 -38.09 8.52 -24.23
N ARG A 272 -38.73 7.38 -24.52
CA ARG A 272 -38.70 6.18 -23.70
C ARG A 272 -37.59 5.22 -24.09
N THR A 273 -36.56 5.73 -24.74
CA THR A 273 -35.39 4.96 -25.13
C THR A 273 -34.53 4.60 -23.93
N VAL A 274 -33.91 3.41 -24.01
CA VAL A 274 -33.15 2.82 -22.90
C VAL A 274 -31.77 2.39 -23.40
N SER A 275 -30.71 2.98 -22.82
CA SER A 275 -29.32 2.61 -23.00
C SER A 275 -28.78 2.95 -24.39
N TYR A 276 -27.51 2.61 -24.65
CA TYR A 276 -26.85 2.97 -25.89
C TYR A 276 -27.54 2.34 -27.10
N GLY A 277 -27.50 3.06 -28.21
CA GLY A 277 -28.16 2.60 -29.42
C GLY A 277 -29.66 2.66 -29.37
N ALA A 278 -30.26 3.04 -28.24
CA ALA A 278 -31.72 3.17 -28.10
C ALA A 278 -32.44 1.90 -28.57
N THR A 279 -31.80 0.75 -28.36
CA THR A 279 -32.30 -0.52 -28.85
C THR A 279 -33.54 -1.01 -28.13
N TYR A 280 -34.03 -0.29 -27.12
CA TYR A 280 -35.15 -0.76 -26.31
C TYR A 280 -36.01 0.45 -25.95
N ILE A 281 -37.26 0.44 -26.39
CA ILE A 281 -38.24 1.47 -26.09
C ILE A 281 -39.22 0.87 -25.09
N ALA A 282 -39.36 1.52 -23.94
CA ALA A 282 -40.22 1.03 -22.88
C ALA A 282 -41.65 1.55 -23.06
N GLU A 283 -42.56 0.92 -22.34
CA GLU A 283 -43.96 1.33 -22.39
C GLU A 283 -44.20 2.51 -21.45
N PRO A 284 -45.25 3.31 -21.73
CA PRO A 284 -45.47 4.53 -20.95
C PRO A 284 -45.50 4.33 -19.45
N ASN A 285 -45.99 3.18 -18.98
CA ASN A 285 -45.99 2.92 -17.56
C ASN A 285 -45.14 1.69 -17.23
N GLU A 286 -44.18 1.39 -18.10
CA GLU A 286 -43.15 0.40 -17.78
C GLU A 286 -42.17 0.97 -16.77
N VAL A 287 -41.69 0.12 -15.88
CA VAL A 287 -40.79 0.50 -14.80
C VAL A 287 -39.41 -0.07 -15.12
N ILE A 288 -38.41 0.80 -15.21
CA ILE A 288 -37.04 0.42 -15.52
C ILE A 288 -36.17 0.64 -14.29
N ALA A 289 -35.52 -0.41 -13.81
CA ALA A 289 -34.54 -0.31 -12.75
C ALA A 289 -33.13 -0.31 -13.35
N THR A 290 -32.24 0.44 -12.72
CA THR A 290 -30.86 0.55 -13.16
C THR A 290 -29.98 -0.11 -12.12
N LEU A 291 -29.10 -1.01 -12.57
CA LEU A 291 -28.25 -1.84 -11.73
C LEU A 291 -26.79 -1.51 -11.95
N PRO A 292 -25.97 -1.49 -10.86
CA PRO A 292 -24.56 -1.07 -10.95
C PRO A 292 -23.60 -2.20 -11.28
N ILE A 293 -23.83 -2.89 -12.39
CA ILE A 293 -22.89 -3.86 -12.93
C ILE A 293 -22.89 -3.70 -14.44
N GLY A 294 -21.73 -3.93 -15.04
CA GLY A 294 -21.59 -3.70 -16.46
C GLY A 294 -20.56 -4.63 -17.05
N TYR A 295 -20.23 -4.46 -18.35
CA TYR A 295 -19.33 -5.44 -18.95
C TYR A 295 -17.90 -5.29 -18.45
N ALA A 296 -17.49 -4.07 -18.06
CA ALA A 296 -16.17 -3.94 -17.44
C ALA A 296 -16.06 -4.72 -16.14
N ASP A 297 -17.16 -5.19 -15.57
CA ASP A 297 -17.13 -6.09 -14.42
C ASP A 297 -17.06 -7.56 -14.80
N GLY A 298 -17.23 -7.89 -16.09
CA GLY A 298 -17.33 -9.26 -16.55
C GLY A 298 -18.73 -9.72 -16.84
N TYR A 299 -19.74 -8.84 -16.73
CA TYR A 299 -21.09 -9.15 -17.16
C TYR A 299 -21.22 -8.85 -18.66
N SER A 300 -21.24 -9.90 -19.47
CA SER A 300 -20.95 -9.77 -20.89
C SER A 300 -21.94 -8.86 -21.60
N ARG A 301 -21.40 -7.98 -22.47
CA ARG A 301 -22.25 -7.14 -23.30
C ARG A 301 -23.18 -7.98 -24.17
N ALA A 302 -22.83 -9.25 -24.40
CA ALA A 302 -23.67 -10.14 -25.17
C ALA A 302 -25.00 -10.43 -24.50
N LEU A 303 -25.15 -10.09 -23.22
CA LEU A 303 -26.41 -10.26 -22.52
C LEU A 303 -27.37 -9.07 -22.73
N SER A 304 -26.99 -8.13 -23.58
CA SER A 304 -27.87 -7.06 -24.03
C SER A 304 -29.19 -7.63 -24.52
N ASN A 305 -30.30 -7.20 -23.93
CA ASN A 305 -31.63 -7.65 -24.34
C ASN A 305 -31.79 -9.17 -24.26
N ARG A 306 -30.99 -9.87 -23.45
CA ARG A 306 -31.04 -11.32 -23.40
C ARG A 306 -30.97 -11.79 -21.95
N GLY A 307 -30.17 -11.11 -21.13
CA GLY A 307 -29.90 -11.57 -19.79
C GLY A 307 -31.11 -11.46 -18.88
N PHE A 308 -31.07 -12.22 -17.80
CA PHE A 308 -32.03 -12.08 -16.72
C PHE A 308 -31.28 -11.79 -15.43
N VAL A 309 -31.94 -11.14 -14.49
CA VAL A 309 -31.47 -11.09 -13.11
C VAL A 309 -32.66 -11.48 -12.25
N LEU A 310 -32.38 -11.89 -11.02
CA LEU A 310 -33.44 -12.21 -10.08
C LEU A 310 -33.75 -10.97 -9.26
N HIS A 311 -34.99 -10.50 -9.33
CA HIS A 311 -35.49 -9.45 -8.46
C HIS A 311 -36.76 -9.97 -7.81
N ARG A 312 -36.75 -10.06 -6.48
CA ARG A 312 -37.88 -10.56 -5.71
C ARG A 312 -38.35 -11.93 -6.21
N GLY A 313 -37.41 -12.84 -6.39
CA GLY A 313 -37.70 -14.20 -6.77
C GLY A 313 -38.17 -14.41 -8.19
N LYS A 314 -38.28 -13.35 -8.99
CA LYS A 314 -38.69 -13.44 -10.39
C LYS A 314 -37.55 -13.01 -11.29
N ARG A 315 -37.43 -13.67 -12.43
CA ARG A 315 -36.49 -13.25 -13.46
C ARG A 315 -37.05 -12.03 -14.16
N VAL A 316 -36.23 -10.99 -14.29
CA VAL A 316 -36.65 -9.80 -15.00
C VAL A 316 -35.63 -9.56 -16.10
N PRO A 317 -36.05 -9.28 -17.32
CA PRO A 317 -35.11 -9.24 -18.43
C PRO A 317 -34.25 -7.97 -18.42
N VAL A 318 -33.01 -8.14 -18.84
CA VAL A 318 -32.19 -6.99 -19.15
C VAL A 318 -32.83 -6.25 -20.31
N ALA A 319 -32.95 -4.93 -20.18
CA ALA A 319 -33.56 -4.05 -21.17
C ALA A 319 -32.49 -3.14 -21.74
N GLY A 320 -32.32 -3.20 -23.06
CA GLY A 320 -31.36 -2.36 -23.73
C GLY A 320 -29.95 -2.92 -23.61
N ARG A 321 -29.00 -2.14 -24.11
CA ARG A 321 -27.63 -2.61 -24.13
C ARG A 321 -27.00 -2.58 -22.73
N VAL A 322 -26.12 -3.55 -22.48
CA VAL A 322 -25.22 -3.49 -21.33
C VAL A 322 -24.26 -2.33 -21.52
N THR A 323 -24.09 -1.51 -20.48
CA THR A 323 -23.09 -0.45 -20.53
C THR A 323 -21.89 -0.87 -19.69
N MET A 324 -20.83 -0.06 -19.78
CA MET A 324 -19.57 -0.43 -19.14
C MET A 324 -19.76 -0.72 -17.66
N ASP A 325 -20.62 0.05 -16.98
CA ASP A 325 -20.73 0.02 -15.53
C ASP A 325 -22.12 -0.27 -14.99
N MET A 326 -23.13 -0.40 -15.86
CA MET A 326 -24.53 -0.39 -15.42
C MET A 326 -25.38 -1.17 -16.40
N ILE A 327 -26.47 -1.74 -15.90
CA ILE A 327 -27.48 -2.34 -16.75
C ILE A 327 -28.85 -1.85 -16.30
N MET A 328 -29.76 -1.76 -17.26
CA MET A 328 -31.17 -1.54 -17.01
C MET A 328 -31.89 -2.88 -17.10
N VAL A 329 -32.89 -3.07 -16.25
CA VAL A 329 -33.79 -4.21 -16.32
C VAL A 329 -35.21 -3.67 -16.30
N SER A 330 -36.11 -4.38 -16.98
CA SER A 330 -37.53 -4.04 -16.99
C SER A 330 -38.25 -4.79 -15.87
N LEU A 331 -38.87 -4.04 -14.96
CA LEU A 331 -39.79 -4.62 -13.99
C LEU A 331 -41.19 -4.79 -14.55
N GLY A 332 -41.46 -4.29 -15.76
CA GLY A 332 -42.75 -4.46 -16.41
C GLY A 332 -43.66 -3.25 -16.28
N GLU A 333 -44.90 -3.43 -16.73
CA GLU A 333 -45.89 -2.39 -16.57
C GLU A 333 -46.29 -2.30 -15.10
N ASN A 334 -46.17 -1.09 -14.52
CA ASN A 334 -46.47 -0.88 -13.12
C ASN A 334 -45.74 -1.89 -12.24
N GLY A 335 -44.50 -2.19 -12.62
CA GLY A 335 -43.72 -3.13 -11.86
C GLY A 335 -43.34 -2.58 -10.50
N GLU A 336 -43.16 -3.49 -9.55
CA GLU A 336 -42.83 -3.11 -8.18
C GLU A 336 -41.34 -3.29 -7.93
N GLY A 337 -40.71 -2.22 -7.46
CA GLY A 337 -39.31 -2.24 -7.08
C GLY A 337 -38.92 -0.92 -6.47
N LYS A 338 -37.98 -0.94 -5.54
CA LYS A 338 -37.50 0.27 -4.92
C LYS A 338 -36.00 0.34 -5.08
N GLN A 339 -35.49 1.57 -5.21
CA GLN A 339 -34.07 1.84 -4.97
C GLN A 339 -33.59 1.08 -3.75
N GLY A 340 -32.51 0.32 -3.91
CA GLY A 340 -31.92 -0.41 -2.81
C GLY A 340 -32.31 -1.86 -2.73
N ASP A 341 -33.25 -2.31 -3.56
CA ASP A 341 -33.66 -3.71 -3.52
C ASP A 341 -32.50 -4.60 -3.93
N GLU A 342 -32.38 -5.74 -3.29
CA GLU A 342 -31.30 -6.65 -3.62
C GLU A 342 -31.67 -7.47 -4.84
N VAL A 343 -30.76 -7.51 -5.80
CA VAL A 343 -30.93 -8.22 -7.05
C VAL A 343 -29.84 -9.29 -7.10
N VAL A 344 -30.15 -10.46 -7.64
CA VAL A 344 -29.19 -11.56 -7.75
C VAL A 344 -28.87 -11.72 -9.23
N ILE A 345 -27.60 -11.61 -9.58
CA ILE A 345 -27.21 -11.74 -10.97
C ILE A 345 -26.82 -13.18 -11.30
N TYR A 346 -25.92 -13.75 -10.50
CA TYR A 346 -25.67 -15.18 -10.51
C TYR A 346 -26.00 -15.71 -9.12
N GLY A 347 -26.80 -16.77 -9.06
CA GLY A 347 -27.04 -17.43 -7.80
C GLY A 347 -28.52 -17.67 -7.58
N LYS A 348 -28.85 -17.93 -6.32
CA LYS A 348 -30.20 -18.25 -5.90
C LYS A 348 -30.86 -17.03 -5.26
N GLN A 349 -32.17 -16.90 -5.46
CA GLN A 349 -32.99 -15.92 -4.75
C GLN A 349 -34.38 -16.50 -4.56
N LYS A 350 -34.80 -16.66 -3.31
CA LYS A 350 -36.10 -17.27 -3.00
C LYS A 350 -36.21 -18.60 -3.72
N GLY A 351 -37.21 -18.77 -4.55
CA GLY A 351 -37.30 -20.00 -5.32
C GLY A 351 -36.24 -20.11 -6.40
N ALA A 352 -35.99 -19.02 -7.12
CA ALA A 352 -35.43 -19.04 -8.45
C ALA A 352 -33.91 -19.02 -8.44
N GLU A 353 -33.33 -19.36 -9.60
CA GLU A 353 -31.89 -19.55 -9.71
C GLU A 353 -31.46 -19.13 -11.11
N ILE A 354 -30.42 -18.33 -11.17
CA ILE A 354 -29.68 -18.13 -12.42
C ILE A 354 -28.29 -18.66 -12.15
N SER A 355 -28.01 -19.89 -12.58
CA SER A 355 -26.72 -20.50 -12.36
C SER A 355 -25.72 -20.00 -13.39
N VAL A 356 -24.42 -20.18 -13.08
CA VAL A 356 -23.41 -19.73 -14.03
C VAL A 356 -23.34 -20.68 -15.21
N ASP A 357 -23.74 -21.94 -15.00
CA ASP A 357 -23.87 -22.85 -16.13
C ASP A 357 -24.86 -22.32 -17.16
N GLU A 358 -26.01 -21.80 -16.69
CA GLU A 358 -27.01 -21.24 -17.59
C GLU A 358 -26.48 -20.03 -18.36
N VAL A 359 -25.87 -19.08 -17.66
CA VAL A 359 -25.29 -17.92 -18.33
C VAL A 359 -24.19 -18.36 -19.29
N ALA A 360 -23.42 -19.38 -18.90
CA ALA A 360 -22.39 -19.89 -19.79
C ALA A 360 -22.99 -20.59 -21.00
N GLU A 361 -24.08 -21.36 -20.80
CA GLU A 361 -24.77 -21.95 -21.94
C GLU A 361 -25.30 -20.85 -22.86
N MET A 362 -25.96 -19.87 -22.28
CA MET A 362 -26.55 -18.79 -23.07
C MET A 362 -25.49 -18.00 -23.83
N LEU A 363 -24.25 -17.92 -23.31
CA LEU A 363 -23.15 -17.24 -23.99
C LEU A 363 -22.24 -18.17 -24.81
N ASN A 364 -22.60 -19.45 -24.93
CA ASN A 364 -21.83 -20.43 -25.71
C ASN A 364 -20.41 -20.55 -25.19
N THR A 365 -20.27 -20.57 -23.87
CA THR A 365 -18.97 -20.73 -23.24
C THR A 365 -19.15 -21.73 -22.09
N ILE A 366 -18.16 -21.80 -21.21
CA ILE A 366 -18.17 -22.75 -20.11
C ILE A 366 -18.15 -21.96 -18.81
N ASN A 367 -18.63 -22.62 -17.75
CA ASN A 367 -18.69 -21.94 -16.46
C ASN A 367 -17.33 -21.40 -16.03
N TYR A 368 -16.24 -22.11 -16.36
CA TYR A 368 -14.89 -21.61 -16.06
C TYR A 368 -14.70 -20.15 -16.48
N GLU A 369 -15.16 -19.77 -17.67
CA GLU A 369 -14.92 -18.41 -18.15
C GLU A 369 -15.81 -17.41 -17.47
N VAL A 370 -17.02 -17.82 -17.10
CA VAL A 370 -17.97 -16.87 -16.57
C VAL A 370 -17.48 -16.35 -15.23
N VAL A 371 -16.92 -17.23 -14.39
CA VAL A 371 -16.46 -16.86 -13.05
C VAL A 371 -15.05 -16.28 -13.05
N SER A 372 -14.15 -16.73 -13.92
CA SER A 372 -12.79 -16.23 -13.77
C SER A 372 -12.58 -14.89 -14.49
N THR A 373 -13.58 -14.40 -15.22
CA THR A 373 -13.49 -13.06 -15.79
C THR A 373 -14.25 -12.05 -14.95
N LEU A 374 -14.66 -12.41 -13.73
CA LEU A 374 -15.29 -11.49 -12.83
C LEU A 374 -14.25 -10.50 -12.33
N SER A 375 -14.44 -9.23 -12.66
CA SER A 375 -13.44 -8.19 -12.42
C SER A 375 -13.06 -8.10 -10.95
N ARG A 376 -11.81 -7.74 -10.70
CA ARG A 376 -11.36 -7.55 -9.33
C ARG A 376 -11.84 -6.23 -8.73
N ARG A 377 -12.47 -5.33 -9.50
CA ARG A 377 -13.09 -4.18 -8.86
C ARG A 377 -14.42 -4.54 -8.19
N ILE A 378 -14.87 -5.77 -8.32
CA ILE A 378 -16.03 -6.27 -7.58
C ILE A 378 -15.50 -6.83 -6.26
N PRO A 379 -15.88 -6.27 -5.12
CA PRO A 379 -15.44 -6.83 -3.84
C PRO A 379 -16.04 -8.22 -3.59
N ARG A 380 -15.21 -9.10 -3.04
CA ARG A 380 -15.58 -10.47 -2.69
C ARG A 380 -15.82 -10.56 -1.18
N PHE A 381 -17.00 -11.08 -0.80
CA PHE A 381 -17.34 -11.35 0.58
C PHE A 381 -17.40 -12.86 0.81
N TYR A 382 -16.85 -13.32 1.92
CA TYR A 382 -16.79 -14.75 2.20
C TYR A 382 -17.77 -15.08 3.31
N ILE A 383 -18.58 -16.10 3.07
CA ILE A 383 -19.45 -16.69 4.07
C ILE A 383 -18.78 -17.98 4.51
N ARG A 384 -18.56 -18.10 5.82
CA ARG A 384 -18.07 -19.31 6.45
C ARG A 384 -18.88 -19.52 7.72
N ASP A 385 -19.49 -20.69 7.86
CA ASP A 385 -20.33 -21.01 9.01
C ASP A 385 -21.50 -20.04 9.15
N GLY A 386 -22.15 -19.73 8.02
CA GLY A 386 -23.26 -18.80 7.99
C GLY A 386 -22.92 -17.32 8.00
N GLU A 387 -21.71 -16.93 8.41
CA GLU A 387 -21.38 -15.52 8.66
C GLU A 387 -20.41 -14.92 7.64
N ILE A 388 -20.65 -13.65 7.28
CA ILE A 388 -19.86 -12.91 6.30
C ILE A 388 -18.60 -12.32 6.94
N PHE A 389 -17.49 -12.33 6.19
CA PHE A 389 -16.30 -11.57 6.52
C PHE A 389 -15.56 -11.19 5.22
N LYS A 390 -14.42 -10.51 5.37
CA LYS A 390 -13.59 -10.13 4.23
C LYS A 390 -12.10 -10.21 4.61
N MET B 5 15.37 -6.01 -21.71
CA MET B 5 14.07 -5.33 -21.78
C MET B 5 13.23 -5.64 -20.51
N ILE B 6 12.04 -6.21 -20.71
CA ILE B 6 11.05 -6.41 -19.65
C ILE B 6 11.20 -7.81 -19.08
N LYS B 7 11.23 -7.94 -17.76
CA LYS B 7 11.50 -9.20 -17.08
C LYS B 7 10.28 -9.59 -16.25
N LEU B 8 9.59 -10.62 -16.69
CA LEU B 8 8.39 -11.12 -16.03
C LEU B 8 8.52 -12.63 -15.85
N CYS B 9 8.01 -13.14 -14.74
CA CYS B 9 7.87 -14.59 -14.59
C CYS B 9 6.89 -15.12 -15.62
N ARG B 10 5.72 -14.48 -15.73
CA ARG B 10 4.71 -14.85 -16.70
C ARG B 10 4.73 -13.78 -17.77
N GLU B 11 5.08 -14.19 -18.98
CA GLU B 11 5.59 -13.23 -19.95
C GLU B 11 4.48 -12.74 -20.87
N VAL B 12 3.51 -12.07 -20.23
CA VAL B 12 2.45 -11.33 -20.91
C VAL B 12 2.36 -9.95 -20.24
N TRP B 13 2.01 -8.95 -21.03
CA TRP B 13 1.99 -7.60 -20.49
C TRP B 13 1.25 -6.70 -21.47
N ILE B 14 0.91 -5.51 -20.98
CA ILE B 14 0.25 -4.47 -21.74
C ILE B 14 1.20 -3.30 -21.83
N GLU B 15 1.26 -2.68 -22.99
CA GLU B 15 1.98 -1.42 -23.16
C GLU B 15 0.98 -0.32 -23.49
N VAL B 16 1.00 0.74 -22.70
CA VAL B 16 0.15 1.90 -22.91
C VAL B 16 1.03 3.06 -23.31
N ASN B 17 0.79 3.59 -24.51
CA ASN B 17 1.62 4.67 -25.06
C ASN B 17 1.01 6.01 -24.60
N LEU B 18 1.64 6.64 -23.62
CA LEU B 18 1.15 7.92 -23.16
C LEU B 18 1.41 9.03 -24.19
N ASP B 19 2.49 8.93 -24.97
CA ASP B 19 2.65 9.89 -26.06
C ASP B 19 1.44 9.89 -26.98
N ALA B 20 0.81 8.73 -27.19
CA ALA B 20 -0.44 8.69 -27.95
C ALA B 20 -1.60 9.30 -27.19
N VAL B 21 -1.65 9.14 -25.86
CA VAL B 21 -2.71 9.79 -25.07
C VAL B 21 -2.56 11.32 -25.17
N LYS B 22 -1.31 11.81 -25.10
CA LYS B 22 -1.05 13.23 -25.30
C LYS B 22 -1.58 13.70 -26.63
N LYS B 23 -1.28 12.96 -27.70
CA LYS B 23 -1.68 13.38 -29.04
C LYS B 23 -3.19 13.41 -29.18
N ASN B 24 -3.87 12.39 -28.64
CA ASN B 24 -5.33 12.37 -28.72
C ASN B 24 -5.94 13.54 -27.98
N LEU B 25 -5.31 13.99 -26.90
CA LEU B 25 -5.78 15.16 -26.17
C LEU B 25 -5.63 16.42 -26.99
N ARG B 26 -4.45 16.61 -27.60
CA ARG B 26 -4.24 17.76 -28.47
C ARG B 26 -5.22 17.76 -29.64
N ALA B 27 -5.38 16.60 -30.30
CA ALA B 27 -6.32 16.52 -31.41
C ALA B 27 -7.71 16.96 -30.98
N ILE B 28 -8.14 16.54 -29.78
CA ILE B 28 -9.45 16.95 -29.31
C ILE B 28 -9.45 18.42 -28.92
N ARG B 29 -8.35 18.89 -28.33
CA ARG B 29 -8.28 20.29 -27.91
C ARG B 29 -8.43 21.25 -29.10
N ARG B 30 -7.76 20.98 -30.23
CA ARG B 30 -7.88 21.88 -31.37
C ARG B 30 -9.26 21.83 -32.01
N HIS B 31 -10.03 20.77 -31.76
CA HIS B 31 -11.28 20.57 -32.47
C HIS B 31 -12.48 21.20 -31.76
N ILE B 32 -12.37 21.50 -30.48
CA ILE B 32 -13.53 21.98 -29.71
C ILE B 32 -13.31 23.44 -29.34
N PRO B 33 -14.36 24.22 -29.02
CA PRO B 33 -14.17 25.62 -28.65
C PRO B 33 -13.20 25.79 -27.50
N HIS B 34 -12.46 26.91 -27.53
CA HIS B 34 -11.47 27.20 -26.50
C HIS B 34 -12.10 27.37 -25.12
N LYS B 35 -13.37 27.82 -25.06
CA LYS B 35 -14.03 28.01 -23.77
C LYS B 35 -14.17 26.71 -22.98
N SER B 36 -14.22 25.57 -23.66
CA SER B 36 -14.67 24.31 -23.06
C SER B 36 -13.51 23.52 -22.47
N LYS B 37 -13.68 23.09 -21.22
CA LYS B 37 -12.71 22.25 -20.53
C LYS B 37 -12.86 20.78 -20.97
N ILE B 38 -11.85 19.98 -20.67
CA ILE B 38 -11.86 18.55 -21.00
C ILE B 38 -11.82 17.75 -19.72
N MET B 39 -12.83 16.92 -19.50
CA MET B 39 -12.84 15.97 -18.40
C MET B 39 -12.52 14.59 -18.95
N ALA B 40 -11.44 14.00 -18.45
CA ALA B 40 -10.96 12.73 -18.95
C ALA B 40 -11.62 11.60 -18.17
N VAL B 41 -12.22 10.66 -18.87
CA VAL B 41 -12.96 9.58 -18.24
C VAL B 41 -12.02 8.38 -18.08
N VAL B 42 -11.72 8.02 -16.83
CA VAL B 42 -10.80 6.94 -16.58
C VAL B 42 -11.44 5.86 -15.73
N1 LLP B 43 -20.14 10.15 -20.21
C2 LLP B 43 -20.70 9.17 -19.51
C2' LLP B 43 -22.04 9.43 -18.77
C3 LLP B 43 -20.08 7.92 -19.45
O3 LLP B 43 -20.64 6.85 -18.72
C4 LLP B 43 -18.88 7.74 -20.15
C4' LLP B 43 -18.18 6.38 -20.12
C5 LLP B 43 -18.35 8.81 -20.89
C6 LLP B 43 -19.01 10.03 -20.90
C5' LLP B 43 -17.06 8.67 -21.69
OP4 LLP B 43 -17.49 8.78 -23.03
P LLP B 43 -17.05 7.77 -24.26
OP1 LLP B 43 -16.13 6.64 -23.85
OP2 LLP B 43 -16.30 8.69 -25.16
OP3 LLP B 43 -18.28 7.22 -24.94
N LLP B 43 -12.77 5.80 -15.74
CA LLP B 43 -13.51 4.75 -15.05
CB LLP B 43 -14.99 4.94 -15.26
CG LLP B 43 -15.44 4.59 -16.68
CD LLP B 43 -16.81 5.17 -16.98
CE LLP B 43 -17.32 4.66 -18.29
NZ LLP B 43 -18.26 5.65 -18.90
C LLP B 43 -13.06 3.39 -15.57
O LLP B 43 -12.42 3.28 -16.63
N ALA B 44 -13.40 2.35 -14.80
CA ALA B 44 -13.06 0.97 -15.15
C ALA B 44 -11.55 0.80 -15.40
N ASN B 45 -10.77 1.22 -14.43
CA ASN B 45 -9.31 1.11 -14.50
C ASN B 45 -8.80 1.75 -15.78
N GLY B 46 -9.30 2.95 -16.07
CA GLY B 46 -8.87 3.66 -17.26
C GLY B 46 -9.18 2.89 -18.53
N TYR B 47 -10.41 2.36 -18.62
CA TYR B 47 -10.83 1.51 -19.74
C TYR B 47 -9.83 0.36 -19.94
N GLY B 48 -9.34 -0.20 -18.83
CA GLY B 48 -8.37 -1.27 -18.88
C GLY B 48 -6.93 -0.85 -19.11
N HIS B 49 -6.68 0.46 -19.28
CA HIS B 49 -5.33 0.96 -19.53
C HIS B 49 -4.57 1.29 -18.26
N GLY B 50 -5.22 1.19 -17.09
CA GLY B 50 -4.64 1.70 -15.87
C GLY B 50 -5.11 3.13 -15.59
N SER B 51 -5.92 3.32 -14.55
CA SER B 51 -6.51 4.62 -14.29
C SER B 51 -5.47 5.66 -13.89
N ILE B 52 -4.47 5.26 -13.10
CA ILE B 52 -3.59 6.23 -12.44
C ILE B 52 -2.70 6.93 -13.45
N GLU B 53 -1.89 6.16 -14.19
CA GLU B 53 -0.96 6.79 -15.13
C GLU B 53 -1.68 7.51 -16.27
N VAL B 54 -2.83 7.01 -16.72
CA VAL B 54 -3.54 7.76 -17.75
C VAL B 54 -4.08 9.08 -17.17
N ALA B 55 -4.66 9.06 -15.97
CA ALA B 55 -5.16 10.31 -15.39
C ALA B 55 -4.03 11.31 -15.18
N ARG B 56 -2.90 10.87 -14.61
CA ARG B 56 -1.77 11.76 -14.38
C ARG B 56 -1.35 12.45 -15.67
N HIS B 57 -1.30 11.69 -16.75
CA HIS B 57 -0.88 12.23 -18.03
C HIS B 57 -1.94 13.15 -18.62
N ALA B 58 -3.22 12.72 -18.57
CA ALA B 58 -4.31 13.58 -19.06
C ALA B 58 -4.30 14.95 -18.38
N LEU B 59 -4.14 14.98 -17.06
CA LEU B 59 -4.15 16.26 -16.35
C LEU B 59 -2.93 17.09 -16.70
N GLU B 60 -1.86 16.43 -17.11
CA GLU B 60 -0.64 17.14 -17.48
C GLU B 60 -0.76 17.80 -18.86
N HIS B 61 -1.74 17.38 -19.67
CA HIS B 61 -1.71 17.72 -21.08
C HIS B 61 -3.05 18.15 -21.62
N GLY B 62 -3.86 18.84 -20.82
CA GLY B 62 -5.09 19.38 -21.36
C GLY B 62 -6.39 19.04 -20.65
N ALA B 63 -6.41 18.00 -19.82
CA ALA B 63 -7.60 17.65 -19.07
C ALA B 63 -7.62 18.44 -17.77
N SER B 64 -8.79 18.92 -17.38
CA SER B 64 -8.93 19.63 -16.12
C SER B 64 -9.59 18.81 -15.02
N GLU B 65 -10.44 17.85 -15.39
CA GLU B 65 -11.16 17.06 -14.41
C GLU B 65 -11.20 15.62 -14.86
N LEU B 66 -11.60 14.75 -13.93
CA LEU B 66 -11.63 13.32 -14.15
C LEU B 66 -13.04 12.79 -13.90
N ALA B 67 -13.34 11.64 -14.50
CA ALA B 67 -14.60 10.96 -14.25
C ALA B 67 -14.34 9.46 -14.03
N VAL B 68 -15.03 8.89 -13.06
CA VAL B 68 -14.89 7.48 -12.71
C VAL B 68 -16.28 6.88 -12.56
N ALA B 69 -16.29 5.56 -12.37
CA ALA B 69 -17.55 4.84 -12.22
C ALA B 69 -18.06 4.81 -10.78
N SER B 70 -17.19 5.03 -9.81
CA SER B 70 -17.53 4.79 -8.41
C SER B 70 -16.59 5.60 -7.54
N VAL B 71 -16.96 5.73 -6.26
CA VAL B 71 -16.12 6.42 -5.30
C VAL B 71 -14.81 5.66 -5.12
N GLU B 72 -14.89 4.32 -5.10
CA GLU B 72 -13.70 3.48 -4.99
C GLU B 72 -12.69 3.80 -6.10
N GLU B 73 -13.15 3.96 -7.34
CA GLU B 73 -12.20 4.29 -8.39
C GLU B 73 -11.61 5.68 -8.18
N GLY B 74 -12.39 6.64 -7.65
CA GLY B 74 -11.84 7.95 -7.39
C GLY B 74 -10.81 7.94 -6.26
N ILE B 75 -11.08 7.18 -5.21
CA ILE B 75 -10.13 7.10 -4.10
C ILE B 75 -8.77 6.57 -4.58
N VAL B 76 -8.76 5.65 -5.54
CA VAL B 76 -7.49 5.16 -6.07
C VAL B 76 -6.69 6.31 -6.68
N LEU B 77 -7.36 7.20 -7.39
CA LEU B 77 -6.69 8.34 -8.00
C LEU B 77 -6.17 9.30 -6.93
N ARG B 78 -7.00 9.62 -5.94
CA ARG B 78 -6.58 10.47 -4.83
C ARG B 78 -5.38 9.89 -4.08
N LYS B 79 -5.38 8.57 -3.83
CA LYS B 79 -4.25 7.94 -3.18
C LYS B 79 -2.95 8.07 -3.97
N ALA B 80 -3.05 8.26 -5.28
CA ALA B 80 -1.87 8.45 -6.12
C ALA B 80 -1.47 9.91 -6.25
N GLY B 81 -2.11 10.82 -5.51
CA GLY B 81 -1.73 12.21 -5.49
C GLY B 81 -2.59 13.14 -6.31
N ILE B 82 -3.49 12.62 -7.14
CA ILE B 82 -4.26 13.46 -8.03
C ILE B 82 -5.20 14.35 -7.23
N THR B 83 -5.11 15.67 -7.46
CA THR B 83 -5.95 16.64 -6.77
C THR B 83 -7.04 17.26 -7.65
N ALA B 84 -7.07 16.97 -8.97
CA ALA B 84 -8.10 17.52 -9.84
C ALA B 84 -9.50 17.08 -9.39
N PRO B 85 -10.55 17.76 -9.85
CA PRO B 85 -11.92 17.29 -9.55
C PRO B 85 -12.16 15.92 -10.16
N ILE B 86 -12.96 15.12 -9.46
CA ILE B 86 -13.26 13.76 -9.89
C ILE B 86 -14.76 13.56 -9.74
N LEU B 87 -15.43 13.28 -10.84
CA LEU B 87 -16.87 13.06 -10.86
C LEU B 87 -17.15 11.57 -10.90
N VAL B 88 -18.04 11.12 -10.02
CA VAL B 88 -18.58 9.76 -10.09
C VAL B 88 -19.78 9.82 -11.02
N LEU B 89 -19.70 9.06 -12.11
CA LEU B 89 -20.79 9.02 -13.09
C LEU B 89 -21.95 8.17 -12.62
N GLY B 90 -21.68 7.19 -11.77
CA GLY B 90 -22.70 6.25 -11.34
C GLY B 90 -23.41 6.73 -10.10
N PHE B 91 -24.27 5.86 -9.58
CA PHE B 91 -25.00 6.16 -8.37
C PHE B 91 -24.14 5.78 -7.16
N THR B 92 -24.04 6.70 -6.21
CA THR B 92 -23.30 6.45 -4.99
C THR B 92 -24.27 6.34 -3.83
N SER B 93 -24.18 5.22 -3.12
CA SER B 93 -24.98 5.01 -1.92
C SER B 93 -24.80 6.15 -0.92
N LEU B 94 -25.87 6.46 -0.20
CA LEU B 94 -25.80 7.40 0.91
C LEU B 94 -24.77 6.95 1.95
N SER B 95 -24.50 5.66 2.04
CA SER B 95 -23.52 5.27 3.04
C SER B 95 -22.11 5.72 2.69
N CYS B 96 -21.89 6.32 1.52
CA CYS B 96 -20.57 6.83 1.18
C CYS B 96 -20.52 8.35 1.06
N VAL B 97 -21.54 9.07 1.55
CA VAL B 97 -21.51 10.54 1.45
C VAL B 97 -20.34 11.12 2.23
N LYS B 98 -20.13 10.65 3.47
CA LYS B 98 -19.08 11.22 4.30
C LYS B 98 -17.69 10.94 3.72
N LYS B 99 -17.48 9.71 3.24
CA LYS B 99 -16.21 9.35 2.62
C LYS B 99 -15.97 10.19 1.37
N SER B 100 -17.02 10.43 0.59
CA SER B 100 -16.86 11.25 -0.61
C SER B 100 -16.49 12.67 -0.26
N ALA B 101 -17.02 13.19 0.86
CA ALA B 101 -16.65 14.53 1.28
C ALA B 101 -15.22 14.57 1.80
N ALA B 102 -14.75 13.50 2.45
CA ALA B 102 -13.40 13.47 2.99
C ALA B 102 -12.35 13.43 1.89
N TRP B 103 -12.61 12.64 0.85
CA TRP B 103 -11.68 12.52 -0.26
C TRP B 103 -11.92 13.55 -1.36
N ASN B 104 -12.89 14.46 -1.16
CA ASN B 104 -13.26 15.50 -2.11
C ASN B 104 -13.53 14.88 -3.48
N ILE B 105 -14.44 13.94 -3.47
CA ILE B 105 -14.90 13.30 -4.70
C ILE B 105 -16.25 13.91 -5.02
N THR B 106 -16.47 14.22 -6.30
CA THR B 106 -17.71 14.86 -6.73
C THR B 106 -18.66 13.74 -7.15
N LEU B 107 -19.90 13.81 -6.67
CA LEU B 107 -20.88 12.78 -6.94
C LEU B 107 -21.96 13.32 -7.85
N SER B 108 -22.51 12.46 -8.69
CA SER B 108 -23.74 12.81 -9.38
C SER B 108 -24.93 12.42 -8.52
N ALA B 109 -25.96 13.24 -8.59
CA ALA B 109 -27.20 13.03 -7.87
C ALA B 109 -28.34 13.58 -8.73
N PHE B 110 -29.55 13.13 -8.44
CA PHE B 110 -30.68 13.52 -9.27
C PHE B 110 -31.99 13.33 -8.52
N GLN B 111 -31.92 13.04 -7.22
CA GLN B 111 -33.12 12.86 -6.41
C GLN B 111 -33.16 13.90 -5.30
N VAL B 112 -34.37 14.36 -4.97
CA VAL B 112 -34.53 15.26 -3.84
C VAL B 112 -34.23 14.54 -2.52
N ASP B 113 -34.74 13.32 -2.35
CA ASP B 113 -34.51 12.60 -1.09
C ASP B 113 -33.02 12.39 -0.86
N TRP B 114 -32.28 12.09 -1.92
CA TRP B 114 -30.86 11.84 -1.81
C TRP B 114 -30.11 13.11 -1.40
N MET B 115 -30.38 14.24 -2.09
CA MET B 115 -29.84 15.55 -1.69
C MET B 115 -30.08 15.84 -0.22
N LYS B 116 -31.34 15.78 0.21
CA LYS B 116 -31.67 16.12 1.58
C LYS B 116 -30.98 15.18 2.55
N GLU B 117 -31.02 13.88 2.27
CA GLU B 117 -30.33 12.91 3.11
C GLU B 117 -28.83 13.12 3.09
N ALA B 118 -28.24 13.36 1.91
CA ALA B 118 -26.80 13.60 1.86
C ALA B 118 -26.42 14.83 2.66
N ASN B 119 -27.23 15.88 2.56
CA ASN B 119 -26.94 17.12 3.26
C ASN B 119 -26.98 16.92 4.77
N GLU B 120 -28.01 16.27 5.28
CA GLU B 120 -28.10 16.14 6.73
C GLU B 120 -27.03 15.19 7.27
N ILE B 121 -26.58 14.23 6.47
CA ILE B 121 -25.46 13.39 6.89
C ILE B 121 -24.22 14.25 7.17
N LEU B 122 -23.89 15.16 6.24
CA LEU B 122 -22.74 16.05 6.46
C LEU B 122 -23.06 17.11 7.50
N GLU B 123 -24.33 17.50 7.60
CA GLU B 123 -24.77 18.39 8.66
C GLU B 123 -24.52 17.75 10.03
N LYS B 124 -25.10 16.57 10.25
CA LYS B 124 -24.95 15.85 11.51
C LYS B 124 -23.49 15.60 11.89
N GLU B 125 -22.55 15.79 10.96
CA GLU B 125 -21.13 15.57 11.23
C GLU B 125 -20.34 16.86 11.30
N ALA B 126 -21.02 18.02 11.27
CA ALA B 126 -20.37 19.33 11.33
C ALA B 126 -19.20 19.37 10.35
N SER B 127 -19.50 18.94 9.13
CA SER B 127 -18.46 18.72 8.15
C SER B 127 -17.97 20.04 7.61
N ALA B 128 -16.65 20.18 7.47
CA ALA B 128 -16.08 21.36 6.82
C ALA B 128 -16.10 21.26 5.32
N ASN B 129 -15.97 20.06 4.77
CA ASN B 129 -15.99 19.91 3.31
C ASN B 129 -17.44 19.93 2.82
N ARG B 130 -17.72 20.85 1.92
CA ARG B 130 -18.96 20.81 1.17
C ARG B 130 -18.82 19.80 0.02
N LEU B 131 -19.78 18.88 -0.08
CA LEU B 131 -19.76 17.82 -1.09
C LEU B 131 -20.16 18.37 -2.47
N ALA B 132 -19.23 18.33 -3.42
CA ALA B 132 -19.54 18.78 -4.77
C ALA B 132 -20.51 17.81 -5.46
N ILE B 133 -21.52 18.37 -6.11
CA ILE B 133 -22.58 17.60 -6.76
C ILE B 133 -22.71 18.07 -8.22
N HIS B 134 -22.84 17.11 -9.14
CA HIS B 134 -23.32 17.36 -10.50
C HIS B 134 -24.67 16.71 -10.64
N ILE B 135 -25.64 17.42 -11.22
CA ILE B 135 -26.97 16.87 -11.46
C ILE B 135 -26.98 16.19 -12.82
N ASN B 136 -27.50 14.96 -12.85
CA ASN B 136 -27.62 14.16 -14.06
C ASN B 136 -29.02 14.36 -14.61
N VAL B 137 -29.11 14.87 -15.83
CA VAL B 137 -30.42 15.01 -16.48
C VAL B 137 -30.52 13.92 -17.53
N ASP B 138 -31.55 13.09 -17.41
CA ASP B 138 -31.81 12.00 -18.35
C ASP B 138 -32.70 12.52 -19.47
N THR B 139 -32.10 12.75 -20.65
CA THR B 139 -32.82 13.25 -21.81
C THR B 139 -33.06 12.18 -22.87
N GLY B 140 -32.70 10.93 -22.58
CA GLY B 140 -33.03 9.83 -23.47
C GLY B 140 -32.15 8.61 -23.30
N MET B 141 -31.21 8.68 -22.37
CA MET B 141 -30.41 7.49 -22.07
C MET B 141 -31.16 6.51 -21.17
N GLY B 142 -32.16 6.97 -20.42
CA GLY B 142 -32.97 6.06 -19.63
C GLY B 142 -32.22 5.30 -18.56
N ARG B 143 -31.03 5.76 -18.19
CA ARG B 143 -30.20 5.04 -17.24
C ARG B 143 -30.34 5.64 -15.84
N LEU B 144 -29.73 6.79 -15.61
CA LEU B 144 -29.87 7.51 -14.36
C LEU B 144 -30.32 8.93 -14.67
N GLY B 145 -30.81 9.63 -13.65
CA GLY B 145 -30.94 11.06 -13.82
C GLY B 145 -32.40 11.50 -13.92
N VAL B 146 -32.60 12.79 -13.66
CA VAL B 146 -33.93 13.37 -13.57
C VAL B 146 -34.45 13.61 -14.99
N ARG B 147 -35.76 13.46 -15.18
CA ARG B 147 -36.32 13.34 -16.52
C ARG B 147 -37.26 14.47 -16.95
N THR B 148 -37.81 15.27 -16.03
CA THR B 148 -38.69 16.37 -16.40
C THR B 148 -38.20 17.68 -15.82
N LYS B 149 -38.66 18.79 -16.41
CA LYS B 149 -38.20 20.11 -15.97
C LYS B 149 -38.71 20.43 -14.56
N GLU B 150 -39.90 19.98 -14.22
CA GLU B 150 -40.43 20.22 -12.88
C GLU B 150 -39.58 19.50 -11.84
N GLU B 151 -39.31 18.22 -12.06
CA GLU B 151 -38.51 17.45 -11.12
C GLU B 151 -37.11 18.03 -10.99
N LEU B 152 -36.49 18.38 -12.12
CA LEU B 152 -35.17 19.00 -12.10
C LEU B 152 -35.17 20.29 -11.28
N LEU B 153 -36.20 21.14 -11.45
CA LEU B 153 -36.29 22.37 -10.65
C LEU B 153 -36.33 22.06 -9.17
N GLU B 154 -37.13 21.06 -8.79
CA GLU B 154 -37.19 20.67 -7.38
C GLU B 154 -35.84 20.19 -6.90
N VAL B 155 -35.10 19.48 -7.77
CA VAL B 155 -33.78 18.97 -7.38
C VAL B 155 -32.79 20.11 -7.24
N VAL B 156 -32.79 21.05 -8.19
CA VAL B 156 -31.97 22.23 -8.05
C VAL B 156 -32.31 22.97 -6.76
N LYS B 157 -33.60 23.11 -6.44
CA LYS B 157 -33.99 23.82 -5.23
C LYS B 157 -33.47 23.12 -3.99
N ALA B 158 -33.61 21.79 -3.93
CA ALA B 158 -33.11 21.04 -2.78
C ALA B 158 -31.60 21.13 -2.68
N LEU B 159 -30.92 21.07 -3.81
CA LEU B 159 -29.47 21.28 -3.81
C LEU B 159 -29.13 22.67 -3.27
N LYS B 160 -29.75 23.71 -3.83
CA LYS B 160 -29.43 25.08 -3.42
C LYS B 160 -29.79 25.30 -1.95
N ALA B 161 -30.84 24.66 -1.45
CA ALA B 161 -31.20 24.82 -0.04
C ALA B 161 -30.33 23.98 0.89
N SER B 162 -29.26 23.36 0.39
CA SER B 162 -28.42 22.43 1.16
C SER B 162 -27.04 23.05 1.38
N LYS B 163 -26.80 23.57 2.58
CA LYS B 163 -25.59 24.33 2.87
C LYS B 163 -24.31 23.47 2.78
N PHE B 164 -24.43 22.15 2.88
CA PHE B 164 -23.26 21.29 2.91
C PHE B 164 -22.99 20.63 1.57
N LEU B 165 -23.84 20.88 0.59
CA LEU B 165 -23.59 20.50 -0.79
C LEU B 165 -23.19 21.73 -1.57
N ARG B 166 -22.53 21.51 -2.70
CA ARG B 166 -22.09 22.56 -3.59
C ARG B 166 -22.44 22.11 -5.00
N TRP B 167 -23.18 22.94 -5.73
CA TRP B 167 -23.56 22.60 -7.10
C TRP B 167 -22.43 23.00 -8.04
N THR B 168 -21.73 22.01 -8.61
CA THR B 168 -20.63 22.33 -9.51
C THR B 168 -20.84 21.84 -10.95
N GLY B 169 -21.98 21.24 -11.28
CA GLY B 169 -22.19 20.78 -12.65
C GLY B 169 -23.58 20.27 -12.90
N ILE B 170 -23.96 20.30 -14.17
CA ILE B 170 -25.20 19.68 -14.64
C ILE B 170 -24.88 19.03 -15.98
N PHE B 171 -25.41 17.83 -16.19
CA PHE B 171 -25.01 17.12 -17.39
C PHE B 171 -26.08 16.16 -17.85
N THR B 172 -25.88 15.68 -19.07
CA THR B 172 -26.72 14.66 -19.67
C THR B 172 -25.83 13.81 -20.55
N HIS B 173 -26.33 12.63 -20.93
CA HIS B 173 -25.59 11.69 -21.74
C HIS B 173 -26.35 11.40 -23.03
N PHE B 174 -25.61 11.36 -24.14
CA PHE B 174 -26.20 11.09 -25.45
C PHE B 174 -26.31 9.59 -25.69
N SER B 175 -27.54 9.12 -25.95
CA SER B 175 -27.83 7.70 -26.17
C SER B 175 -27.20 7.16 -27.46
N THR B 176 -27.10 8.01 -28.51
CA THR B 176 -26.75 7.49 -29.83
C THR B 176 -25.92 8.47 -30.65
N ALA B 177 -25.13 9.33 -30.01
CA ALA B 177 -24.34 10.30 -30.76
C ALA B 177 -23.25 9.67 -31.61
N ASP B 178 -23.12 8.34 -31.63
CA ASP B 178 -22.10 7.66 -32.42
C ASP B 178 -22.68 7.04 -33.71
N GLU B 179 -23.92 7.35 -34.04
CA GLU B 179 -24.67 6.75 -35.13
C GLU B 179 -24.95 7.76 -36.24
N PRO B 180 -25.12 7.31 -37.49
CA PRO B 180 -25.42 8.25 -38.58
C PRO B 180 -26.72 9.01 -38.37
N ASP B 181 -27.71 8.39 -37.72
CA ASP B 181 -29.00 9.04 -37.50
C ASP B 181 -28.86 9.96 -36.28
N THR B 182 -28.81 11.27 -36.51
CA THR B 182 -28.65 12.24 -35.44
C THR B 182 -29.98 12.67 -34.83
N THR B 183 -31.07 12.02 -35.20
CA THR B 183 -32.41 12.43 -34.76
C THR B 183 -32.50 12.50 -33.24
N LEU B 184 -32.13 11.42 -32.54
CA LEU B 184 -32.24 11.42 -31.08
C LEU B 184 -31.19 12.33 -30.44
N THR B 185 -29.98 12.40 -31.00
CA THR B 185 -29.00 13.31 -30.43
C THR B 185 -29.49 14.75 -30.47
N LYS B 186 -30.07 15.17 -31.60
CA LYS B 186 -30.61 16.53 -31.68
C LYS B 186 -31.75 16.72 -30.67
N LEU B 187 -32.60 15.70 -30.54
CA LEU B 187 -33.73 15.78 -29.62
C LEU B 187 -33.26 15.94 -28.18
N GLN B 188 -32.27 15.14 -27.76
CA GLN B 188 -31.79 15.21 -26.38
C GLN B 188 -31.18 16.57 -26.08
N HIS B 189 -30.31 17.05 -26.96
CA HIS B 189 -29.75 18.39 -26.86
C HIS B 189 -30.84 19.43 -26.69
N GLU B 190 -31.86 19.38 -27.56
CA GLU B 190 -32.97 20.33 -27.48
C GLU B 190 -33.66 20.27 -26.13
N LYS B 191 -33.94 19.07 -25.63
CA LYS B 191 -34.49 18.92 -24.30
C LYS B 191 -33.54 19.50 -23.26
N PHE B 192 -32.26 19.11 -23.31
CA PHE B 192 -31.30 19.58 -22.34
C PHE B 192 -31.21 21.11 -22.33
N ILE B 193 -31.16 21.73 -23.51
CA ILE B 193 -31.06 23.19 -23.58
C ILE B 193 -32.31 23.83 -22.99
N SER B 194 -33.48 23.31 -23.36
CA SER B 194 -34.73 23.86 -22.85
C SER B 194 -34.82 23.76 -21.33
N PHE B 195 -34.24 22.72 -20.73
CA PHE B 195 -34.27 22.61 -19.27
C PHE B 195 -33.34 23.63 -18.62
N LEU B 196 -32.12 23.78 -19.14
CA LEU B 196 -31.20 24.78 -18.62
C LEU B 196 -31.78 26.19 -18.79
N SER B 197 -32.40 26.46 -19.95
CA SER B 197 -33.00 27.77 -20.17
C SER B 197 -34.30 27.92 -19.38
N PHE B 198 -35.02 26.82 -19.14
CA PHE B 198 -36.09 26.87 -18.15
C PHE B 198 -35.54 27.30 -16.80
N LEU B 199 -34.38 26.77 -16.43
CA LEU B 199 -33.79 27.13 -15.15
C LEU B 199 -33.34 28.58 -15.14
N LYS B 200 -32.68 29.02 -16.21
CA LYS B 200 -32.18 30.41 -16.28
C LYS B 200 -33.32 31.41 -16.23
N LYS B 201 -34.46 31.08 -16.85
CA LYS B 201 -35.66 31.89 -16.79
C LYS B 201 -36.25 31.93 -15.39
N GLN B 202 -35.72 31.14 -14.46
CA GLN B 202 -36.13 31.15 -13.06
C GLN B 202 -35.12 31.85 -12.17
N GLY B 203 -34.21 32.62 -12.74
CA GLY B 203 -33.19 33.29 -11.96
C GLY B 203 -32.15 32.39 -11.36
N ILE B 204 -31.89 31.24 -11.99
CA ILE B 204 -30.87 30.30 -11.54
C ILE B 204 -29.67 30.41 -12.45
N GLU B 205 -28.49 30.57 -11.86
CA GLU B 205 -27.25 30.57 -12.62
C GLU B 205 -26.67 29.16 -12.64
N LEU B 206 -26.22 28.77 -13.79
CA LEU B 206 -25.80 27.42 -14.07
C LEU B 206 -24.33 27.24 -13.71
N PRO B 207 -23.95 26.07 -13.18
CA PRO B 207 -22.52 25.74 -13.11
C PRO B 207 -22.07 25.12 -14.43
N THR B 208 -20.92 24.47 -14.42
CA THR B 208 -20.38 23.79 -15.60
C THR B 208 -21.42 22.86 -16.22
N VAL B 209 -21.80 23.17 -17.46
CA VAL B 209 -22.72 22.35 -18.24
C VAL B 209 -21.87 21.46 -19.14
N HIS B 210 -22.10 20.15 -19.08
CA HIS B 210 -21.39 19.25 -19.98
C HIS B 210 -22.33 18.17 -20.49
N MET B 211 -22.07 17.69 -21.70
CA MET B 211 -23.00 16.76 -22.31
C MET B 211 -22.31 15.83 -23.31
N CYS B 212 -21.15 16.22 -23.83
CA CYS B 212 -20.52 15.47 -24.90
C CYS B 212 -19.69 14.30 -24.38
N ASN B 213 -19.83 13.15 -25.04
CA ASN B 213 -18.85 12.08 -24.94
C ASN B 213 -17.89 12.24 -26.12
N THR B 214 -17.00 11.27 -26.35
CA THR B 214 -16.10 11.31 -27.50
C THR B 214 -16.90 11.52 -28.79
N ALA B 215 -17.98 10.75 -28.96
CA ALA B 215 -18.73 10.82 -30.21
C ALA B 215 -19.28 12.21 -30.45
N ALA B 216 -19.97 12.78 -29.46
CA ALA B 216 -20.57 14.10 -29.62
C ALA B 216 -19.55 15.23 -29.57
N ALA B 217 -18.40 15.02 -28.94
CA ALA B 217 -17.35 16.03 -29.02
C ALA B 217 -16.75 16.06 -30.40
N ILE B 218 -16.72 14.91 -31.07
CA ILE B 218 -16.20 14.86 -32.42
C ILE B 218 -17.23 15.39 -33.40
N ALA B 219 -18.45 14.83 -33.34
CA ALA B 219 -19.46 15.10 -34.36
C ALA B 219 -20.21 16.40 -34.13
N PHE B 220 -20.40 16.81 -32.88
CA PHE B 220 -21.18 18.01 -32.55
C PHE B 220 -20.37 18.91 -31.62
N PRO B 221 -19.20 19.40 -32.05
CA PRO B 221 -18.36 20.21 -31.15
C PRO B 221 -19.03 21.50 -30.70
N GLU B 222 -20.10 21.92 -31.37
CA GLU B 222 -20.86 23.08 -30.92
C GLU B 222 -21.67 22.75 -29.68
N PHE B 223 -21.77 21.48 -29.32
CA PHE B 223 -22.41 21.03 -28.09
C PHE B 223 -21.43 21.04 -26.92
N SER B 224 -20.21 21.51 -27.13
CA SER B 224 -19.17 21.41 -26.13
C SER B 224 -19.52 22.12 -24.83
N ALA B 225 -20.33 23.20 -24.92
CA ALA B 225 -20.77 23.96 -23.74
C ALA B 225 -19.54 24.27 -22.88
N ASP B 226 -19.55 23.98 -21.58
CA ASP B 226 -18.43 24.33 -20.74
C ASP B 226 -17.36 23.25 -20.67
N MET B 227 -17.67 22.02 -21.07
CA MET B 227 -16.79 20.89 -20.78
C MET B 227 -17.29 19.68 -21.52
N ILE B 228 -16.35 18.83 -21.94
CA ILE B 228 -16.71 17.55 -22.55
C ILE B 228 -16.09 16.44 -21.73
N ARG B 229 -16.65 15.25 -21.90
CA ARG B 229 -16.20 14.05 -21.20
C ARG B 229 -15.53 13.17 -22.24
N LEU B 230 -14.20 13.17 -22.23
CA LEU B 230 -13.43 12.42 -23.20
C LEU B 230 -13.10 11.05 -22.64
N GLY B 231 -13.78 10.03 -23.15
CA GLY B 231 -13.54 8.67 -22.72
C GLY B 231 -12.75 7.88 -23.74
N ILE B 232 -13.46 7.13 -24.59
CA ILE B 232 -12.80 6.20 -25.50
C ILE B 232 -11.77 6.91 -26.39
N GLY B 233 -12.05 8.16 -26.80
CA GLY B 233 -11.12 8.87 -27.68
C GLY B 233 -9.78 9.15 -27.02
N LEU B 234 -9.78 9.41 -25.72
CA LEU B 234 -8.53 9.55 -24.97
C LEU B 234 -7.58 8.39 -25.22
N TYR B 235 -8.10 7.17 -25.25
CA TYR B 235 -7.29 5.96 -25.46
C TYR B 235 -6.99 5.69 -26.92
N GLY B 236 -7.44 6.56 -27.82
CA GLY B 236 -7.10 6.45 -29.21
C GLY B 236 -8.02 5.55 -29.98
N LEU B 237 -9.24 5.36 -29.52
CA LEU B 237 -10.18 4.44 -30.13
C LEU B 237 -11.45 5.20 -30.46
N TYR B 238 -11.99 4.92 -31.57
CA TYR B 238 -13.16 5.64 -32.04
C TYR B 238 -14.41 4.98 -31.51
N PRO B 239 -15.45 5.75 -31.20
CA PRO B 239 -16.68 5.15 -30.64
C PRO B 239 -17.44 4.29 -31.63
N SER B 240 -17.26 4.48 -32.93
CA SER B 240 -17.95 3.71 -33.95
C SER B 240 -17.17 3.87 -35.24
N ALA B 241 -17.43 2.97 -36.21
CA ALA B 241 -16.87 3.17 -37.55
C ALA B 241 -17.37 4.48 -38.13
N TYR B 242 -18.62 4.84 -37.83
CA TYR B 242 -19.18 6.08 -38.34
C TYR B 242 -18.36 7.29 -37.89
N ILE B 243 -18.05 7.39 -36.60
CA ILE B 243 -17.30 8.54 -36.11
C ILE B 243 -15.87 8.54 -36.67
N LYS B 244 -15.28 7.35 -36.85
CA LYS B 244 -13.98 7.29 -37.50
C LYS B 244 -14.09 7.72 -38.97
N GLN B 245 -15.13 7.27 -39.67
CA GLN B 245 -15.29 7.60 -41.08
C GLN B 245 -15.46 9.11 -41.30
N LEU B 246 -16.01 9.84 -40.33
CA LEU B 246 -16.16 11.28 -40.51
C LEU B 246 -14.82 12.00 -40.59
N ASN B 247 -13.72 11.30 -40.30
CA ASN B 247 -12.36 11.82 -40.46
C ASN B 247 -12.22 13.25 -39.98
N LEU B 248 -12.82 13.57 -38.84
CA LEU B 248 -12.70 14.91 -38.28
C LEU B 248 -11.51 15.05 -37.36
N VAL B 249 -11.14 13.97 -36.66
CA VAL B 249 -10.10 14.01 -35.64
C VAL B 249 -9.25 12.76 -35.76
N LYS B 250 -7.95 12.92 -35.57
CA LYS B 250 -6.99 11.83 -35.74
C LYS B 250 -6.61 11.29 -34.36
N LEU B 251 -7.06 10.07 -34.07
CA LEU B 251 -6.77 9.40 -32.80
C LEU B 251 -5.73 8.30 -33.00
N GLU B 252 -4.88 8.12 -32.00
CA GLU B 252 -3.84 7.11 -32.04
C GLU B 252 -4.06 6.08 -30.94
N PRO B 253 -4.14 4.79 -31.25
CA PRO B 253 -4.43 3.78 -30.23
C PRO B 253 -3.27 3.66 -29.25
N ALA B 254 -3.59 3.68 -27.96
CA ALA B 254 -2.55 3.73 -26.94
C ALA B 254 -2.17 2.36 -26.38
N LEU B 255 -3.00 1.35 -26.53
CA LEU B 255 -2.77 0.03 -25.93
C LEU B 255 -2.27 -0.98 -26.95
N SER B 256 -1.19 -1.67 -26.60
CA SER B 256 -0.87 -2.96 -27.21
C SER B 256 -0.83 -4.04 -26.12
N LEU B 257 -1.10 -5.28 -26.53
CA LEU B 257 -1.10 -6.43 -25.64
C LEU B 257 -0.13 -7.47 -26.20
N LYS B 258 0.95 -7.73 -25.48
CA LYS B 258 2.05 -8.55 -25.96
C LYS B 258 2.33 -9.70 -25.00
N ALA B 259 3.06 -10.69 -25.51
CA ALA B 259 3.54 -11.79 -24.70
C ALA B 259 4.82 -12.35 -25.32
N ARG B 260 5.44 -13.30 -24.62
CA ARG B 260 6.56 -14.07 -25.14
C ARG B 260 6.20 -15.56 -25.18
N ILE B 261 6.48 -16.19 -26.32
CA ILE B 261 6.30 -17.63 -26.49
C ILE B 261 6.92 -18.38 -25.33
N ALA B 262 6.14 -19.24 -24.69
CA ALA B 262 6.62 -20.03 -23.57
C ALA B 262 7.28 -21.34 -24.02
N TYR B 263 6.84 -21.93 -25.12
CA TYR B 263 7.37 -23.21 -25.55
C TYR B 263 7.05 -23.39 -27.02
N VAL B 264 7.98 -23.99 -27.75
CA VAL B 264 7.85 -24.29 -29.17
C VAL B 264 8.13 -25.77 -29.33
N LYS B 265 7.27 -26.46 -30.07
CA LYS B 265 7.50 -27.89 -30.27
C LYS B 265 6.94 -28.31 -31.62
N THR B 266 7.57 -29.34 -32.18
CA THR B 266 7.11 -29.95 -33.40
C THR B 266 6.33 -31.19 -33.02
N MET B 267 5.15 -31.36 -33.61
CA MET B 267 4.20 -32.35 -33.14
C MET B 267 4.47 -33.71 -33.80
N ARG B 268 5.67 -34.25 -33.55
CA ARG B 268 6.12 -35.45 -34.24
C ARG B 268 5.47 -36.72 -33.70
N THR B 269 5.24 -36.79 -32.39
CA THR B 269 4.69 -37.96 -31.74
C THR B 269 3.18 -37.85 -31.60
N GLU B 270 2.55 -38.99 -31.43
CA GLU B 270 1.12 -39.15 -31.26
C GLU B 270 0.75 -39.22 -29.78
N PRO B 271 -0.45 -38.73 -29.40
CA PRO B 271 -1.38 -38.06 -30.31
C PRO B 271 -0.97 -36.61 -30.58
N ARG B 272 -1.50 -36.03 -31.65
CA ARG B 272 -1.14 -34.67 -32.03
C ARG B 272 -2.25 -33.69 -31.70
N THR B 273 -3.15 -34.11 -30.82
CA THR B 273 -4.22 -33.28 -30.29
C THR B 273 -3.66 -32.05 -29.58
N VAL B 274 -4.35 -30.93 -29.72
CA VAL B 274 -3.93 -29.68 -29.11
C VAL B 274 -5.09 -29.13 -28.28
N SER B 275 -4.93 -29.12 -26.96
CA SER B 275 -5.79 -28.39 -26.02
C SER B 275 -7.10 -29.11 -25.69
N TYR B 276 -7.89 -28.54 -24.77
CA TYR B 276 -9.11 -29.19 -24.29
C TYR B 276 -10.04 -29.54 -25.43
N GLY B 277 -10.70 -30.69 -25.29
CA GLY B 277 -11.67 -31.13 -26.27
C GLY B 277 -11.06 -31.72 -27.51
N ALA B 278 -9.74 -31.71 -27.63
CA ALA B 278 -9.07 -32.28 -28.80
C ALA B 278 -9.70 -31.75 -30.10
N THR B 279 -9.99 -30.45 -30.14
CA THR B 279 -10.64 -29.81 -31.29
C THR B 279 -9.65 -29.40 -32.39
N TYR B 280 -8.37 -29.64 -32.19
CA TYR B 280 -7.40 -29.32 -33.20
C TYR B 280 -6.35 -30.42 -33.17
N ILE B 281 -6.10 -31.04 -34.32
CA ILE B 281 -5.09 -32.08 -34.43
C ILE B 281 -4.02 -31.59 -35.38
N ALA B 282 -2.78 -31.61 -34.92
CA ALA B 282 -1.66 -31.07 -35.66
C ALA B 282 -1.11 -32.10 -36.63
N GLU B 283 -0.36 -31.60 -37.63
CA GLU B 283 0.38 -32.41 -38.58
C GLU B 283 1.73 -32.78 -37.99
N PRO B 284 2.29 -33.93 -38.41
CA PRO B 284 3.54 -34.41 -37.78
C PRO B 284 4.69 -33.41 -37.79
N ASN B 285 4.69 -32.45 -38.70
CA ASN B 285 5.77 -31.45 -38.76
C ASN B 285 5.24 -30.05 -38.48
N GLU B 286 4.04 -29.94 -37.93
CA GLU B 286 3.49 -28.65 -37.54
C GLU B 286 4.16 -28.15 -36.27
N VAL B 287 4.40 -26.85 -36.22
CA VAL B 287 5.05 -26.25 -35.06
C VAL B 287 3.97 -25.58 -34.23
N ILE B 288 3.88 -25.96 -32.97
CA ILE B 288 2.92 -25.39 -32.04
C ILE B 288 3.68 -24.60 -30.99
N ALA B 289 3.35 -23.32 -30.87
CA ALA B 289 3.92 -22.44 -29.87
C ALA B 289 2.86 -22.16 -28.81
N THR B 290 3.26 -22.24 -27.54
CA THR B 290 2.35 -21.98 -26.43
C THR B 290 2.58 -20.58 -25.88
N LEU B 291 1.50 -19.83 -25.70
CA LEU B 291 1.53 -18.46 -25.23
C LEU B 291 0.91 -18.33 -23.84
N PRO B 292 1.45 -17.48 -22.96
CA PRO B 292 0.89 -17.32 -21.60
C PRO B 292 -0.20 -16.25 -21.53
N ILE B 293 -1.29 -16.45 -22.26
CA ILE B 293 -2.48 -15.66 -22.09
C ILE B 293 -3.66 -16.58 -22.31
N GLY B 294 -4.76 -16.31 -21.59
CA GLY B 294 -5.95 -17.15 -21.63
C GLY B 294 -7.24 -16.37 -21.35
N TYR B 295 -8.37 -17.09 -21.22
CA TYR B 295 -9.64 -16.36 -21.09
C TYR B 295 -9.73 -15.61 -19.77
N ALA B 296 -9.04 -16.08 -18.72
CA ALA B 296 -9.07 -15.33 -17.46
C ALA B 296 -8.34 -14.00 -17.56
N ASP B 297 -7.48 -13.82 -18.56
CA ASP B 297 -6.86 -12.51 -18.78
C ASP B 297 -7.75 -11.57 -19.57
N GLY B 298 -8.83 -12.06 -20.16
CA GLY B 298 -9.71 -11.26 -20.98
C GLY B 298 -9.64 -11.60 -22.44
N TYR B 299 -8.89 -12.63 -22.80
CA TYR B 299 -8.77 -13.07 -24.19
C TYR B 299 -9.86 -14.11 -24.40
N SER B 300 -10.95 -13.70 -25.04
CA SER B 300 -12.19 -14.46 -25.02
C SER B 300 -11.97 -15.91 -25.44
N ARG B 301 -12.60 -16.82 -24.71
CA ARG B 301 -12.58 -18.22 -25.12
C ARG B 301 -13.19 -18.40 -26.50
N ALA B 302 -14.07 -17.49 -26.92
CA ALA B 302 -14.68 -17.54 -28.24
C ALA B 302 -13.66 -17.40 -29.35
N LEU B 303 -12.42 -17.00 -29.03
CA LEU B 303 -11.38 -16.93 -30.04
C LEU B 303 -10.75 -18.29 -30.34
N SER B 304 -11.23 -19.37 -29.68
CA SER B 304 -10.76 -20.73 -29.93
C SER B 304 -10.90 -21.09 -31.40
N ASN B 305 -9.79 -21.42 -32.04
CA ASN B 305 -9.78 -21.79 -33.47
C ASN B 305 -10.26 -20.66 -34.38
N ARG B 306 -10.21 -19.40 -33.93
CA ARG B 306 -10.60 -18.26 -34.77
C ARG B 306 -9.70 -17.05 -34.63
N GLY B 307 -8.99 -16.89 -33.52
CA GLY B 307 -8.19 -15.69 -33.34
C GLY B 307 -6.81 -15.82 -33.92
N PHE B 308 -6.14 -14.69 -34.03
CA PHE B 308 -4.78 -14.63 -34.52
C PHE B 308 -3.93 -13.85 -33.53
N VAL B 309 -2.63 -14.12 -33.54
CA VAL B 309 -1.65 -13.27 -32.90
C VAL B 309 -0.57 -12.98 -33.94
N LEU B 310 0.32 -12.04 -33.61
CA LEU B 310 1.38 -11.62 -34.51
C LEU B 310 2.72 -12.16 -34.00
N HIS B 311 3.38 -12.96 -34.84
CA HIS B 311 4.72 -13.47 -34.58
C HIS B 311 5.57 -13.15 -35.80
N ARG B 312 6.65 -12.39 -35.59
CA ARG B 312 7.55 -12.04 -36.69
C ARG B 312 6.79 -11.34 -37.82
N GLY B 313 5.83 -10.50 -37.44
CA GLY B 313 5.07 -9.76 -38.40
C GLY B 313 3.97 -10.53 -39.12
N LYS B 314 3.72 -11.79 -38.74
CA LYS B 314 2.69 -12.58 -39.41
C LYS B 314 1.56 -12.91 -38.46
N ARG B 315 0.33 -12.92 -38.98
CA ARG B 315 -0.78 -13.49 -38.24
C ARG B 315 -0.64 -15.00 -38.17
N VAL B 316 -0.66 -15.57 -36.96
CA VAL B 316 -0.71 -17.01 -36.82
C VAL B 316 -2.00 -17.39 -36.10
N PRO B 317 -2.66 -18.49 -36.46
CA PRO B 317 -3.97 -18.80 -35.85
C PRO B 317 -3.87 -19.45 -34.48
N VAL B 318 -4.79 -19.06 -33.60
CA VAL B 318 -5.00 -19.78 -32.35
C VAL B 318 -5.39 -21.21 -32.67
N ALA B 319 -4.71 -22.19 -32.06
CA ALA B 319 -4.94 -23.60 -32.36
C ALA B 319 -5.69 -24.24 -31.20
N GLY B 320 -6.84 -24.81 -31.48
CA GLY B 320 -7.55 -25.47 -30.42
C GLY B 320 -8.19 -24.45 -29.52
N ARG B 321 -8.66 -24.93 -28.37
CA ARG B 321 -9.43 -24.10 -27.47
C ARG B 321 -8.52 -23.22 -26.62
N VAL B 322 -8.96 -21.98 -26.42
CA VAL B 322 -8.35 -21.12 -25.41
C VAL B 322 -8.54 -21.76 -24.05
N THR B 323 -7.48 -21.79 -23.25
CA THR B 323 -7.57 -22.28 -21.87
C THR B 323 -7.41 -21.10 -20.93
N MET B 324 -7.50 -21.37 -19.63
CA MET B 324 -7.63 -20.28 -18.68
C MET B 324 -6.44 -19.33 -18.74
N ASP B 325 -5.23 -19.89 -18.88
CA ASP B 325 -3.98 -19.16 -18.73
C ASP B 325 -3.10 -19.18 -19.96
N MET B 326 -3.47 -19.96 -20.99
CA MET B 326 -2.56 -20.21 -22.11
C MET B 326 -3.38 -20.37 -23.36
N ILE B 327 -2.80 -19.95 -24.48
CA ILE B 327 -3.30 -20.34 -25.79
C ILE B 327 -2.19 -21.01 -26.54
N MET B 328 -2.59 -21.79 -27.53
CA MET B 328 -1.68 -22.44 -28.45
C MET B 328 -1.90 -21.83 -29.81
N VAL B 329 -0.81 -21.51 -30.49
CA VAL B 329 -0.89 -20.99 -31.85
C VAL B 329 -0.07 -21.90 -32.75
N SER B 330 -0.47 -21.94 -34.01
CA SER B 330 0.19 -22.76 -35.03
C SER B 330 1.16 -21.88 -35.83
N LEU B 331 2.44 -22.22 -35.78
CA LEU B 331 3.43 -21.59 -36.63
C LEU B 331 3.58 -22.29 -37.97
N GLY B 332 2.71 -23.24 -38.27
CA GLY B 332 2.75 -23.94 -39.52
C GLY B 332 3.76 -25.08 -39.53
N GLU B 333 3.70 -25.86 -40.61
CA GLU B 333 4.66 -26.93 -40.81
C GLU B 333 6.05 -26.34 -40.94
N ASN B 334 6.98 -26.84 -40.14
CA ASN B 334 8.35 -26.34 -40.06
C ASN B 334 8.39 -24.84 -39.86
N GLY B 335 7.48 -24.33 -39.03
CA GLY B 335 7.49 -22.93 -38.72
C GLY B 335 8.68 -22.53 -37.87
N GLU B 336 9.02 -21.26 -37.91
CA GLU B 336 10.19 -20.76 -37.21
C GLU B 336 9.75 -19.93 -36.01
N GLY B 337 10.06 -20.41 -34.82
CA GLY B 337 9.90 -19.63 -33.61
C GLY B 337 10.85 -20.17 -32.58
N LYS B 338 11.25 -19.31 -31.66
CA LYS B 338 12.01 -19.72 -30.50
C LYS B 338 11.26 -19.33 -29.23
N GLN B 339 11.38 -20.17 -28.23
CA GLN B 339 11.06 -19.78 -26.87
C GLN B 339 11.63 -18.40 -26.59
N GLY B 340 10.76 -17.50 -26.12
CA GLY B 340 11.15 -16.14 -25.80
C GLY B 340 10.80 -15.13 -26.85
N ASP B 341 10.36 -15.58 -28.03
CA ASP B 341 9.96 -14.66 -29.09
C ASP B 341 8.81 -13.78 -28.63
N GLU B 342 8.85 -12.52 -29.04
CA GLU B 342 7.81 -11.58 -28.69
C GLU B 342 6.64 -11.71 -29.67
N VAL B 343 5.43 -11.85 -29.14
CA VAL B 343 4.22 -11.94 -29.94
C VAL B 343 3.29 -10.79 -29.56
N VAL B 344 2.59 -10.23 -30.54
CA VAL B 344 1.66 -9.13 -30.31
C VAL B 344 0.25 -9.69 -30.43
N ILE B 345 -0.51 -9.61 -29.34
CA ILE B 345 -1.88 -10.11 -29.31
C ILE B 345 -2.85 -9.06 -29.82
N TYR B 346 -2.77 -7.86 -29.27
CA TYR B 346 -3.46 -6.69 -29.76
C TYR B 346 -2.39 -5.68 -30.11
N GLY B 347 -2.52 -5.04 -31.28
CA GLY B 347 -1.57 -4.01 -31.60
C GLY B 347 -0.76 -4.26 -32.86
N LYS B 348 0.36 -3.56 -32.97
CA LYS B 348 1.14 -3.50 -34.20
C LYS B 348 2.41 -4.32 -34.06
N GLN B 349 2.82 -4.98 -35.14
CA GLN B 349 4.11 -5.65 -35.13
C GLN B 349 4.65 -5.69 -36.55
N LYS B 350 5.90 -5.24 -36.71
CA LYS B 350 6.50 -5.03 -38.03
C LYS B 350 5.50 -4.32 -38.92
N GLY B 351 5.05 -4.97 -39.99
CA GLY B 351 4.04 -4.32 -40.82
C GLY B 351 2.62 -4.50 -40.35
N ALA B 352 2.32 -5.62 -39.69
CA ALA B 352 0.95 -6.05 -39.48
C ALA B 352 0.33 -5.39 -38.24
N GLU B 353 -0.99 -5.59 -38.09
CA GLU B 353 -1.72 -5.06 -36.95
C GLU B 353 -2.98 -5.88 -36.71
N ILE B 354 -3.19 -6.27 -35.46
CA ILE B 354 -4.48 -6.76 -34.99
C ILE B 354 -5.02 -5.66 -34.08
N SER B 355 -5.97 -4.90 -34.59
CA SER B 355 -6.53 -3.84 -33.78
C SER B 355 -7.56 -4.40 -32.80
N VAL B 356 -7.70 -3.71 -31.67
CA VAL B 356 -8.78 -4.00 -30.75
C VAL B 356 -10.13 -3.98 -31.48
N ASP B 357 -10.29 -3.09 -32.48
CA ASP B 357 -11.55 -3.00 -33.21
C ASP B 357 -11.84 -4.25 -34.02
N GLU B 358 -10.82 -4.83 -34.63
CA GLU B 358 -11.02 -6.07 -35.36
C GLU B 358 -11.40 -7.19 -34.42
N VAL B 359 -10.75 -7.26 -33.26
CA VAL B 359 -11.06 -8.30 -32.29
C VAL B 359 -12.50 -8.14 -31.82
N ALA B 360 -12.94 -6.90 -31.66
CA ALA B 360 -14.30 -6.61 -31.22
C ALA B 360 -15.34 -7.04 -32.27
N GLU B 361 -15.08 -6.78 -33.55
CA GLU B 361 -16.01 -7.28 -34.57
C GLU B 361 -16.07 -8.79 -34.55
N MET B 362 -14.89 -9.42 -34.44
CA MET B 362 -14.79 -10.87 -34.44
C MET B 362 -15.61 -11.49 -33.32
N LEU B 363 -15.79 -10.76 -32.21
CA LEU B 363 -16.57 -11.22 -31.07
C LEU B 363 -17.94 -10.59 -31.00
N ASN B 364 -18.33 -9.82 -32.01
CA ASN B 364 -19.66 -9.19 -32.04
C ASN B 364 -19.84 -8.23 -30.86
N THR B 365 -18.80 -7.46 -30.58
CA THR B 365 -18.86 -6.50 -29.50
C THR B 365 -18.16 -5.22 -29.95
N ILE B 366 -17.91 -4.33 -29.01
CA ILE B 366 -17.33 -3.02 -29.30
C ILE B 366 -15.98 -2.93 -28.60
N ASN B 367 -15.10 -2.08 -29.13
CA ASN B 367 -13.75 -1.98 -28.58
C ASN B 367 -13.76 -1.65 -27.08
N TYR B 368 -14.79 -0.96 -26.59
CA TYR B 368 -14.87 -0.67 -25.17
C TYR B 368 -14.75 -1.94 -24.33
N GLU B 369 -15.43 -3.02 -24.74
CA GLU B 369 -15.43 -4.22 -23.92
C GLU B 369 -14.14 -5.00 -24.06
N VAL B 370 -13.52 -4.97 -25.24
CA VAL B 370 -12.26 -5.67 -25.42
C VAL B 370 -11.20 -5.11 -24.48
N VAL B 371 -11.13 -3.78 -24.37
CA VAL B 371 -10.04 -3.20 -23.60
C VAL B 371 -10.37 -3.16 -22.11
N SER B 372 -11.62 -2.90 -21.75
CA SER B 372 -11.92 -2.68 -20.34
C SER B 372 -12.09 -3.98 -19.56
N THR B 373 -11.98 -5.13 -20.23
CA THR B 373 -11.98 -6.44 -19.59
C THR B 373 -10.61 -7.08 -19.61
N LEU B 374 -9.57 -6.34 -20.02
CA LEU B 374 -8.22 -6.83 -19.84
C LEU B 374 -7.93 -6.93 -18.34
N SER B 375 -7.63 -8.14 -17.88
CA SER B 375 -7.57 -8.41 -16.46
C SER B 375 -6.42 -7.70 -15.79
N ARG B 376 -6.58 -7.45 -14.49
CA ARG B 376 -5.60 -6.71 -13.70
C ARG B 376 -4.37 -7.54 -13.37
N ARG B 377 -4.39 -8.85 -13.59
CA ARG B 377 -3.18 -9.64 -13.38
C ARG B 377 -2.17 -9.49 -14.51
N ILE B 378 -2.50 -8.73 -15.55
CA ILE B 378 -1.57 -8.41 -16.62
C ILE B 378 -0.89 -7.09 -16.26
N PRO B 379 0.43 -7.05 -16.14
CA PRO B 379 1.10 -5.78 -15.81
C PRO B 379 1.00 -4.77 -16.96
N ARG B 380 0.76 -3.52 -16.60
CA ARG B 380 0.73 -2.40 -17.53
C ARG B 380 2.07 -1.67 -17.50
N PHE B 381 2.68 -1.50 -18.66
CA PHE B 381 3.90 -0.71 -18.78
C PHE B 381 3.59 0.55 -19.58
N TYR B 382 4.15 1.68 -19.17
CA TYR B 382 3.80 2.96 -19.74
C TYR B 382 4.97 3.52 -20.54
N ILE B 383 4.68 3.93 -21.76
CA ILE B 383 5.66 4.51 -22.67
C ILE B 383 5.35 5.99 -22.74
N ARG B 384 6.32 6.81 -22.34
CA ARG B 384 6.22 8.26 -22.39
C ARG B 384 7.55 8.76 -22.91
N ASP B 385 7.51 9.57 -23.97
CA ASP B 385 8.69 9.95 -24.74
C ASP B 385 9.55 8.72 -25.08
N GLY B 386 8.91 7.76 -25.77
CA GLY B 386 9.59 6.56 -26.29
C GLY B 386 10.39 5.79 -25.27
N GLU B 387 9.89 5.67 -24.04
CA GLU B 387 10.63 5.07 -22.93
C GLU B 387 9.64 4.48 -21.95
N ILE B 388 9.96 3.31 -21.40
CA ILE B 388 9.03 2.51 -20.62
C ILE B 388 9.29 2.70 -19.12
N PHE B 389 8.27 2.37 -18.33
CA PHE B 389 8.33 2.33 -16.86
C PHE B 389 7.00 1.80 -16.34
N LYS B 390 6.89 1.71 -15.03
CA LYS B 390 5.65 1.23 -14.44
C LYS B 390 5.40 2.01 -13.15
N MET C 5 12.79 21.87 -8.49
CA MET C 5 13.70 21.32 -7.48
C MET C 5 12.97 20.31 -6.56
N ILE C 6 12.50 20.77 -5.40
CA ILE C 6 11.90 19.88 -4.40
C ILE C 6 10.70 20.60 -3.79
N LYS C 7 9.49 20.22 -4.18
CA LYS C 7 8.27 20.87 -3.72
C LYS C 7 7.75 20.18 -2.47
N LEU C 8 7.54 20.95 -1.42
CA LEU C 8 7.07 20.40 -0.16
C LEU C 8 6.15 21.41 0.49
N CYS C 9 5.10 20.91 1.14
CA CYS C 9 4.27 21.75 1.99
C CYS C 9 5.09 22.30 3.15
N ARG C 10 5.72 21.41 3.88
CA ARG C 10 6.55 21.75 5.03
C ARG C 10 7.97 21.42 4.63
N GLU C 11 8.80 22.44 4.50
CA GLU C 11 10.04 22.32 3.75
C GLU C 11 11.19 21.87 4.64
N VAL C 12 11.13 20.59 5.00
CA VAL C 12 12.24 19.90 5.65
C VAL C 12 12.37 18.55 4.97
N TRP C 13 13.59 18.09 4.81
CA TRP C 13 13.79 16.83 4.12
C TRP C 13 15.18 16.32 4.43
N ILE C 14 15.36 15.04 4.15
CA ILE C 14 16.63 14.35 4.26
C ILE C 14 17.09 13.98 2.84
N GLU C 15 18.37 14.15 2.58
CA GLU C 15 18.99 13.69 1.34
C GLU C 15 19.95 12.56 1.68
N VAL C 16 19.75 11.38 1.10
CA VAL C 16 20.65 10.26 1.33
C VAL C 16 21.39 9.99 0.03
N ASN C 17 22.72 10.15 0.06
CA ASN C 17 23.53 10.04 -1.14
C ASN C 17 23.87 8.58 -1.36
N LEU C 18 23.26 7.98 -2.39
CA LEU C 18 23.53 6.57 -2.66
C LEU C 18 24.90 6.39 -3.32
N ASP C 19 25.41 7.42 -4.01
CA ASP C 19 26.79 7.36 -4.48
C ASP C 19 27.75 7.23 -3.31
N ALA C 20 27.49 7.97 -2.22
CA ALA C 20 28.31 7.79 -1.03
C ALA C 20 28.17 6.36 -0.48
N VAL C 21 26.96 5.80 -0.53
CA VAL C 21 26.75 4.43 -0.02
C VAL C 21 27.57 3.43 -0.84
N LYS C 22 27.52 3.55 -2.16
CA LYS C 22 28.28 2.65 -3.01
C LYS C 22 29.78 2.75 -2.71
N LYS C 23 30.29 3.97 -2.52
CA LYS C 23 31.72 4.13 -2.26
C LYS C 23 32.11 3.45 -0.95
N ASN C 24 31.28 3.59 0.09
CA ASN C 24 31.64 3.01 1.38
C ASN C 24 31.68 1.49 1.29
N LEU C 25 30.82 0.90 0.46
CA LEU C 25 30.84 -0.54 0.23
C LEU C 25 32.12 -0.94 -0.48
N ARG C 26 32.45 -0.26 -1.58
CA ARG C 26 33.72 -0.52 -2.26
C ARG C 26 34.91 -0.36 -1.30
N ALA C 27 34.87 0.64 -0.43
CA ALA C 27 35.98 0.82 0.51
C ALA C 27 36.12 -0.38 1.45
N ILE C 28 35.00 -0.94 1.90
CA ILE C 28 35.07 -2.07 2.81
C ILE C 28 35.41 -3.36 2.07
N ARG C 29 34.96 -3.48 0.82
CA ARG C 29 35.21 -4.66 0.02
C ARG C 29 36.71 -4.91 -0.17
N ARG C 30 37.47 -3.84 -0.58
CA ARG C 30 38.93 -3.86 -0.74
C ARG C 30 39.68 -3.95 0.57
N HIS C 31 39.03 -4.14 1.71
CA HIS C 31 39.71 -4.21 3.00
C HIS C 31 39.53 -5.54 3.69
N ILE C 32 38.58 -6.35 3.26
CA ILE C 32 38.33 -7.64 3.90
C ILE C 32 38.75 -8.75 2.95
N PRO C 33 39.14 -9.92 3.46
CA PRO C 33 39.48 -11.05 2.58
C PRO C 33 38.43 -11.27 1.50
N HIS C 34 38.91 -11.39 0.27
CA HIS C 34 38.04 -11.45 -0.90
C HIS C 34 36.97 -12.54 -0.80
N LYS C 35 37.16 -13.55 0.04
CA LYS C 35 36.21 -14.65 0.16
C LYS C 35 35.06 -14.36 1.13
N SER C 36 35.14 -13.29 1.92
CA SER C 36 34.11 -12.99 2.91
C SER C 36 32.93 -12.25 2.29
N LYS C 37 31.72 -12.68 2.65
CA LYS C 37 30.52 -12.00 2.19
C LYS C 37 30.27 -10.74 3.01
N ILE C 38 29.47 -9.84 2.45
CA ILE C 38 29.05 -8.63 3.15
C ILE C 38 27.55 -8.72 3.43
N MET C 39 27.19 -8.65 4.71
CA MET C 39 25.81 -8.49 5.15
C MET C 39 25.57 -7.02 5.51
N ALA C 40 24.71 -6.35 4.76
CA ALA C 40 24.38 -4.96 5.05
C ALA C 40 23.28 -4.88 6.11
N VAL C 41 23.52 -4.08 7.14
CA VAL C 41 22.62 -3.99 8.28
C VAL C 41 21.70 -2.79 8.06
N VAL C 42 20.41 -3.05 7.87
CA VAL C 42 19.46 -1.99 7.53
C VAL C 42 18.32 -1.92 8.54
N1 LLP C 43 25.73 -7.01 14.37
C2 LLP C 43 24.74 -6.94 15.24
C2' LLP C 43 24.39 -8.15 16.13
C3 LLP C 43 24.02 -5.75 15.38
O3 LLP C 43 22.96 -5.65 16.31
C4 LLP C 43 24.38 -4.66 14.56
C4' LLP C 43 23.58 -3.35 14.70
C5 LLP C 43 25.43 -4.81 13.65
C6 LLP C 43 26.11 -6.01 13.58
C5' LLP C 43 25.88 -3.65 12.75
OP4 LLP C 43 26.51 -2.77 13.66
P LLP C 43 27.56 -1.55 13.27
OP1 LLP C 43 28.34 -1.31 14.53
OP2 LLP C 43 26.77 -0.31 12.87
OP3 LLP C 43 28.47 -1.94 12.12
N LLP C 43 18.57 -2.44 9.74
CA LLP C 43 17.61 -2.37 10.83
CB LLP C 43 18.18 -3.07 12.06
CG LLP C 43 19.38 -2.35 12.67
CD LLP C 43 20.22 -3.27 13.55
CE LLP C 43 20.96 -2.47 14.60
NZ LLP C 43 22.22 -3.08 15.09
C LLP C 43 17.28 -0.91 11.14
O LLP C 43 18.04 0.00 10.78
N ALA C 44 16.15 -0.69 11.80
CA ALA C 44 15.76 0.66 12.26
C ALA C 44 15.71 1.64 11.10
N ASN C 45 15.02 1.23 10.02
CA ASN C 45 14.82 2.07 8.85
C ASN C 45 16.16 2.44 8.22
N GLY C 46 17.06 1.47 8.17
CA GLY C 46 18.40 1.70 7.67
C GLY C 46 19.10 2.81 8.43
N TYR C 47 19.16 2.69 9.76
CA TYR C 47 19.79 3.71 10.61
C TYR C 47 19.26 5.11 10.27
N GLY C 48 17.95 5.19 9.99
CA GLY C 48 17.32 6.43 9.65
C GLY C 48 17.44 6.86 8.21
N HIS C 49 18.20 6.14 7.38
CA HIS C 49 18.39 6.58 6.00
C HIS C 49 17.29 6.08 5.07
N GLY C 50 16.37 5.26 5.59
CA GLY C 50 15.39 4.57 4.78
C GLY C 50 15.95 3.21 4.43
N SER C 51 15.28 2.15 4.87
CA SER C 51 15.88 0.83 4.69
C SER C 51 15.68 0.28 3.28
N ILE C 52 14.62 0.67 2.58
CA ILE C 52 14.36 0.07 1.27
C ILE C 52 15.43 0.48 0.27
N GLU C 53 15.59 1.79 0.04
CA GLU C 53 16.54 2.24 -0.98
C GLU C 53 17.98 1.92 -0.61
N VAL C 54 18.34 1.98 0.67
CA VAL C 54 19.69 1.59 1.05
C VAL C 54 19.92 0.10 0.85
N ALA C 55 18.92 -0.72 1.20
CA ALA C 55 19.07 -2.17 0.97
C ALA C 55 19.22 -2.48 -0.50
N ARG C 56 18.36 -1.88 -1.34
CA ARG C 56 18.47 -2.08 -2.79
C ARG C 56 19.86 -1.73 -3.28
N HIS C 57 20.34 -0.54 -2.90
CA HIS C 57 21.66 -0.12 -3.36
C HIS C 57 22.75 -1.06 -2.88
N ALA C 58 22.68 -1.47 -1.61
CA ALA C 58 23.76 -2.29 -1.06
C ALA C 58 23.87 -3.61 -1.79
N LEU C 59 22.73 -4.22 -2.15
CA LEU C 59 22.76 -5.50 -2.85
C LEU C 59 23.22 -5.37 -4.30
N GLU C 60 23.08 -4.17 -4.88
CA GLU C 60 23.62 -3.90 -6.21
C GLU C 60 25.13 -3.86 -6.20
N HIS C 61 25.73 -3.48 -5.08
CA HIS C 61 27.11 -3.02 -5.06
C HIS C 61 27.94 -3.75 -4.02
N GLY C 62 27.65 -5.02 -3.75
CA GLY C 62 28.56 -5.85 -2.97
C GLY C 62 27.96 -6.51 -1.74
N ALA C 63 26.72 -6.20 -1.35
CA ALA C 63 26.11 -6.91 -0.24
C ALA C 63 25.37 -8.12 -0.78
N SER C 64 25.42 -9.21 -0.02
CA SER C 64 24.77 -10.47 -0.37
C SER C 64 23.58 -10.78 0.53
N GLU C 65 23.62 -10.36 1.79
CA GLU C 65 22.56 -10.59 2.74
C GLU C 65 22.21 -9.29 3.46
N LEU C 66 21.17 -9.35 4.27
CA LEU C 66 20.65 -8.18 4.97
C LEU C 66 20.33 -8.56 6.39
N ALA C 67 20.45 -7.58 7.28
CA ALA C 67 20.13 -7.77 8.68
C ALA C 67 19.15 -6.68 9.09
N VAL C 68 18.17 -7.06 9.92
CA VAL C 68 17.13 -6.18 10.40
C VAL C 68 16.89 -6.50 11.86
N ALA C 69 16.13 -5.62 12.52
CA ALA C 69 15.84 -5.81 13.94
C ALA C 69 14.73 -6.83 14.17
N SER C 70 13.86 -7.01 13.20
CA SER C 70 12.61 -7.73 13.44
C SER C 70 12.06 -8.27 12.12
N VAL C 71 11.12 -9.22 12.24
CA VAL C 71 10.41 -9.73 11.08
C VAL C 71 9.68 -8.59 10.38
N GLU C 72 9.05 -7.71 11.15
CA GLU C 72 8.34 -6.58 10.54
C GLU C 72 9.26 -5.75 9.64
N GLU C 73 10.52 -5.55 10.06
CA GLU C 73 11.42 -4.82 9.18
C GLU C 73 11.79 -5.63 7.96
N GLY C 74 11.92 -6.95 8.12
CA GLY C 74 12.18 -7.81 6.98
C GLY C 74 11.01 -7.87 6.01
N ILE C 75 9.78 -7.90 6.53
CA ILE C 75 8.62 -7.95 5.64
C ILE C 75 8.53 -6.69 4.79
N VAL C 76 8.81 -5.53 5.38
CA VAL C 76 8.87 -4.29 4.61
C VAL C 76 9.79 -4.47 3.40
N LEU C 77 10.96 -5.08 3.62
CA LEU C 77 11.92 -5.28 2.53
C LEU C 77 11.37 -6.23 1.48
N ARG C 78 10.70 -7.31 1.93
CA ARG C 78 10.12 -8.27 1.02
C ARG C 78 8.97 -7.67 0.23
N LYS C 79 8.16 -6.80 0.86
CA LYS C 79 7.11 -6.12 0.11
C LYS C 79 7.68 -5.23 -0.99
N ALA C 80 8.89 -4.72 -0.79
CA ALA C 80 9.57 -3.92 -1.79
C ALA C 80 10.27 -4.77 -2.85
N GLY C 81 10.18 -6.09 -2.76
CA GLY C 81 10.70 -6.96 -3.81
C GLY C 81 12.12 -7.44 -3.60
N ILE C 82 12.62 -7.45 -2.38
CA ILE C 82 13.98 -7.90 -2.10
C ILE C 82 13.93 -9.40 -1.78
N THR C 83 14.74 -10.17 -2.50
CA THR C 83 14.71 -11.63 -2.38
C THR C 83 15.92 -12.19 -1.66
N ALA C 84 16.94 -11.36 -1.43
CA ALA C 84 18.14 -11.76 -0.71
C ALA C 84 17.80 -12.29 0.68
N PRO C 85 18.67 -13.09 1.27
CA PRO C 85 18.46 -13.51 2.66
C PRO C 85 18.42 -12.31 3.59
N ILE C 86 17.45 -12.33 4.51
CA ILE C 86 17.26 -11.27 5.50
C ILE C 86 17.33 -11.92 6.87
N LEU C 87 18.32 -11.52 7.66
CA LEU C 87 18.50 -12.07 9.00
C LEU C 87 17.89 -11.11 10.02
N VAL C 88 17.10 -11.65 10.93
CA VAL C 88 16.55 -10.91 12.06
C VAL C 88 17.55 -11.03 13.19
N LEU C 89 18.12 -9.89 13.61
CA LEU C 89 19.15 -9.91 14.64
C LEU C 89 18.58 -10.07 16.04
N GLY C 90 17.33 -9.72 16.29
CA GLY C 90 16.75 -9.81 17.61
C GLY C 90 16.07 -11.14 17.86
N PHE C 91 15.27 -11.17 18.91
CA PHE C 91 14.45 -12.33 19.25
C PHE C 91 13.12 -12.23 18.49
N THR C 92 12.65 -13.36 17.98
CA THR C 92 11.35 -13.42 17.33
C THR C 92 10.46 -14.34 18.16
N SER C 93 9.30 -13.84 18.53
CA SER C 93 8.30 -14.64 19.22
C SER C 93 7.88 -15.84 18.37
N LEU C 94 7.58 -16.95 19.05
CA LEU C 94 7.16 -18.17 18.36
C LEU C 94 5.93 -17.95 17.50
N SER C 95 5.10 -16.98 17.85
CA SER C 95 3.91 -16.74 17.05
C SER C 95 4.21 -16.23 15.65
N CYS C 96 5.44 -15.77 15.36
CA CYS C 96 5.81 -15.41 13.99
C CYS C 96 6.65 -16.46 13.29
N VAL C 97 6.74 -17.67 13.83
CA VAL C 97 7.44 -18.75 13.15
C VAL C 97 6.84 -18.99 11.77
N LYS C 98 5.51 -19.15 11.70
CA LYS C 98 4.87 -19.44 10.43
C LYS C 98 5.01 -18.27 9.48
N LYS C 99 4.76 -17.04 9.97
CA LYS C 99 4.89 -15.87 9.13
C LYS C 99 6.31 -15.73 8.59
N SER C 100 7.33 -16.00 9.44
CA SER C 100 8.71 -15.93 9.00
C SER C 100 9.02 -16.99 7.95
N ALA C 101 8.46 -18.19 8.11
CA ALA C 101 8.68 -19.23 7.10
C ALA C 101 8.07 -18.81 5.77
N ALA C 102 6.84 -18.26 5.80
CA ALA C 102 6.15 -17.87 4.57
C ALA C 102 6.89 -16.79 3.83
N TRP C 103 7.42 -15.80 4.55
CA TRP C 103 8.18 -14.73 3.92
C TRP C 103 9.65 -15.09 3.76
N ASN C 104 10.07 -16.29 4.19
CA ASN C 104 11.44 -16.75 4.05
C ASN C 104 12.40 -15.76 4.72
N ILE C 105 12.07 -15.41 5.96
CA ILE C 105 12.92 -14.57 6.78
C ILE C 105 13.75 -15.49 7.67
N THR C 106 15.06 -15.26 7.69
CA THR C 106 15.94 -16.00 8.57
C THR C 106 15.88 -15.42 9.98
N LEU C 107 15.69 -16.29 10.97
CA LEU C 107 15.61 -15.87 12.36
C LEU C 107 16.87 -16.24 13.13
N SER C 108 17.21 -15.40 14.09
CA SER C 108 18.17 -15.76 15.11
C SER C 108 17.50 -16.59 16.19
N ALA C 109 18.19 -17.62 16.65
CA ALA C 109 17.67 -18.41 17.74
C ALA C 109 18.84 -18.99 18.49
N PHE C 110 18.57 -19.39 19.73
CA PHE C 110 19.66 -19.87 20.59
C PHE C 110 19.15 -20.69 21.77
N GLN C 111 17.94 -21.22 21.74
CA GLN C 111 17.42 -22.09 22.79
C GLN C 111 16.94 -23.39 22.18
N VAL C 112 17.08 -24.48 22.94
CA VAL C 112 16.58 -25.77 22.50
C VAL C 112 15.06 -25.78 22.45
N ASP C 113 14.41 -25.23 23.48
CA ASP C 113 12.96 -25.17 23.50
C ASP C 113 12.42 -24.48 22.25
N TRP C 114 12.98 -23.32 21.94
CA TRP C 114 12.49 -22.51 20.83
C TRP C 114 12.63 -23.27 19.52
N MET C 115 13.81 -23.85 19.27
CA MET C 115 14.04 -24.75 18.15
C MET C 115 12.92 -25.77 18.01
N LYS C 116 12.70 -26.56 19.06
CA LYS C 116 11.79 -27.69 18.97
C LYS C 116 10.37 -27.20 18.75
N GLU C 117 9.94 -26.20 19.52
CA GLU C 117 8.60 -25.64 19.35
C GLU C 117 8.44 -24.96 17.99
N ALA C 118 9.50 -24.32 17.48
CA ALA C 118 9.42 -23.79 16.13
C ALA C 118 9.20 -24.91 15.13
N ASN C 119 9.98 -25.99 15.26
CA ASN C 119 9.86 -27.15 14.39
C ASN C 119 8.46 -27.75 14.44
N GLU C 120 7.92 -27.91 15.65
CA GLU C 120 6.61 -28.53 15.81
C GLU C 120 5.49 -27.67 15.20
N ILE C 121 5.58 -26.35 15.38
CA ILE C 121 4.61 -25.45 14.74
C ILE C 121 4.61 -25.66 13.23
N LEU C 122 5.79 -25.64 12.62
CA LEU C 122 5.88 -25.85 11.19
C LEU C 122 5.48 -27.26 10.80
N GLU C 123 5.62 -28.22 11.71
CA GLU C 123 5.28 -29.62 11.40
C GLU C 123 3.77 -29.85 11.40
N LYS C 124 3.02 -29.12 12.23
CA LYS C 124 1.56 -29.23 12.22
C LYS C 124 0.95 -28.61 10.97
N GLU C 125 1.64 -27.68 10.31
CA GLU C 125 1.30 -27.30 8.94
C GLU C 125 1.93 -28.27 7.96
N ALA C 126 1.49 -28.19 6.72
CA ALA C 126 2.10 -29.01 5.67
C ALA C 126 3.46 -28.45 5.30
N SER C 127 4.10 -27.70 6.22
CA SER C 127 5.04 -26.67 5.82
C SER C 127 6.08 -27.17 4.85
N ALA C 128 6.01 -26.68 3.61
CA ALA C 128 7.06 -26.90 2.64
C ALA C 128 8.24 -25.97 2.86
N ASN C 129 8.01 -24.85 3.53
CA ASN C 129 9.07 -23.87 3.76
C ASN C 129 9.81 -24.25 5.03
N ARG C 130 11.12 -24.49 4.90
CA ARG C 130 11.98 -24.67 6.05
C ARG C 130 12.48 -23.31 6.51
N LEU C 131 12.30 -23.03 7.80
CA LEU C 131 12.70 -21.76 8.38
C LEU C 131 14.21 -21.77 8.62
N ALA C 132 14.91 -20.84 7.98
CA ALA C 132 16.36 -20.70 8.12
C ALA C 132 16.69 -20.04 9.44
N ILE C 133 17.74 -20.53 10.08
CA ILE C 133 18.08 -20.16 11.45
C ILE C 133 19.56 -19.87 11.52
N HIS C 134 19.92 -18.76 12.17
CA HIS C 134 21.28 -18.49 12.64
C HIS C 134 21.32 -18.61 14.16
N ILE C 135 22.31 -19.35 14.67
CA ILE C 135 22.51 -19.44 16.11
C ILE C 135 23.31 -18.24 16.58
N ASN C 136 22.87 -17.62 17.66
CA ASN C 136 23.59 -16.55 18.28
C ASN C 136 24.42 -17.11 19.43
N VAL C 137 25.72 -16.83 19.41
CA VAL C 137 26.63 -17.22 20.47
C VAL C 137 27.04 -15.95 21.21
N ASP C 138 26.73 -15.91 22.50
CA ASP C 138 27.04 -14.76 23.33
C ASP C 138 28.46 -14.94 23.87
N THR C 139 29.42 -14.17 23.33
CA THR C 139 30.82 -14.26 23.76
C THR C 139 31.26 -13.06 24.60
N GLY C 140 30.32 -12.27 25.13
CA GLY C 140 30.67 -11.16 25.99
C GLY C 140 29.76 -9.97 25.82
N MET C 141 28.92 -9.98 24.76
CA MET C 141 27.95 -8.90 24.57
C MET C 141 26.83 -8.95 25.60
N GLY C 142 26.50 -10.13 26.10
CA GLY C 142 25.50 -10.27 27.15
C GLY C 142 24.07 -9.97 26.74
N ARG C 143 23.80 -9.84 25.45
CA ARG C 143 22.48 -9.46 24.97
C ARG C 143 21.64 -10.70 24.75
N LEU C 144 21.88 -11.40 23.64
CA LEU C 144 21.25 -12.67 23.35
C LEU C 144 22.32 -13.68 22.96
N GLY C 145 21.94 -14.95 22.94
CA GLY C 145 22.80 -16.01 22.45
C GLY C 145 23.19 -17.00 23.55
N VAL C 146 23.63 -18.19 23.11
CA VAL C 146 24.17 -19.18 24.04
C VAL C 146 25.54 -18.75 24.53
N ARG C 147 25.83 -19.08 25.79
CA ARG C 147 27.06 -18.63 26.42
C ARG C 147 28.09 -19.73 26.66
N THR C 148 27.68 -21.00 26.64
CA THR C 148 28.59 -22.11 26.91
C THR C 148 28.55 -23.11 25.77
N LYS C 149 29.67 -23.81 25.57
CA LYS C 149 29.75 -24.77 24.47
C LYS C 149 28.92 -26.02 24.75
N GLU C 150 28.58 -26.29 26.01
CA GLU C 150 27.74 -27.45 26.33
C GLU C 150 26.34 -27.29 25.74
N GLU C 151 25.71 -26.12 25.95
CA GLU C 151 24.36 -25.91 25.45
C GLU C 151 24.34 -25.40 24.01
N LEU C 152 25.44 -24.85 23.51
CA LEU C 152 25.55 -24.63 22.08
C LEU C 152 25.45 -25.95 21.33
N LEU C 153 26.07 -27.00 21.86
CA LEU C 153 25.95 -28.31 21.22
C LEU C 153 24.52 -28.84 21.32
N GLU C 154 23.86 -28.68 22.46
CA GLU C 154 22.46 -29.09 22.55
C GLU C 154 21.58 -28.31 21.58
N VAL C 155 21.87 -27.02 21.38
CA VAL C 155 21.07 -26.21 20.46
C VAL C 155 21.33 -26.66 19.03
N VAL C 156 22.60 -26.89 18.68
CA VAL C 156 22.92 -27.43 17.37
C VAL C 156 22.24 -28.78 17.16
N LYS C 157 22.17 -29.61 18.22
CA LYS C 157 21.57 -30.93 18.06
C LYS C 157 20.07 -30.85 17.85
N ALA C 158 19.38 -30.06 18.70
CA ALA C 158 17.96 -29.80 18.49
C ALA C 158 17.68 -29.31 17.07
N LEU C 159 18.50 -28.36 16.59
CA LEU C 159 18.34 -27.79 15.26
C LEU C 159 18.65 -28.79 14.16
N LYS C 160 19.69 -29.61 14.35
CA LYS C 160 20.03 -30.60 13.33
C LYS C 160 18.96 -31.69 13.24
N ALA C 161 18.24 -31.93 14.33
CA ALA C 161 17.18 -32.93 14.39
C ALA C 161 15.82 -32.38 13.96
N SER C 162 15.73 -31.09 13.66
CA SER C 162 14.46 -30.43 13.34
C SER C 162 14.39 -30.29 11.83
N LYS C 163 13.70 -31.23 11.18
CA LYS C 163 13.66 -31.31 9.72
C LYS C 163 12.92 -30.14 9.08
N PHE C 164 12.21 -29.33 9.85
CA PHE C 164 11.53 -28.15 9.32
C PHE C 164 12.32 -26.85 9.53
N LEU C 165 13.48 -26.95 10.17
CA LEU C 165 14.42 -25.85 10.34
C LEU C 165 15.63 -26.09 9.45
N ARG C 166 16.38 -25.02 9.20
CA ARG C 166 17.55 -25.06 8.33
C ARG C 166 18.63 -24.18 8.94
N TRP C 167 19.80 -24.78 9.20
CA TRP C 167 20.88 -24.08 9.88
C TRP C 167 21.82 -23.45 8.85
N THR C 168 21.76 -22.12 8.74
CA THR C 168 22.48 -21.41 7.69
C THR C 168 23.54 -20.43 8.20
N GLY C 169 23.68 -20.25 9.50
CA GLY C 169 24.69 -19.33 10.00
C GLY C 169 24.86 -19.42 11.50
N ILE C 170 26.03 -18.97 11.95
CA ILE C 170 26.34 -18.92 13.38
C ILE C 170 27.18 -17.67 13.61
N PHE C 171 26.94 -17.00 14.73
CA PHE C 171 27.54 -15.67 14.84
C PHE C 171 27.63 -15.24 16.31
N THR C 172 28.47 -14.22 16.52
CA THR C 172 28.59 -13.52 17.78
C THR C 172 28.76 -12.03 17.48
N HIS C 173 28.72 -11.20 18.52
CA HIS C 173 28.79 -9.76 18.37
C HIS C 173 29.81 -9.18 19.35
N PHE C 174 30.70 -8.33 18.85
CA PHE C 174 31.78 -7.78 19.66
C PHE C 174 31.30 -6.60 20.49
N SER C 175 31.69 -6.58 21.77
CA SER C 175 31.27 -5.58 22.74
C SER C 175 32.02 -4.26 22.59
N THR C 176 33.32 -4.34 22.28
CA THR C 176 34.24 -3.21 22.40
C THR C 176 35.19 -3.13 21.23
N ALA C 177 34.80 -3.65 20.07
CA ALA C 177 35.70 -3.65 18.92
C ALA C 177 35.95 -2.25 18.36
N ASP C 178 35.35 -1.20 18.92
CA ASP C 178 35.54 0.16 18.44
C ASP C 178 36.41 0.99 19.39
N GLU C 179 37.06 0.34 20.36
CA GLU C 179 37.78 0.97 21.45
C GLU C 179 39.27 0.68 21.33
N PRO C 180 40.14 1.55 21.89
CA PRO C 180 41.58 1.32 21.71
C PRO C 180 42.09 0.08 22.41
N ASP C 181 41.55 -0.26 23.58
CA ASP C 181 41.95 -1.46 24.30
C ASP C 181 41.24 -2.67 23.68
N THR C 182 41.98 -3.47 22.93
CA THR C 182 41.45 -4.65 22.25
C THR C 182 41.46 -5.90 23.13
N THR C 183 41.65 -5.75 24.44
CA THR C 183 41.71 -6.93 25.28
C THR C 183 40.41 -7.73 25.22
N LEU C 184 39.27 -7.04 25.33
CA LEU C 184 38.00 -7.77 25.41
C LEU C 184 37.65 -8.41 24.08
N THR C 185 37.96 -7.73 22.97
CA THR C 185 37.63 -8.26 21.66
C THR C 185 38.39 -9.55 21.37
N LYS C 186 39.70 -9.56 21.66
CA LYS C 186 40.49 -10.76 21.42
C LYS C 186 40.01 -11.92 22.28
N LEU C 187 39.54 -11.64 23.49
CA LEU C 187 38.99 -12.71 24.30
C LEU C 187 37.67 -13.22 23.72
N GLN C 188 36.89 -12.32 23.11
CA GLN C 188 35.66 -12.73 22.45
C GLN C 188 35.97 -13.61 21.25
N HIS C 189 36.88 -13.17 20.38
CA HIS C 189 37.20 -13.94 19.18
C HIS C 189 37.71 -15.33 19.53
N GLU C 190 38.55 -15.45 20.55
CA GLU C 190 39.12 -16.75 20.83
C GLU C 190 38.14 -17.65 21.56
N LYS C 191 37.29 -17.10 22.44
CA LYS C 191 36.26 -17.94 23.03
C LYS C 191 35.28 -18.41 21.98
N PHE C 192 34.93 -17.52 21.03
CA PHE C 192 34.07 -17.90 19.92
C PHE C 192 34.71 -19.02 19.10
N ILE C 193 36.00 -18.87 18.76
CA ILE C 193 36.70 -19.85 17.94
C ILE C 193 36.87 -21.18 18.67
N SER C 194 37.07 -21.13 19.98
CA SER C 194 37.12 -22.37 20.75
C SER C 194 35.77 -23.08 20.72
N PHE C 195 34.69 -22.32 20.56
CA PHE C 195 33.36 -22.91 20.43
C PHE C 195 33.19 -23.60 19.09
N LEU C 196 33.49 -22.88 18.01
CA LEU C 196 33.35 -23.46 16.67
C LEU C 196 34.29 -24.63 16.48
N SER C 197 35.44 -24.61 17.15
CA SER C 197 36.34 -25.75 17.08
C SER C 197 35.76 -26.93 17.85
N PHE C 198 35.15 -26.67 19.01
CA PHE C 198 34.43 -27.70 19.74
C PHE C 198 33.44 -28.43 18.83
N LEU C 199 32.50 -27.70 18.24
CA LEU C 199 31.50 -28.32 17.36
C LEU C 199 32.16 -29.18 16.29
N LYS C 200 33.15 -28.61 15.58
CA LYS C 200 33.87 -29.32 14.53
C LYS C 200 34.43 -30.66 15.02
N LYS C 201 34.82 -30.73 16.30
CA LYS C 201 35.33 -31.98 16.86
C LYS C 201 34.28 -33.08 16.86
N GLN C 202 33.00 -32.74 17.06
CA GLN C 202 31.93 -33.75 17.05
C GLN C 202 31.53 -34.16 15.64
N GLY C 203 32.23 -33.72 14.61
CA GLY C 203 31.82 -33.97 13.24
C GLY C 203 30.78 -33.01 12.70
N ILE C 204 30.47 -31.95 13.43
CA ILE C 204 29.49 -30.96 12.98
C ILE C 204 30.17 -30.03 11.98
N GLU C 205 29.60 -29.93 10.77
CA GLU C 205 30.09 -29.00 9.78
C GLU C 205 29.34 -27.68 9.89
N LEU C 206 30.06 -26.59 9.68
CA LEU C 206 29.54 -25.29 10.07
C LEU C 206 28.97 -24.56 8.86
N PRO C 207 27.88 -23.84 9.06
CA PRO C 207 27.40 -22.93 8.01
C PRO C 207 28.14 -21.62 8.07
N THR C 208 27.60 -20.57 7.47
CA THR C 208 28.22 -19.25 7.47
C THR C 208 28.55 -18.77 8.89
N VAL C 209 29.82 -18.51 9.13
CA VAL C 209 30.29 -17.90 10.37
C VAL C 209 30.48 -16.41 10.11
N HIS C 210 29.92 -15.57 10.97
CA HIS C 210 30.12 -14.13 10.84
C HIS C 210 30.22 -13.52 12.22
N MET C 211 31.07 -12.51 12.40
CA MET C 211 31.28 -11.98 13.74
C MET C 211 31.65 -10.50 13.80
N CYS C 212 31.97 -9.88 12.66
CA CYS C 212 32.45 -8.51 12.61
C CYS C 212 31.30 -7.52 12.44
N ASN C 213 31.28 -6.46 13.24
CA ASN C 213 30.52 -5.26 12.94
C ASN C 213 31.38 -4.34 12.09
N THR C 214 30.96 -3.09 11.87
CA THR C 214 31.79 -2.15 11.11
C THR C 214 33.16 -2.02 11.77
N ALA C 215 33.18 -1.80 13.08
CA ALA C 215 34.42 -1.56 13.80
C ALA C 215 35.37 -2.74 13.65
N ALA C 216 34.90 -3.94 13.99
CA ALA C 216 35.76 -5.12 13.94
C ALA C 216 36.19 -5.47 12.52
N ALA C 217 35.46 -5.02 11.50
CA ALA C 217 35.89 -5.35 10.15
C ALA C 217 37.01 -4.42 9.69
N ILE C 218 37.06 -3.21 10.20
CA ILE C 218 38.17 -2.31 9.91
C ILE C 218 39.40 -2.69 10.72
N ALA C 219 39.28 -2.67 12.05
CA ALA C 219 40.41 -2.88 12.95
C ALA C 219 40.80 -4.34 13.13
N PHE C 220 40.16 -5.28 12.44
CA PHE C 220 40.46 -6.70 12.56
C PHE C 220 39.95 -7.47 11.36
N PRO C 221 40.38 -7.12 10.14
CA PRO C 221 39.83 -7.81 8.96
C PRO C 221 40.19 -9.28 8.87
N GLU C 222 41.12 -9.77 9.71
CA GLU C 222 41.41 -11.19 9.77
C GLU C 222 40.39 -11.96 10.62
N PHE C 223 39.39 -11.26 11.17
CA PHE C 223 38.25 -11.89 11.81
C PHE C 223 37.07 -12.03 10.85
N SER C 224 37.26 -11.66 9.58
CA SER C 224 36.16 -11.58 8.63
C SER C 224 35.36 -12.88 8.53
N ALA C 225 35.98 -14.03 8.82
CA ALA C 225 35.37 -15.34 8.64
C ALA C 225 34.64 -15.45 7.30
N ASP C 226 33.40 -15.93 7.33
CA ASP C 226 32.63 -16.10 6.09
C ASP C 226 31.86 -14.87 5.66
N MET C 227 31.65 -13.91 6.56
CA MET C 227 30.76 -12.81 6.26
C MET C 227 30.88 -11.76 7.36
N ILE C 228 30.70 -10.50 6.99
CA ILE C 228 30.73 -9.40 7.94
C ILE C 228 29.40 -8.67 7.89
N ARG C 229 29.09 -7.99 8.99
CA ARG C 229 27.85 -7.25 9.15
C ARG C 229 28.19 -5.76 9.08
N LEU C 230 28.00 -5.18 7.90
CA LEU C 230 28.35 -3.77 7.69
C LEU C 230 27.17 -2.91 8.09
N GLY C 231 27.28 -2.27 9.25
CA GLY C 231 26.23 -1.38 9.69
C GLY C 231 26.57 0.07 9.46
N ILE C 232 27.09 0.73 10.51
CA ILE C 232 27.25 2.18 10.49
C ILE C 232 28.13 2.63 9.34
N GLY C 233 29.13 1.83 8.95
CA GLY C 233 30.03 2.21 7.88
C GLY C 233 29.35 2.34 6.55
N LEU C 234 28.31 1.53 6.32
CA LEU C 234 27.54 1.64 5.09
C LEU C 234 27.04 3.07 4.87
N TYR C 235 26.65 3.75 5.95
CA TYR C 235 26.09 5.08 5.89
C TYR C 235 27.16 6.17 5.92
N GLY C 236 28.44 5.78 5.94
CA GLY C 236 29.53 6.72 5.86
C GLY C 236 29.99 7.26 7.17
N LEU C 237 29.58 6.64 8.28
CA LEU C 237 29.88 7.10 9.62
C LEU C 237 30.76 6.07 10.32
N TYR C 238 31.81 6.56 11.02
CA TYR C 238 32.72 5.71 11.74
C TYR C 238 32.13 5.31 13.09
N PRO C 239 32.42 4.09 13.54
CA PRO C 239 31.89 3.63 14.85
C PRO C 239 32.45 4.39 16.03
N SER C 240 33.57 5.09 15.87
CA SER C 240 34.16 5.87 16.96
C SER C 240 35.28 6.72 16.40
N ALA C 241 35.71 7.69 17.22
CA ALA C 241 36.85 8.53 16.84
C ALA C 241 38.10 7.70 16.60
N TYR C 242 38.33 6.70 17.46
CA TYR C 242 39.52 5.87 17.36
C TYR C 242 39.58 5.15 16.02
N ILE C 243 38.52 4.40 15.70
CA ILE C 243 38.45 3.69 14.43
C ILE C 243 38.71 4.65 13.27
N LYS C 244 38.21 5.89 13.39
CA LYS C 244 38.37 6.84 12.30
C LYS C 244 39.83 7.19 12.09
N GLN C 245 40.56 7.49 13.16
CA GLN C 245 41.93 7.99 13.03
C GLN C 245 42.95 6.89 12.70
N LEU C 246 42.51 5.63 12.53
CA LEU C 246 43.40 4.61 12.01
C LEU C 246 43.69 4.82 10.53
N ASN C 247 42.86 5.60 9.85
CA ASN C 247 43.02 5.90 8.43
C ASN C 247 43.21 4.64 7.60
N LEU C 248 42.40 3.64 7.88
CA LEU C 248 42.40 2.45 7.04
C LEU C 248 41.34 2.53 5.95
N VAL C 249 40.14 2.98 6.28
CA VAL C 249 39.02 3.03 5.35
C VAL C 249 38.51 4.47 5.30
N LYS C 250 38.32 5.00 4.09
CA LYS C 250 37.76 6.34 3.93
C LYS C 250 36.28 6.21 3.65
N LEU C 251 35.47 6.67 4.60
CA LEU C 251 34.02 6.63 4.47
C LEU C 251 33.52 8.03 4.12
N GLU C 252 32.39 8.07 3.42
CA GLU C 252 31.78 9.34 3.03
C GLU C 252 30.36 9.41 3.57
N PRO C 253 30.03 10.42 4.39
CA PRO C 253 28.70 10.46 5.02
C PRO C 253 27.60 10.54 3.98
N ALA C 254 26.58 9.71 4.14
CA ALA C 254 25.55 9.57 3.11
C ALA C 254 24.39 10.53 3.31
N LEU C 255 24.08 10.89 4.54
CA LEU C 255 22.87 11.63 4.87
C LEU C 255 23.18 13.11 5.12
N SER C 256 22.32 13.98 4.64
CA SER C 256 22.24 15.33 5.18
C SER C 256 20.77 15.71 5.38
N LEU C 257 20.58 16.65 6.29
CA LEU C 257 19.27 17.09 6.75
C LEU C 257 19.15 18.57 6.40
N LYS C 258 18.07 18.95 5.72
CA LYS C 258 17.97 20.27 5.14
C LYS C 258 16.57 20.84 5.36
N ALA C 259 16.49 22.16 5.25
CA ALA C 259 15.22 22.87 5.40
C ALA C 259 15.30 24.21 4.66
N ARG C 260 14.15 24.83 4.47
CA ARG C 260 14.08 26.19 3.93
C ARG C 260 13.45 27.11 4.97
N ILE C 261 14.10 28.26 5.18
CA ILE C 261 13.59 29.28 6.09
C ILE C 261 12.10 29.49 5.87
N ALA C 262 11.33 29.42 6.95
CA ALA C 262 9.90 29.64 6.80
C ALA C 262 9.53 31.11 6.89
N TYR C 263 10.22 31.87 7.73
CA TYR C 263 9.93 33.27 7.91
C TYR C 263 11.18 34.00 8.37
N VAL C 264 11.34 35.24 7.89
CA VAL C 264 12.41 36.13 8.30
C VAL C 264 11.76 37.42 8.80
N LYS C 265 12.26 37.93 9.93
CA LYS C 265 11.73 39.17 10.46
C LYS C 265 12.84 39.88 11.21
N THR C 266 12.75 41.20 11.25
CA THR C 266 13.55 41.99 12.19
C THR C 266 12.74 42.25 13.45
N MET C 267 13.40 42.13 14.61
CA MET C 267 12.71 42.21 15.89
C MET C 267 12.52 43.67 16.33
N ARG C 268 11.82 44.45 15.51
CA ARG C 268 11.74 45.89 15.75
C ARG C 268 10.82 46.23 16.93
N THR C 269 9.68 45.57 17.04
CA THR C 269 8.70 45.88 18.06
C THR C 269 8.87 44.96 19.27
N GLU C 270 8.28 45.35 20.34
CA GLU C 270 8.34 44.57 21.55
C GLU C 270 7.08 43.74 21.69
N PRO C 271 7.13 42.62 22.43
CA PRO C 271 8.34 42.07 23.05
C PRO C 271 9.22 41.33 22.04
N ARG C 272 10.51 41.26 22.33
CA ARG C 272 11.50 40.65 21.45
C ARG C 272 11.86 39.26 21.91
N THR C 273 10.97 38.61 22.64
CA THR C 273 11.19 37.28 23.17
C THR C 273 11.05 36.25 22.06
N VAL C 274 11.85 35.19 22.14
CA VAL C 274 11.90 34.15 21.12
C VAL C 274 11.63 32.79 21.76
N SER C 275 10.54 32.14 21.32
CA SER C 275 10.21 30.73 21.61
C SER C 275 9.74 30.50 23.05
N TYR C 276 9.45 29.23 23.39
CA TYR C 276 8.90 28.90 24.71
C TYR C 276 9.86 29.28 25.83
N GLY C 277 9.29 29.69 26.94
CA GLY C 277 10.09 30.13 28.07
C GLY C 277 10.69 31.50 27.93
N ALA C 278 10.62 32.11 26.74
CA ALA C 278 11.23 33.42 26.49
C ALA C 278 12.69 33.44 26.95
N THR C 279 13.41 32.34 26.67
CA THR C 279 14.81 32.18 27.04
C THR C 279 15.75 33.00 26.16
N TYR C 280 15.24 33.67 25.13
CA TYR C 280 16.07 34.45 24.22
C TYR C 280 15.34 35.74 23.90
N ILE C 281 16.05 36.86 24.04
CA ILE C 281 15.50 38.17 23.71
C ILE C 281 16.37 38.76 22.61
N ALA C 282 15.75 39.08 21.49
CA ALA C 282 16.55 39.60 20.40
C ALA C 282 16.82 41.10 20.60
N GLU C 283 17.88 41.56 19.94
CA GLU C 283 18.17 42.98 19.86
C GLU C 283 17.20 43.65 18.90
N PRO C 284 17.02 44.96 19.00
CA PRO C 284 16.03 45.63 18.12
C PRO C 284 16.34 45.52 16.63
N ASN C 285 17.59 45.28 16.24
CA ASN C 285 17.88 45.09 14.83
C ASN C 285 18.22 43.64 14.51
N GLU C 286 17.96 42.74 15.45
CA GLU C 286 18.27 41.34 15.23
C GLU C 286 17.25 40.71 14.29
N VAL C 287 17.73 39.86 13.40
CA VAL C 287 16.91 39.21 12.41
C VAL C 287 16.77 37.75 12.83
N ILE C 288 15.53 37.30 12.98
CA ILE C 288 15.22 35.94 13.40
C ILE C 288 14.58 35.20 12.24
N ALA C 289 15.07 34.00 11.97
CA ALA C 289 14.55 33.15 10.93
C ALA C 289 13.96 31.90 11.55
N THR C 290 12.80 31.49 11.03
CA THR C 290 12.09 30.32 11.55
C THR C 290 12.21 29.17 10.57
N LEU C 291 12.56 27.99 11.09
CA LEU C 291 12.85 26.78 10.34
C LEU C 291 11.90 25.65 10.72
N PRO C 292 11.37 24.89 9.72
CA PRO C 292 10.36 23.85 9.98
C PRO C 292 10.98 22.50 10.36
N ILE C 293 11.73 22.49 11.46
CA ILE C 293 12.21 21.26 12.08
C ILE C 293 12.12 21.48 13.58
N GLY C 294 11.75 20.43 14.31
CA GLY C 294 11.66 20.49 15.75
C GLY C 294 12.04 19.17 16.36
N TYR C 295 11.76 19.00 17.66
CA TYR C 295 12.18 17.79 18.35
C TYR C 295 11.35 16.58 17.96
N ALA C 296 10.10 16.77 17.52
CA ALA C 296 9.34 15.63 17.03
C ALA C 296 9.97 15.02 15.80
N ASP C 297 10.81 15.78 15.08
CA ASP C 297 11.54 15.28 13.92
C ASP C 297 12.81 14.51 14.30
N GLY C 298 13.21 14.51 15.56
CA GLY C 298 14.52 14.02 15.96
C GLY C 298 15.56 15.09 16.24
N TYR C 299 15.25 16.37 16.01
CA TYR C 299 16.20 17.44 16.34
C TYR C 299 16.07 17.77 17.84
N SER C 300 16.96 17.18 18.64
CA SER C 300 16.84 17.18 20.09
C SER C 300 16.59 18.57 20.66
N ARG C 301 15.64 18.62 21.61
CA ARG C 301 15.36 19.85 22.33
C ARG C 301 16.56 20.33 23.12
N ALA C 302 17.52 19.43 23.36
CA ALA C 302 18.73 19.75 24.10
C ALA C 302 19.62 20.75 23.37
N LEU C 303 19.43 20.92 22.06
CA LEU C 303 20.15 21.91 21.28
C LEU C 303 19.54 23.30 21.40
N SER C 304 18.67 23.49 22.39
CA SER C 304 17.84 24.69 22.49
C SER C 304 18.66 25.97 22.38
N ASN C 305 19.60 26.22 23.26
CA ASN C 305 20.30 27.49 23.04
C ASN C 305 21.76 27.26 22.71
N ARG C 306 22.01 26.21 21.94
CA ARG C 306 23.35 25.70 21.72
C ARG C 306 23.60 25.23 20.32
N GLY C 307 22.58 24.78 19.60
CA GLY C 307 22.79 24.22 18.30
C GLY C 307 23.12 25.28 17.30
N PHE C 308 23.50 24.80 16.11
CA PHE C 308 23.83 25.67 15.00
C PHE C 308 23.25 25.04 13.75
N VAL C 309 22.97 25.88 12.76
CA VAL C 309 22.69 25.41 11.41
C VAL C 309 23.58 26.20 10.44
N LEU C 310 23.53 25.80 9.18
CA LEU C 310 24.30 26.41 8.11
C LEU C 310 23.36 27.25 7.27
N HIS C 311 23.56 28.57 7.31
CA HIS C 311 22.88 29.48 6.40
C HIS C 311 23.96 30.25 5.67
N ARG C 312 23.97 30.11 4.34
CA ARG C 312 24.96 30.72 3.48
C ARG C 312 26.39 30.49 3.99
N GLY C 313 26.73 29.22 4.10
CA GLY C 313 28.07 28.84 4.50
C GLY C 313 28.47 29.23 5.90
N LYS C 314 27.62 29.96 6.63
CA LYS C 314 27.95 30.41 7.99
C LYS C 314 27.10 29.67 9.02
N ARG C 315 27.74 29.32 10.13
CA ARG C 315 27.01 28.80 11.28
C ARG C 315 26.20 29.91 11.91
N VAL C 316 24.88 29.72 11.98
CA VAL C 316 24.02 30.65 12.71
C VAL C 316 23.40 29.93 13.90
N PRO C 317 23.40 30.55 15.07
CA PRO C 317 22.99 29.83 16.28
C PRO C 317 21.49 29.66 16.39
N VAL C 318 21.11 28.56 17.03
CA VAL C 318 19.72 28.35 17.40
C VAL C 318 19.36 29.33 18.50
N ALA C 319 18.26 30.06 18.30
CA ALA C 319 17.78 31.09 19.22
C ALA C 319 16.53 30.59 19.94
N GLY C 320 16.63 30.40 21.26
CA GLY C 320 15.47 30.03 22.04
C GLY C 320 15.30 28.53 22.11
N ARG C 321 14.14 28.13 22.62
CA ARG C 321 13.88 26.71 22.78
C ARG C 321 13.50 26.08 21.45
N VAL C 322 14.08 24.90 21.18
CA VAL C 322 13.52 24.03 20.15
C VAL C 322 12.07 23.73 20.53
N THR C 323 11.18 23.87 19.57
CA THR C 323 9.79 23.47 19.76
C THR C 323 9.54 22.21 18.94
N MET C 324 8.29 21.73 18.96
CA MET C 324 7.99 20.40 18.43
C MET C 324 8.23 20.34 16.94
N ASP C 325 7.90 21.42 16.22
CA ASP C 325 7.94 21.40 14.77
C ASP C 325 8.75 22.54 14.17
N MET C 326 9.34 23.41 15.00
CA MET C 326 9.99 24.60 14.49
C MET C 326 11.15 24.98 15.40
N ILE C 327 12.20 25.53 14.79
CA ILE C 327 13.28 26.19 15.52
C ILE C 327 13.44 27.60 14.98
N MET C 328 13.97 28.47 15.83
CA MET C 328 14.33 29.82 15.43
C MET C 328 15.84 29.94 15.41
N VAL C 329 16.38 30.60 14.39
CA VAL C 329 17.80 30.88 14.39
C VAL C 329 17.98 32.39 14.30
N SER C 330 19.14 32.86 14.73
CA SER C 330 19.47 34.27 14.68
C SER C 330 20.45 34.50 13.53
N LEU C 331 20.07 35.34 12.59
CA LEU C 331 21.00 35.78 11.57
C LEU C 331 21.84 36.97 12.01
N GLY C 332 21.66 37.43 13.24
CA GLY C 332 22.44 38.53 13.76
C GLY C 332 21.87 39.88 13.38
N GLU C 333 22.60 40.92 13.78
CA GLU C 333 22.15 42.30 13.57
C GLU C 333 22.10 42.59 12.08
N ASN C 334 20.92 43.03 11.62
CA ASN C 334 20.69 43.28 10.19
C ASN C 334 21.13 42.06 9.37
N GLY C 335 20.30 41.03 9.34
CA GLY C 335 20.72 39.68 9.03
C GLY C 335 21.20 39.40 7.63
N GLU C 336 20.35 39.62 6.64
CA GLU C 336 20.48 39.12 5.27
C GLU C 336 20.06 37.65 5.19
N GLY C 337 18.79 37.46 4.92
CA GLY C 337 18.22 36.14 4.78
C GLY C 337 16.83 36.35 4.25
N LYS C 338 16.34 35.40 3.46
CA LYS C 338 15.06 35.52 2.81
C LYS C 338 14.22 34.28 3.13
N GLN C 339 12.91 34.48 3.13
CA GLN C 339 11.98 33.36 3.14
C GLN C 339 12.29 32.46 1.94
N GLY C 340 12.68 31.21 2.21
CA GLY C 340 12.98 30.23 1.19
C GLY C 340 14.42 29.77 1.14
N ASP C 341 15.35 30.53 1.75
CA ASP C 341 16.76 30.16 1.71
C ASP C 341 16.95 28.74 2.22
N GLU C 342 17.76 27.97 1.51
CA GLU C 342 18.06 26.61 1.92
C GLU C 342 18.98 26.64 3.14
N VAL C 343 18.67 25.81 4.13
CA VAL C 343 19.46 25.71 5.35
C VAL C 343 19.81 24.24 5.58
N VAL C 344 21.05 23.98 5.95
CA VAL C 344 21.54 22.64 6.20
C VAL C 344 21.68 22.49 7.71
N ILE C 345 21.05 21.46 8.26
CA ILE C 345 21.09 21.18 9.68
C ILE C 345 22.12 20.12 10.01
N TYR C 346 22.19 19.07 9.22
CA TYR C 346 23.27 18.10 9.26
C TYR C 346 23.84 18.03 7.85
N GLY C 347 25.15 18.20 7.72
CA GLY C 347 25.71 18.09 6.41
C GLY C 347 26.65 19.24 6.12
N LYS C 348 26.78 19.52 4.82
CA LYS C 348 27.75 20.47 4.30
C LYS C 348 27.03 21.55 3.53
N GLN C 349 27.52 22.79 3.66
CA GLN C 349 27.03 23.91 2.86
C GLN C 349 28.19 24.83 2.56
N LYS C 350 28.42 25.09 1.27
CA LYS C 350 29.61 25.77 0.80
C LYS C 350 30.84 25.13 1.44
N GLY C 351 31.59 25.91 2.21
CA GLY C 351 32.73 25.33 2.89
C GLY C 351 32.45 24.74 4.25
N ALA C 352 31.27 25.00 4.81
CA ALA C 352 30.99 24.65 6.20
C ALA C 352 30.36 23.28 6.33
N GLU C 353 30.60 22.64 7.47
CA GLU C 353 30.04 21.33 7.75
C GLU C 353 29.57 21.26 9.19
N ILE C 354 28.37 20.71 9.39
CA ILE C 354 27.88 20.26 10.70
C ILE C 354 27.63 18.76 10.54
N SER C 355 28.51 17.95 11.07
CA SER C 355 28.40 16.52 10.88
C SER C 355 27.60 15.90 12.03
N VAL C 356 27.01 14.73 11.76
CA VAL C 356 26.24 14.06 12.82
C VAL C 356 27.16 13.65 13.96
N ASP C 357 28.48 13.61 13.71
CA ASP C 357 29.43 13.32 14.77
C ASP C 357 29.56 14.50 15.74
N GLU C 358 29.64 15.73 15.20
CA GLU C 358 29.68 16.91 16.04
C GLU C 358 28.39 17.05 16.84
N VAL C 359 27.24 16.96 16.15
CA VAL C 359 25.94 17.06 16.83
C VAL C 359 25.85 16.04 17.95
N ALA C 360 26.30 14.80 17.67
CA ALA C 360 26.25 13.73 18.66
C ALA C 360 27.20 13.98 19.83
N GLU C 361 28.40 14.50 19.57
CA GLU C 361 29.28 14.89 20.67
C GLU C 361 28.60 15.99 21.49
N MET C 362 27.94 16.92 20.81
CA MET C 362 27.18 17.98 21.48
C MET C 362 26.07 17.43 22.36
N LEU C 363 25.45 16.31 21.97
CA LEU C 363 24.38 15.72 22.76
C LEU C 363 24.88 14.67 23.72
N ASN C 364 26.19 14.42 23.74
CA ASN C 364 26.80 13.36 24.55
C ASN C 364 26.20 11.99 24.19
N THR C 365 26.10 11.72 22.90
CA THR C 365 25.67 10.43 22.41
C THR C 365 26.54 10.07 21.22
N ILE C 366 26.12 9.08 20.44
CA ILE C 366 26.87 8.57 19.31
C ILE C 366 26.13 8.93 18.02
N ASN C 367 26.86 8.88 16.90
CA ASN C 367 26.24 9.19 15.62
C ASN C 367 25.07 8.25 15.31
N TYR C 368 25.19 6.97 15.70
CA TYR C 368 24.11 5.99 15.61
C TYR C 368 22.77 6.58 16.05
N GLU C 369 22.73 7.19 17.23
CA GLU C 369 21.43 7.62 17.72
C GLU C 369 20.93 8.85 17.01
N VAL C 370 21.83 9.74 16.58
CA VAL C 370 21.39 10.95 15.89
C VAL C 370 20.68 10.59 14.59
N VAL C 371 21.27 9.69 13.81
CA VAL C 371 20.69 9.41 12.51
C VAL C 371 19.50 8.48 12.64
N SER C 372 19.58 7.49 13.53
CA SER C 372 18.53 6.48 13.58
C SER C 372 17.25 6.98 14.24
N THR C 373 17.28 8.11 14.95
CA THR C 373 16.08 8.70 15.53
C THR C 373 15.49 9.81 14.67
N LEU C 374 15.91 9.94 13.41
CA LEU C 374 15.23 10.89 12.53
C LEU C 374 13.84 10.38 12.20
N SER C 375 12.84 11.22 12.46
CA SER C 375 11.46 10.77 12.36
C SER C 375 11.11 10.42 10.92
N ARG C 376 10.18 9.48 10.75
CA ARG C 376 9.69 9.15 9.42
C ARG C 376 8.79 10.23 8.83
N ARG C 377 8.38 11.24 9.57
CA ARG C 377 7.63 12.28 8.86
C ARG C 377 8.52 13.22 8.05
N ILE C 378 9.84 13.07 8.12
CA ILE C 378 10.75 13.78 7.23
C ILE C 378 10.90 12.96 5.95
N PRO C 379 10.48 13.46 4.80
CA PRO C 379 10.65 12.70 3.58
C PRO C 379 12.14 12.52 3.27
N ARG C 380 12.48 11.31 2.83
CA ARG C 380 13.82 11.01 2.34
C ARG C 380 13.85 11.14 0.82
N PHE C 381 14.87 11.81 0.31
CA PHE C 381 15.20 11.83 -1.10
C PHE C 381 16.56 11.19 -1.30
N TYR C 382 16.70 10.46 -2.40
CA TYR C 382 17.90 9.68 -2.67
C TYR C 382 18.61 10.28 -3.86
N ILE C 383 19.93 10.46 -3.73
CA ILE C 383 20.79 10.90 -4.82
C ILE C 383 21.57 9.67 -5.31
N ARG C 384 21.41 9.36 -6.59
CA ARG C 384 22.17 8.32 -7.24
C ARG C 384 22.60 8.85 -8.60
N ASP C 385 23.91 8.84 -8.85
CA ASP C 385 24.48 9.40 -10.07
C ASP C 385 24.00 10.83 -10.28
N GLY C 386 24.06 11.63 -9.21
CA GLY C 386 23.75 13.05 -9.26
C GLY C 386 22.28 13.41 -9.40
N GLU C 387 21.39 12.42 -9.47
CA GLU C 387 19.98 12.66 -9.69
C GLU C 387 19.17 12.30 -8.44
N ILE C 388 18.14 13.10 -8.17
CA ILE C 388 17.31 12.99 -6.98
C ILE C 388 16.02 12.27 -7.34
N PHE C 389 15.62 11.31 -6.52
CA PHE C 389 14.36 10.56 -6.69
C PHE C 389 13.86 10.13 -5.31
N LYS C 390 12.80 9.32 -5.28
CA LYS C 390 12.41 8.66 -4.01
C LYS C 390 11.53 7.42 -4.22
N MET D 5 -4.41 -12.70 23.54
CA MET D 5 -3.56 -11.58 23.88
C MET D 5 -3.07 -10.83 22.64
N ILE D 6 -1.94 -10.13 22.81
CA ILE D 6 -1.30 -9.31 21.78
C ILE D 6 -0.16 -10.12 21.18
N LYS D 7 -0.17 -10.28 19.86
CA LYS D 7 0.78 -11.16 19.19
C LYS D 7 1.67 -10.36 18.24
N LEU D 8 2.96 -10.32 18.54
CA LEU D 8 3.94 -9.58 17.78
C LEU D 8 5.17 -10.44 17.56
N CYS D 9 5.86 -10.17 16.45
CA CYS D 9 7.18 -10.76 16.25
C CYS D 9 8.19 -10.13 17.20
N ARG D 10 8.31 -8.81 17.17
CA ARG D 10 9.13 -8.04 18.09
C ARG D 10 8.19 -7.50 19.16
N GLU D 11 8.38 -7.96 20.39
CA GLU D 11 7.35 -7.81 21.42
C GLU D 11 7.53 -6.52 22.23
N VAL D 12 7.39 -5.40 21.52
CA VAL D 12 7.28 -4.07 22.11
C VAL D 12 6.08 -3.40 21.48
N TRP D 13 5.30 -2.68 22.28
CA TRP D 13 4.12 -2.02 21.75
C TRP D 13 3.72 -0.85 22.64
N ILE D 14 2.84 -0.01 22.10
CA ILE D 14 2.29 1.13 22.80
C ILE D 14 0.80 0.88 22.99
N GLU D 15 0.29 1.13 24.18
CA GLU D 15 -1.14 1.11 24.45
C GLU D 15 -1.62 2.55 24.68
N VAL D 16 -2.56 3.01 23.86
CA VAL D 16 -3.18 4.32 24.00
C VAL D 16 -4.59 4.11 24.53
N ASN D 17 -4.85 4.63 25.72
CA ASN D 17 -6.16 4.48 26.35
C ASN D 17 -7.02 5.61 25.85
N LEU D 18 -7.95 5.30 24.95
CA LEU D 18 -8.85 6.34 24.47
C LEU D 18 -9.94 6.67 25.47
N ASP D 19 -10.23 5.77 26.42
CA ASP D 19 -11.05 6.14 27.56
C ASP D 19 -10.43 7.31 28.32
N ALA D 20 -9.10 7.29 28.52
CA ALA D 20 -8.46 8.42 29.18
C ALA D 20 -8.63 9.69 28.35
N VAL D 21 -8.38 9.58 27.03
CA VAL D 21 -8.54 10.72 26.12
C VAL D 21 -9.92 11.34 26.29
N LYS D 22 -10.97 10.52 26.33
CA LYS D 22 -12.33 11.05 26.49
C LYS D 22 -12.50 11.74 27.84
N LYS D 23 -11.91 11.16 28.90
CA LYS D 23 -11.97 11.83 30.20
C LYS D 23 -11.28 13.18 30.16
N ASN D 24 -10.12 13.25 29.50
CA ASN D 24 -9.39 14.50 29.44
C ASN D 24 -10.16 15.57 28.70
N LEU D 25 -10.89 15.19 27.64
CA LEU D 25 -11.69 16.18 26.93
C LEU D 25 -12.80 16.71 27.83
N ARG D 26 -13.59 15.80 28.43
CA ARG D 26 -14.67 16.19 29.33
C ARG D 26 -14.17 17.13 30.43
N ALA D 27 -13.00 16.82 31.02
CA ALA D 27 -12.42 17.69 32.04
C ALA D 27 -12.20 19.11 31.49
N ILE D 28 -11.59 19.23 30.31
CA ILE D 28 -11.35 20.55 29.76
C ILE D 28 -12.66 21.20 29.35
N ARG D 29 -13.56 20.42 28.75
CA ARG D 29 -14.86 20.94 28.33
C ARG D 29 -15.58 21.58 29.51
N ARG D 30 -15.49 20.97 30.68
CA ARG D 30 -16.13 21.46 31.89
C ARG D 30 -15.39 22.65 32.51
N HIS D 31 -14.20 22.94 32.04
CA HIS D 31 -13.41 24.04 32.61
C HIS D 31 -13.61 25.33 31.83
N ILE D 32 -13.66 25.25 30.51
CA ILE D 32 -13.65 26.45 29.69
C ILE D 32 -15.08 26.91 29.49
N PRO D 33 -15.32 28.19 29.18
CA PRO D 33 -16.68 28.66 28.94
C PRO D 33 -17.40 27.80 27.90
N HIS D 34 -18.72 27.68 28.09
CA HIS D 34 -19.51 26.75 27.29
C HIS D 34 -19.45 27.06 25.80
N LYS D 35 -19.20 28.31 25.44
CA LYS D 35 -19.33 28.76 24.06
C LYS D 35 -18.03 28.65 23.27
N SER D 36 -16.91 28.27 23.89
CA SER D 36 -15.65 28.09 23.20
C SER D 36 -15.54 26.66 22.73
N LYS D 37 -15.27 26.48 21.44
CA LYS D 37 -15.03 25.14 20.89
C LYS D 37 -13.64 24.65 21.28
N ILE D 38 -13.43 23.36 21.12
CA ILE D 38 -12.13 22.75 21.37
C ILE D 38 -11.51 22.33 20.05
N MET D 39 -10.29 22.79 19.80
CA MET D 39 -9.48 22.32 18.69
C MET D 39 -8.51 21.29 19.28
N ALA D 40 -8.58 20.06 18.80
CA ALA D 40 -7.70 19.01 19.30
C ALA D 40 -6.43 19.02 18.46
N VAL D 41 -5.28 19.14 19.12
CA VAL D 41 -4.00 19.31 18.45
C VAL D 41 -3.38 17.93 18.28
N VAL D 42 -3.25 17.48 17.04
CA VAL D 42 -2.80 16.12 16.80
C VAL D 42 -1.58 16.10 15.89
N1 LLP D 43 -0.88 25.94 19.56
C2 LLP D 43 0.20 25.97 18.78
C2' LLP D 43 0.46 27.25 17.94
C3 LLP D 43 1.06 24.84 18.75
O3 LLP D 43 2.22 24.82 17.94
C4 LLP D 43 0.76 23.74 19.55
C4' LLP D 43 1.69 22.49 19.52
C5 LLP D 43 -0.40 23.79 20.34
C6 LLP D 43 -1.18 24.93 20.33
C5' LLP D 43 -0.83 22.67 21.30
OP4 LLP D 43 -0.39 23.18 22.54
P LLP D 43 -0.22 22.31 23.95
OP1 LLP D 43 0.21 20.88 23.68
OP2 LLP D 43 0.81 22.96 24.83
OP3 LLP D 43 -1.56 22.31 24.66
N LLP D 43 -0.80 17.19 15.89
CA LLP D 43 0.44 17.19 15.13
CB LLP D 43 1.19 18.53 15.25
CG LLP D 43 0.49 19.60 16.01
CD LLP D 43 1.43 20.77 16.42
CE LLP D 43 2.25 20.47 17.66
NZ LLP D 43 2.30 21.71 18.50
C LLP D 43 1.37 16.10 15.63
O LLP D 43 1.20 15.55 16.73
N ALA D 44 2.39 15.83 14.84
CA ALA D 44 3.47 14.92 15.22
C ALA D 44 2.92 13.55 15.59
N ASN D 45 2.02 13.05 14.75
CA ASN D 45 1.42 11.73 14.92
C ASN D 45 0.68 11.67 16.26
N GLY D 46 -0.18 12.67 16.48
CA GLY D 46 -0.90 12.78 17.74
C GLY D 46 0.03 12.74 18.94
N TYR D 47 1.10 13.54 18.88
CA TYR D 47 2.16 13.54 19.90
C TYR D 47 2.67 12.13 20.16
N GLY D 48 2.86 11.36 19.07
CA GLY D 48 3.34 10.00 19.16
C GLY D 48 2.30 8.99 19.61
N HIS D 49 1.05 9.42 19.84
CA HIS D 49 -0.03 8.51 20.19
C HIS D 49 -0.75 7.95 18.99
N GLY D 50 -0.50 8.51 17.80
CA GLY D 50 -1.21 8.13 16.59
C GLY D 50 -2.31 9.13 16.32
N SER D 51 -2.19 9.89 15.23
CA SER D 51 -3.09 11.02 15.00
C SER D 51 -4.51 10.57 14.68
N ILE D 52 -4.64 9.48 13.90
CA ILE D 52 -5.94 9.10 13.35
C ILE D 52 -6.90 8.70 14.46
N GLU D 53 -6.52 7.70 15.26
CA GLU D 53 -7.47 7.20 16.26
C GLU D 53 -7.72 8.24 17.36
N VAL D 54 -6.73 9.05 17.70
CA VAL D 54 -6.98 10.11 18.68
C VAL D 54 -7.91 11.17 18.09
N ALA D 55 -7.70 11.56 16.84
CA ALA D 55 -8.55 12.58 16.24
C ALA D 55 -9.99 12.09 16.09
N ARG D 56 -10.16 10.80 15.72
CA ARG D 56 -11.51 10.25 15.61
C ARG D 56 -12.23 10.31 16.94
N HIS D 57 -11.57 9.82 17.99
CA HIS D 57 -12.19 9.82 19.31
C HIS D 57 -12.45 11.25 19.79
N ALA D 58 -11.52 12.17 19.54
CA ALA D 58 -11.70 13.54 20.01
C ALA D 58 -12.91 14.19 19.35
N LEU D 59 -13.08 13.99 18.04
CA LEU D 59 -14.25 14.54 17.35
C LEU D 59 -15.54 13.93 17.85
N GLU D 60 -15.49 12.69 18.34
CA GLU D 60 -16.70 12.07 18.85
C GLU D 60 -17.05 12.58 20.22
N HIS D 61 -16.08 13.07 20.99
CA HIS D 61 -16.30 13.34 22.39
C HIS D 61 -15.98 14.78 22.77
N GLY D 62 -16.21 15.73 21.87
CA GLY D 62 -16.19 17.14 22.24
C GLY D 62 -15.26 18.06 21.46
N ALA D 63 -14.36 17.56 20.60
CA ALA D 63 -13.54 18.46 19.77
C ALA D 63 -14.30 18.78 18.49
N SER D 64 -14.16 20.02 18.03
CA SER D 64 -14.82 20.48 16.81
C SER D 64 -13.88 20.57 15.62
N GLU D 65 -12.60 20.85 15.87
CA GLU D 65 -11.61 21.03 14.82
C GLU D 65 -10.33 20.33 15.27
N LEU D 66 -9.40 20.20 14.35
CA LEU D 66 -8.09 19.62 14.62
C LEU D 66 -6.99 20.57 14.15
N ALA D 67 -5.80 20.38 14.69
CA ALA D 67 -4.64 21.16 14.29
C ALA D 67 -3.49 20.22 14.02
N VAL D 68 -2.74 20.46 12.95
CA VAL D 68 -1.63 19.61 12.56
C VAL D 68 -0.40 20.48 12.33
N ALA D 69 0.74 19.84 12.14
CA ALA D 69 1.95 20.60 11.87
C ALA D 69 2.14 20.89 10.39
N SER D 70 1.50 20.14 9.50
CA SER D 70 1.79 20.22 8.08
C SER D 70 0.56 19.75 7.32
N VAL D 71 0.53 20.10 6.03
CA VAL D 71 -0.55 19.64 5.16
C VAL D 71 -0.55 18.14 5.10
N GLU D 72 0.66 17.54 5.09
CA GLU D 72 0.82 16.10 5.00
C GLU D 72 0.14 15.40 6.17
N GLU D 73 0.37 15.89 7.40
CA GLU D 73 -0.33 15.33 8.56
C GLU D 73 -1.84 15.45 8.39
N GLY D 74 -2.32 16.61 7.94
CA GLY D 74 -3.75 16.80 7.77
C GLY D 74 -4.36 15.90 6.71
N ILE D 75 -3.61 15.58 5.67
CA ILE D 75 -4.16 14.72 4.62
C ILE D 75 -4.36 13.30 5.14
N VAL D 76 -3.46 12.82 6.00
CA VAL D 76 -3.62 11.50 6.61
C VAL D 76 -4.99 11.39 7.28
N LEU D 77 -5.37 12.43 8.04
CA LEU D 77 -6.69 12.46 8.66
C LEU D 77 -7.81 12.45 7.62
N ARG D 78 -7.66 13.18 6.51
CA ARG D 78 -8.71 13.18 5.50
C ARG D 78 -8.90 11.79 4.90
N LYS D 79 -7.79 11.14 4.54
CA LYS D 79 -7.82 9.77 4.03
C LYS D 79 -8.43 8.79 5.01
N ALA D 80 -8.41 9.10 6.32
CA ALA D 80 -9.09 8.31 7.32
C ALA D 80 -10.58 8.58 7.38
N GLY D 81 -11.08 9.55 6.62
CA GLY D 81 -12.50 9.83 6.58
C GLY D 81 -12.94 10.99 7.42
N ILE D 82 -12.00 11.73 7.98
CA ILE D 82 -12.33 12.85 8.85
C ILE D 82 -12.69 14.07 7.99
N THR D 83 -13.85 14.66 8.25
CA THR D 83 -14.35 15.82 7.54
C THR D 83 -14.35 17.09 8.39
N ALA D 84 -13.76 17.03 9.59
CA ALA D 84 -13.71 18.20 10.45
C ALA D 84 -12.74 19.23 9.89
N PRO D 85 -12.88 20.50 10.29
CA PRO D 85 -11.86 21.49 9.95
C PRO D 85 -10.49 21.11 10.51
N ILE D 86 -9.45 21.35 9.73
CA ILE D 86 -8.08 21.01 10.10
C ILE D 86 -7.19 22.20 9.82
N LEU D 87 -6.51 22.70 10.86
CA LEU D 87 -5.63 23.85 10.76
C LEU D 87 -4.17 23.41 10.75
N VAL D 88 -3.42 23.87 9.76
CA VAL D 88 -1.98 23.68 9.77
C VAL D 88 -1.36 24.82 10.58
N LEU D 89 -0.59 24.48 11.60
CA LEU D 89 -0.02 25.46 12.49
C LEU D 89 1.28 26.05 11.96
N GLY D 90 2.07 25.29 11.25
CA GLY D 90 3.31 25.79 10.72
C GLY D 90 3.09 26.61 9.47
N PHE D 91 4.18 26.81 8.75
CA PHE D 91 4.15 27.55 7.51
C PHE D 91 3.97 26.56 6.36
N THR D 92 3.14 26.93 5.38
CA THR D 92 2.92 26.08 4.22
C THR D 92 3.41 26.80 2.98
N SER D 93 4.26 26.11 2.22
CA SER D 93 4.78 26.70 0.99
C SER D 93 3.64 27.02 0.03
N LEU D 94 3.88 28.01 -0.83
CA LEU D 94 2.91 28.30 -1.88
C LEU D 94 2.71 27.13 -2.81
N SER D 95 3.69 26.24 -2.93
CA SER D 95 3.56 25.08 -3.80
C SER D 95 2.50 24.10 -3.30
N CYS D 96 1.99 24.24 -2.08
CA CYS D 96 0.96 23.35 -1.57
C CYS D 96 -0.40 24.00 -1.45
N VAL D 97 -0.60 25.20 -2.01
CA VAL D 97 -1.92 25.84 -1.97
C VAL D 97 -2.94 24.98 -2.71
N LYS D 98 -2.59 24.54 -3.92
CA LYS D 98 -3.46 23.67 -4.70
C LYS D 98 -3.86 22.43 -3.88
N LYS D 99 -2.86 21.80 -3.24
CA LYS D 99 -3.13 20.61 -2.45
C LYS D 99 -4.03 20.92 -1.25
N SER D 100 -3.78 22.02 -0.53
CA SER D 100 -4.58 22.27 0.66
C SER D 100 -6.02 22.58 0.29
N ALA D 101 -6.22 23.33 -0.79
CA ALA D 101 -7.59 23.63 -1.19
C ALA D 101 -8.33 22.36 -1.58
N ALA D 102 -7.61 21.40 -2.18
CA ALA D 102 -8.27 20.18 -2.65
C ALA D 102 -8.66 19.28 -1.49
N TRP D 103 -7.88 19.25 -0.42
CA TRP D 103 -8.17 18.44 0.75
C TRP D 103 -8.90 19.22 1.84
N ASN D 104 -9.38 20.42 1.52
CA ASN D 104 -10.00 21.37 2.45
C ASN D 104 -9.26 21.43 3.79
N ILE D 105 -8.00 21.81 3.70
CA ILE D 105 -7.14 21.95 4.86
C ILE D 105 -6.90 23.43 5.08
N THR D 106 -7.15 23.89 6.31
CA THR D 106 -7.04 25.29 6.65
C THR D 106 -5.57 25.62 6.89
N LEU D 107 -5.08 26.66 6.24
CA LEU D 107 -3.68 27.02 6.42
C LEU D 107 -3.58 28.31 7.24
N SER D 108 -2.53 28.43 8.01
CA SER D 108 -2.27 29.70 8.67
C SER D 108 -1.33 30.51 7.80
N ALA D 109 -1.64 31.79 7.68
CA ALA D 109 -0.83 32.69 6.87
C ALA D 109 -0.80 34.04 7.55
N PHE D 110 0.20 34.84 7.18
CA PHE D 110 0.47 36.06 7.92
C PHE D 110 1.24 37.09 7.09
N GLN D 111 1.25 36.98 5.76
CA GLN D 111 1.96 37.92 4.91
C GLN D 111 1.03 38.32 3.79
N VAL D 112 1.12 39.60 3.40
CA VAL D 112 0.27 40.13 2.33
C VAL D 112 0.54 39.41 1.01
N ASP D 113 1.80 39.16 0.71
CA ASP D 113 2.11 38.64 -0.62
C ASP D 113 1.85 37.14 -0.72
N TRP D 114 1.99 36.40 0.40
CA TRP D 114 1.55 35.01 0.41
C TRP D 114 0.07 34.90 0.06
N MET D 115 -0.77 35.72 0.72
CA MET D 115 -2.19 35.79 0.39
C MET D 115 -2.42 36.09 -1.08
N LYS D 116 -1.65 37.04 -1.63
CA LYS D 116 -1.85 37.45 -3.02
C LYS D 116 -1.52 36.28 -3.94
N GLU D 117 -0.36 35.66 -3.72
CA GLU D 117 0.08 34.59 -4.59
C GLU D 117 -0.77 33.33 -4.42
N ALA D 118 -1.22 33.05 -3.20
CA ALA D 118 -2.10 31.90 -3.01
C ALA D 118 -3.40 32.10 -3.77
N ASN D 119 -3.93 33.32 -3.74
CA ASN D 119 -5.19 33.60 -4.39
C ASN D 119 -5.04 33.56 -5.92
N GLU D 120 -3.91 34.02 -6.43
CA GLU D 120 -3.69 33.90 -7.86
C GLU D 120 -3.61 32.43 -8.26
N ILE D 121 -2.91 31.61 -7.48
CA ILE D 121 -2.78 30.19 -7.80
C ILE D 121 -4.15 29.54 -7.88
N LEU D 122 -5.03 29.85 -6.93
CA LEU D 122 -6.35 29.21 -6.93
C LEU D 122 -7.24 29.79 -8.02
N GLU D 123 -7.01 31.04 -8.40
CA GLU D 123 -7.73 31.63 -9.52
C GLU D 123 -7.34 30.97 -10.83
N LYS D 124 -6.03 30.87 -11.09
CA LYS D 124 -5.54 30.37 -12.38
C LYS D 124 -5.89 28.90 -12.56
N GLU D 125 -5.60 28.07 -11.55
CA GLU D 125 -6.03 26.67 -11.58
C GLU D 125 -7.53 26.52 -11.40
N ALA D 126 -8.26 27.64 -11.31
CA ALA D 126 -9.73 27.64 -11.30
C ALA D 126 -10.26 26.63 -10.28
N SER D 127 -9.69 26.70 -9.07
CA SER D 127 -10.13 25.84 -7.98
C SER D 127 -11.61 26.05 -7.70
N ALA D 128 -12.30 24.95 -7.44
CA ALA D 128 -13.66 25.07 -6.97
C ALA D 128 -13.70 25.39 -5.48
N ASN D 129 -12.71 24.95 -4.73
CA ASN D 129 -12.71 25.11 -3.28
C ASN D 129 -11.99 26.39 -2.90
N ARG D 130 -12.63 27.17 -2.04
CA ARG D 130 -11.98 28.33 -1.44
C ARG D 130 -11.08 27.85 -0.31
N LEU D 131 -9.85 28.35 -0.27
CA LEU D 131 -8.90 27.98 0.76
C LEU D 131 -9.17 28.75 2.05
N ALA D 132 -9.48 28.03 3.14
CA ALA D 132 -9.67 28.65 4.44
C ALA D 132 -8.33 29.04 5.06
N ILE D 133 -8.29 30.24 5.64
CA ILE D 133 -7.09 30.82 6.19
C ILE D 133 -7.33 31.25 7.63
N HIS D 134 -6.35 31.00 8.50
CA HIS D 134 -6.23 31.65 9.78
C HIS D 134 -5.00 32.55 9.76
N ILE D 135 -5.14 33.77 10.29
CA ILE D 135 -4.01 34.66 10.44
C ILE D 135 -3.37 34.41 11.79
N ASN D 136 -2.07 34.12 11.78
CA ASN D 136 -1.28 34.01 12.97
C ASN D 136 -0.76 35.40 13.34
N VAL D 137 -1.05 35.85 14.55
CA VAL D 137 -0.53 37.11 15.07
C VAL D 137 0.57 36.79 16.07
N ASP D 138 1.78 37.26 15.81
CA ASP D 138 2.90 37.05 16.73
C ASP D 138 2.86 38.16 17.78
N THR D 139 2.55 37.77 19.03
CA THR D 139 2.49 38.69 20.15
C THR D 139 3.60 38.43 21.17
N GLY D 140 4.67 37.75 20.77
CA GLY D 140 5.75 37.52 21.72
C GLY D 140 6.40 36.16 21.65
N MET D 141 5.74 35.21 20.98
CA MET D 141 6.38 33.93 20.68
C MET D 141 7.60 34.10 19.78
N GLY D 142 7.58 35.07 18.85
CA GLY D 142 8.71 35.23 17.96
C GLY D 142 8.90 34.14 16.94
N ARG D 143 7.88 33.33 16.67
CA ARG D 143 8.03 32.18 15.80
C ARG D 143 7.45 32.46 14.41
N LEU D 144 6.14 32.48 14.30
CA LEU D 144 5.48 32.88 13.07
C LEU D 144 4.44 33.94 13.40
N GLY D 145 4.01 34.69 12.39
CA GLY D 145 2.88 35.56 12.54
C GLY D 145 3.25 37.03 12.40
N VAL D 146 2.23 37.83 12.13
CA VAL D 146 2.40 39.27 11.93
C VAL D 146 2.53 39.96 13.28
N ARG D 147 3.36 41.01 13.34
CA ARG D 147 3.75 41.58 14.62
C ARG D 147 3.25 42.99 14.89
N THR D 148 2.77 43.72 13.89
CA THR D 148 2.26 45.07 14.09
C THR D 148 0.81 45.14 13.67
N LYS D 149 0.08 46.14 14.19
CA LYS D 149 -1.32 46.26 13.82
C LYS D 149 -1.46 46.81 12.40
N GLU D 150 -0.51 47.63 11.96
CA GLU D 150 -0.48 48.09 10.58
C GLU D 150 -0.33 46.94 9.61
N GLU D 151 0.68 46.09 9.82
CA GLU D 151 0.88 44.96 8.93
C GLU D 151 -0.27 43.96 9.04
N LEU D 152 -0.82 43.78 10.24
CA LEU D 152 -1.99 42.93 10.39
C LEU D 152 -3.14 43.44 9.54
N LEU D 153 -3.38 44.77 9.56
CA LEU D 153 -4.50 45.32 8.79
C LEU D 153 -4.32 45.06 7.30
N GLU D 154 -3.11 45.28 6.79
CA GLU D 154 -2.86 45.01 5.39
C GLU D 154 -3.06 43.53 5.08
N VAL D 155 -2.60 42.65 5.97
CA VAL D 155 -2.78 41.23 5.72
C VAL D 155 -4.27 40.89 5.65
N VAL D 156 -5.06 41.42 6.62
CA VAL D 156 -6.50 41.23 6.58
C VAL D 156 -7.08 41.77 5.27
N LYS D 157 -6.68 42.98 4.87
CA LYS D 157 -7.21 43.60 3.65
C LYS D 157 -6.87 42.78 2.41
N ALA D 158 -5.63 42.25 2.34
CA ALA D 158 -5.30 41.33 1.25
C ALA D 158 -6.20 40.10 1.26
N LEU D 159 -6.45 39.53 2.43
CA LEU D 159 -7.22 38.29 2.50
C LEU D 159 -8.69 38.53 2.13
N LYS D 160 -9.30 39.57 2.71
CA LYS D 160 -10.69 39.89 2.40
C LYS D 160 -10.87 40.30 0.95
N ALA D 161 -9.81 40.74 0.29
CA ALA D 161 -9.90 41.09 -1.12
C ALA D 161 -9.75 39.87 -2.03
N SER D 162 -9.42 38.70 -1.47
CA SER D 162 -9.09 37.50 -2.25
C SER D 162 -10.30 36.56 -2.32
N LYS D 163 -10.93 36.51 -3.50
CA LYS D 163 -12.19 35.78 -3.67
C LYS D 163 -12.04 34.28 -3.44
N PHE D 164 -10.85 33.72 -3.66
CA PHE D 164 -10.62 32.29 -3.54
C PHE D 164 -10.05 31.90 -2.19
N LEU D 165 -9.91 32.84 -1.27
CA LEU D 165 -9.56 32.55 0.12
C LEU D 165 -10.75 32.85 1.01
N ARG D 166 -10.73 32.27 2.21
CA ARG D 166 -11.82 32.45 3.16
C ARG D 166 -11.21 32.66 4.53
N TRP D 167 -11.52 33.79 5.16
CA TRP D 167 -10.99 34.11 6.48
C TRP D 167 -11.85 33.44 7.55
N THR D 168 -11.29 32.44 8.24
CA THR D 168 -12.07 31.69 9.21
C THR D 168 -11.49 31.71 10.62
N GLY D 169 -10.31 32.27 10.82
CA GLY D 169 -9.77 32.32 12.16
C GLY D 169 -8.66 33.33 12.28
N ILE D 170 -8.37 33.69 13.52
CA ILE D 170 -7.24 34.53 13.85
C ILE D 170 -6.74 34.11 15.22
N PHE D 171 -5.42 34.01 15.37
CA PHE D 171 -4.90 33.41 16.59
C PHE D 171 -3.50 33.92 16.90
N THR D 172 -3.10 33.62 18.13
CA THR D 172 -1.78 33.88 18.63
C THR D 172 -1.44 32.77 19.61
N HIS D 173 -0.16 32.66 19.95
CA HIS D 173 0.32 31.60 20.82
C HIS D 173 1.10 32.20 21.96
N PHE D 174 0.76 31.80 23.18
CA PHE D 174 1.49 32.24 24.36
C PHE D 174 2.73 31.40 24.54
N SER D 175 3.84 32.04 24.91
CA SER D 175 5.10 31.34 25.08
C SER D 175 5.39 30.93 26.51
N THR D 176 4.68 31.47 27.50
CA THR D 176 4.99 31.24 28.91
C THR D 176 3.72 31.10 29.75
N ALA D 177 2.65 30.55 29.17
CA ALA D 177 1.42 30.37 29.94
C ALA D 177 1.48 29.19 30.89
N ASP D 178 2.57 28.41 30.86
CA ASP D 178 2.78 27.27 31.75
C ASP D 178 3.64 27.63 32.95
N GLU D 179 4.05 28.90 33.08
CA GLU D 179 4.97 29.36 34.11
C GLU D 179 4.24 30.16 35.19
N PRO D 180 4.79 30.21 36.40
CA PRO D 180 4.14 31.03 37.45
C PRO D 180 4.09 32.50 37.11
N ASP D 181 5.16 33.05 36.56
CA ASP D 181 5.20 34.47 36.22
C ASP D 181 4.32 34.72 35.01
N THR D 182 3.15 35.32 35.23
CA THR D 182 2.18 35.59 34.18
C THR D 182 2.39 36.93 33.47
N THR D 183 3.56 37.56 33.65
CA THR D 183 3.76 38.89 33.09
C THR D 183 3.66 38.87 31.57
N LEU D 184 4.50 38.05 30.93
CA LEU D 184 4.50 37.99 29.48
C LEU D 184 3.15 37.54 28.93
N THR D 185 2.47 36.63 29.62
CA THR D 185 1.19 36.15 29.10
C THR D 185 0.15 37.27 29.08
N LYS D 186 0.09 38.09 30.13
CA LYS D 186 -0.83 39.22 30.13
C LYS D 186 -0.44 40.26 29.09
N LEU D 187 0.86 40.49 28.91
CA LEU D 187 1.29 41.39 27.85
C LEU D 187 0.81 40.89 26.49
N GLN D 188 1.00 39.59 26.25
CA GLN D 188 0.55 38.99 24.99
C GLN D 188 -0.95 39.15 24.80
N HIS D 189 -1.74 38.74 25.79
CA HIS D 189 -3.18 38.93 25.69
C HIS D 189 -3.54 40.40 25.42
N GLU D 190 -2.95 41.31 26.21
CA GLU D 190 -3.19 42.74 26.03
C GLU D 190 -2.92 43.18 24.60
N LYS D 191 -1.73 42.83 24.09
CA LYS D 191 -1.38 43.20 22.71
C LYS D 191 -2.35 42.58 21.70
N PHE D 192 -2.68 41.30 21.87
CA PHE D 192 -3.62 40.63 20.97
C PHE D 192 -4.97 41.31 20.96
N ILE D 193 -5.53 41.57 22.14
CA ILE D 193 -6.81 42.27 22.22
C ILE D 193 -6.71 43.64 21.58
N SER D 194 -5.57 44.31 21.76
CA SER D 194 -5.36 45.62 21.14
C SER D 194 -5.42 45.54 19.63
N PHE D 195 -4.73 44.53 19.04
CA PHE D 195 -4.78 44.36 17.59
C PHE D 195 -6.19 44.04 17.11
N LEU D 196 -6.90 43.15 17.81
CA LEU D 196 -8.28 42.85 17.41
C LEU D 196 -9.16 44.10 17.50
N SER D 197 -9.04 44.85 18.60
CA SER D 197 -9.82 46.06 18.73
C SER D 197 -9.50 47.04 17.61
N PHE D 198 -8.22 47.19 17.29
CA PHE D 198 -7.82 47.98 16.13
C PHE D 198 -8.54 47.52 14.86
N LEU D 199 -8.75 46.21 14.71
CA LEU D 199 -9.44 45.73 13.52
C LEU D 199 -10.90 46.13 13.56
N LYS D 200 -11.55 45.95 14.71
CA LYS D 200 -12.96 46.35 14.83
C LYS D 200 -13.14 47.84 14.54
N LYS D 201 -12.20 48.69 14.98
CA LYS D 201 -12.33 50.12 14.72
C LYS D 201 -12.43 50.41 13.22
N GLN D 202 -11.79 49.60 12.37
CA GLN D 202 -11.83 49.79 10.93
C GLN D 202 -12.99 49.05 10.26
N GLY D 203 -14.04 48.71 11.00
CA GLY D 203 -15.21 48.05 10.44
C GLY D 203 -15.08 46.57 10.15
N ILE D 204 -14.04 45.88 10.63
CA ILE D 204 -13.80 44.48 10.27
C ILE D 204 -14.42 43.56 11.31
N GLU D 205 -15.27 42.64 10.84
CA GLU D 205 -15.84 41.62 11.71
C GLU D 205 -14.87 40.45 11.89
N LEU D 206 -14.80 39.95 13.10
CA LEU D 206 -13.73 38.98 13.28
C LEU D 206 -14.25 37.55 13.08
N PRO D 207 -13.46 36.65 12.53
CA PRO D 207 -13.86 35.24 12.57
C PRO D 207 -13.45 34.61 13.89
N THR D 208 -13.42 33.29 13.97
CA THR D 208 -13.04 32.58 15.20
C THR D 208 -11.71 33.08 15.75
N VAL D 209 -11.71 33.40 17.06
CA VAL D 209 -10.52 33.83 17.78
C VAL D 209 -10.10 32.71 18.72
N HIS D 210 -8.83 32.32 18.67
CA HIS D 210 -8.29 31.33 19.60
C HIS D 210 -6.89 31.74 20.00
N MET D 211 -6.53 31.43 21.25
CA MET D 211 -5.20 31.81 21.73
C MET D 211 -4.67 30.85 22.79
N CYS D 212 -5.54 30.07 23.41
CA CYS D 212 -5.12 29.20 24.50
C CYS D 212 -4.52 27.91 23.97
N ASN D 213 -3.38 27.51 24.52
CA ASN D 213 -2.94 26.12 24.48
C ASN D 213 -3.43 25.46 25.77
N THR D 214 -2.97 24.24 26.06
CA THR D 214 -3.40 23.54 27.27
C THR D 214 -3.15 24.39 28.52
N ALA D 215 -1.92 24.88 28.66
CA ALA D 215 -1.56 25.69 29.82
C ALA D 215 -2.54 26.83 30.02
N ALA D 216 -2.78 27.63 28.97
CA ALA D 216 -3.62 28.81 29.12
C ALA D 216 -5.09 28.47 29.22
N ALA D 217 -5.52 27.32 28.70
CA ALA D 217 -6.91 26.91 28.90
C ALA D 217 -7.15 26.57 30.37
N ILE D 218 -6.16 25.96 31.01
CA ILE D 218 -6.32 25.60 32.41
C ILE D 218 -6.18 26.85 33.28
N ALA D 219 -5.09 27.61 33.08
CA ALA D 219 -4.74 28.72 33.94
C ALA D 219 -5.53 29.99 33.65
N PHE D 220 -5.96 30.21 32.42
CA PHE D 220 -6.71 31.42 32.06
C PHE D 220 -7.90 31.04 31.20
N PRO D 221 -8.86 30.31 31.74
CA PRO D 221 -10.05 29.97 30.95
C PRO D 221 -10.77 31.20 30.39
N GLU D 222 -10.57 32.38 30.99
CA GLU D 222 -11.23 33.58 30.49
C GLU D 222 -10.59 34.11 29.22
N PHE D 223 -9.47 33.53 28.77
CA PHE D 223 -8.88 33.83 27.47
C PHE D 223 -9.41 32.92 26.37
N SER D 224 -10.43 32.12 26.68
CA SER D 224 -10.88 31.06 25.80
C SER D 224 -11.38 31.57 24.47
N ALA D 225 -11.89 32.82 24.45
CA ALA D 225 -12.51 33.40 23.26
C ALA D 225 -13.39 32.35 22.60
N ASP D 226 -13.22 32.13 21.29
CA ASP D 226 -14.16 31.30 20.57
C ASP D 226 -13.76 29.83 20.53
N MET D 227 -12.52 29.52 20.86
CA MET D 227 -11.91 28.21 20.62
C MET D 227 -10.57 28.14 21.32
N ILE D 228 -10.24 26.95 21.81
CA ILE D 228 -8.96 26.71 22.45
C ILE D 228 -8.27 25.56 21.71
N ARG D 229 -6.95 25.54 21.79
CA ARG D 229 -6.15 24.55 21.10
C ARG D 229 -5.64 23.60 22.16
N LEU D 230 -6.17 22.37 22.16
CA LEU D 230 -5.89 21.39 23.20
C LEU D 230 -4.90 20.36 22.66
N GLY D 231 -3.67 20.43 23.11
CA GLY D 231 -2.66 19.49 22.71
C GLY D 231 -2.31 18.53 23.82
N ILE D 232 -1.24 18.84 24.56
CA ILE D 232 -0.69 17.89 25.52
C ILE D 232 -1.76 17.41 26.49
N GLY D 233 -2.67 18.29 26.91
CA GLY D 233 -3.70 17.89 27.85
C GLY D 233 -4.61 16.80 27.33
N LEU D 234 -4.86 16.79 26.01
CA LEU D 234 -5.73 15.78 25.44
C LEU D 234 -5.19 14.38 25.68
N TYR D 235 -3.87 14.25 25.74
CA TYR D 235 -3.16 13.01 25.99
C TYR D 235 -2.97 12.75 27.48
N GLY D 236 -3.52 13.62 28.34
CA GLY D 236 -3.46 13.42 29.77
C GLY D 236 -2.12 13.74 30.39
N LEU D 237 -1.35 14.63 29.77
CA LEU D 237 -0.09 15.11 30.31
C LEU D 237 -0.21 16.60 30.55
N TYR D 238 0.46 17.07 31.60
CA TYR D 238 0.38 18.48 31.92
C TYR D 238 1.52 19.25 31.24
N PRO D 239 1.26 20.49 30.82
CA PRO D 239 2.32 21.27 30.16
C PRO D 239 3.53 21.56 31.05
N SER D 240 3.41 21.48 32.37
CA SER D 240 4.47 21.88 33.28
C SER D 240 4.09 21.48 34.70
N ALA D 241 5.10 21.31 35.54
CA ALA D 241 4.83 21.00 36.94
C ALA D 241 3.93 22.04 37.58
N TYR D 242 4.16 23.31 37.26
CA TYR D 242 3.34 24.39 37.82
C TYR D 242 1.86 24.20 37.49
N ILE D 243 1.53 23.80 36.25
CA ILE D 243 0.13 23.68 35.83
C ILE D 243 -0.54 22.49 36.49
N LYS D 244 0.18 21.37 36.60
CA LYS D 244 -0.32 20.24 37.38
C LYS D 244 -0.64 20.65 38.81
N GLN D 245 0.26 21.42 39.44
CA GLN D 245 0.12 21.76 40.86
C GLN D 245 -1.08 22.65 41.14
N LEU D 246 -1.64 23.33 40.12
CA LEU D 246 -2.84 24.13 40.39
C LEU D 246 -4.03 23.26 40.76
N ASN D 247 -3.98 21.95 40.49
CA ASN D 247 -5.08 21.04 40.81
C ASN D 247 -6.40 21.52 40.24
N LEU D 248 -6.35 22.24 39.12
CA LEU D 248 -7.56 22.84 38.56
C LEU D 248 -8.35 21.88 37.69
N VAL D 249 -7.68 20.89 37.08
CA VAL D 249 -8.28 19.97 36.12
C VAL D 249 -7.53 18.65 36.20
N LYS D 250 -8.26 17.54 36.31
CA LYS D 250 -7.66 16.21 36.45
C LYS D 250 -7.48 15.58 35.07
N LEU D 251 -6.24 15.23 34.75
CA LEU D 251 -5.92 14.56 33.50
C LEU D 251 -5.47 13.12 33.78
N GLU D 252 -5.68 12.25 32.79
CA GLU D 252 -5.23 10.88 32.89
C GLU D 252 -4.28 10.59 31.73
N PRO D 253 -3.05 10.18 31.97
CA PRO D 253 -2.15 9.85 30.86
C PRO D 253 -2.75 8.72 30.03
N ALA D 254 -2.64 8.87 28.70
CA ALA D 254 -3.26 7.93 27.79
C ALA D 254 -2.29 6.88 27.28
N LEU D 255 -0.99 7.17 27.30
CA LEU D 255 0.00 6.34 26.65
C LEU D 255 0.70 5.46 27.68
N SER D 256 0.79 4.17 27.38
CA SER D 256 1.76 3.32 28.03
C SER D 256 2.56 2.59 26.95
N LEU D 257 3.83 2.35 27.26
CA LEU D 257 4.77 1.68 26.40
C LEU D 257 5.20 0.40 27.12
N LYS D 258 5.03 -0.75 26.46
CA LYS D 258 5.27 -2.04 27.09
C LYS D 258 6.14 -2.93 26.20
N ALA D 259 6.57 -4.04 26.79
CA ALA D 259 7.39 -5.02 26.09
C ALA D 259 7.30 -6.34 26.85
N ARG D 260 7.79 -7.40 26.20
CA ARG D 260 7.93 -8.71 26.83
C ARG D 260 9.40 -9.08 26.88
N ILE D 261 9.79 -9.74 27.97
CA ILE D 261 11.19 -10.14 28.09
C ILE D 261 11.55 -11.08 26.96
N ALA D 262 12.60 -10.72 26.20
CA ALA D 262 13.07 -11.55 25.12
C ALA D 262 13.96 -12.70 25.59
N TYR D 263 14.60 -12.56 26.75
CA TYR D 263 15.57 -13.55 27.18
C TYR D 263 15.95 -13.26 28.62
N VAL D 264 16.14 -14.33 29.40
CA VAL D 264 16.59 -14.27 30.78
C VAL D 264 17.73 -15.26 30.91
N LYS D 265 18.82 -14.84 31.55
CA LYS D 265 19.96 -15.71 31.79
C LYS D 265 20.61 -15.32 33.10
N THR D 266 21.20 -16.30 33.77
CA THR D 266 22.12 -16.02 34.87
C THR D 266 23.53 -16.00 34.32
N MET D 267 24.35 -15.11 34.87
CA MET D 267 25.65 -14.81 34.26
C MET D 267 26.76 -15.60 34.94
N ARG D 268 26.68 -16.92 34.84
CA ARG D 268 27.64 -17.72 35.58
C ARG D 268 29.01 -17.79 34.89
N THR D 269 29.09 -17.64 33.57
CA THR D 269 30.33 -17.81 32.84
C THR D 269 30.91 -16.49 32.39
N GLU D 270 32.23 -16.40 32.41
CA GLU D 270 32.98 -15.22 32.02
C GLU D 270 33.09 -15.12 30.51
N PRO D 271 33.09 -13.90 29.95
CA PRO D 271 32.97 -12.61 30.62
C PRO D 271 31.54 -12.32 31.00
N ARG D 272 31.36 -11.67 32.16
CA ARG D 272 30.04 -11.19 32.57
C ARG D 272 29.79 -9.74 32.16
N THR D 273 30.46 -9.27 31.10
CA THR D 273 30.23 -7.93 30.57
C THR D 273 28.87 -7.85 29.88
N VAL D 274 28.28 -6.65 29.93
CA VAL D 274 26.93 -6.44 29.43
C VAL D 274 26.93 -5.22 28.51
N SER D 275 26.51 -5.44 27.26
CA SER D 275 26.25 -4.40 26.28
C SER D 275 27.49 -3.64 25.85
N TYR D 276 27.30 -2.66 24.96
CA TYR D 276 28.40 -1.99 24.29
C TYR D 276 29.29 -1.26 25.27
N GLY D 277 30.60 -1.34 25.04
CA GLY D 277 31.57 -0.72 25.91
C GLY D 277 31.78 -1.43 27.23
N ALA D 278 31.04 -2.51 27.50
CA ALA D 278 31.23 -3.29 28.70
C ALA D 278 31.22 -2.40 29.94
N THR D 279 30.30 -1.44 29.96
CA THR D 279 30.13 -0.52 31.07
C THR D 279 29.35 -1.13 32.21
N TYR D 280 29.17 -2.45 32.19
CA TYR D 280 28.47 -3.15 33.25
C TYR D 280 29.01 -4.56 33.32
N ILE D 281 29.43 -4.99 34.52
CA ILE D 281 29.87 -6.36 34.76
C ILE D 281 28.93 -6.98 35.78
N ALA D 282 28.34 -8.11 35.42
CA ALA D 282 27.38 -8.74 36.30
C ALA D 282 28.09 -9.67 37.29
N GLU D 283 27.46 -9.87 38.44
CA GLU D 283 27.91 -10.92 39.35
C GLU D 283 27.66 -12.28 38.71
N PRO D 284 28.34 -13.33 39.19
CA PRO D 284 28.14 -14.66 38.56
C PRO D 284 26.74 -15.22 38.72
N ASN D 285 25.99 -14.79 39.72
CA ASN D 285 24.63 -15.25 39.92
C ASN D 285 23.58 -14.24 39.47
N GLU D 286 24.00 -13.12 38.88
CA GLU D 286 23.07 -12.07 38.50
C GLU D 286 22.24 -12.50 37.31
N VAL D 287 20.96 -12.11 37.32
CA VAL D 287 20.02 -12.45 36.27
C VAL D 287 19.83 -11.23 35.38
N ILE D 288 20.15 -11.40 34.09
CA ILE D 288 20.05 -10.34 33.10
C ILE D 288 18.90 -10.69 32.15
N ALA D 289 17.98 -9.74 31.98
CA ALA D 289 16.89 -9.87 31.05
C ALA D 289 17.16 -8.95 29.88
N THR D 290 16.81 -9.39 28.67
CA THR D 290 16.92 -8.59 27.47
C THR D 290 15.53 -8.22 26.99
N LEU D 291 15.35 -6.94 26.65
CA LEU D 291 14.08 -6.35 26.25
C LEU D 291 14.16 -5.78 24.85
N PRO D 292 13.13 -5.94 24.05
CA PRO D 292 13.15 -5.48 22.66
C PRO D 292 12.71 -4.03 22.46
N ILE D 293 13.35 -3.11 23.19
CA ILE D 293 13.26 -1.68 22.90
C ILE D 293 14.67 -1.10 22.97
N GLY D 294 14.94 -0.12 22.12
CA GLY D 294 16.25 0.52 22.08
C GLY D 294 16.12 1.97 21.68
N TYR D 295 17.24 2.64 21.34
CA TYR D 295 17.16 4.09 21.20
C TYR D 295 16.61 4.49 19.84
N ALA D 296 16.74 3.63 18.83
CA ALA D 296 16.01 3.87 17.59
C ALA D 296 14.50 3.89 17.80
N ASP D 297 13.99 3.26 18.85
CA ASP D 297 12.56 3.36 19.16
C ASP D 297 12.18 4.66 19.83
N GLY D 298 13.16 5.45 20.25
CA GLY D 298 12.92 6.67 20.99
C GLY D 298 13.22 6.53 22.46
N TYR D 299 13.74 5.37 22.88
CA TYR D 299 14.15 5.13 24.26
C TYR D 299 15.59 5.63 24.39
N SER D 300 15.75 6.86 24.89
CA SER D 300 17.01 7.59 24.76
C SER D 300 18.21 6.80 25.32
N ARG D 301 19.33 6.89 24.62
CA ARG D 301 20.56 6.21 25.02
C ARG D 301 21.14 6.81 26.30
N ALA D 302 20.76 8.03 26.65
CA ALA D 302 21.16 8.64 27.90
C ALA D 302 20.56 7.94 29.12
N LEU D 303 19.68 6.96 28.92
CA LEU D 303 19.19 6.12 30.02
C LEU D 303 20.06 4.88 30.24
N SER D 304 21.17 4.75 29.50
CA SER D 304 22.16 3.73 29.80
C SER D 304 22.60 3.81 31.26
N ASN D 305 22.48 2.69 31.98
CA ASN D 305 22.87 2.56 33.39
C ASN D 305 22.16 3.58 34.28
N ARG D 306 20.97 4.00 33.88
CA ARG D 306 20.28 5.06 34.61
C ARG D 306 18.77 4.83 34.63
N GLY D 307 18.24 4.33 33.53
CA GLY D 307 16.80 4.15 33.43
C GLY D 307 16.30 2.93 34.18
N PHE D 308 15.00 2.93 34.43
CA PHE D 308 14.32 1.80 35.04
C PHE D 308 13.16 1.35 34.15
N VAL D 309 12.83 0.06 34.23
CA VAL D 309 11.58 -0.46 33.70
C VAL D 309 10.89 -1.23 34.82
N LEU D 310 9.65 -1.61 34.58
CA LEU D 310 8.81 -2.25 35.59
C LEU D 310 8.64 -3.72 35.25
N HIS D 311 9.12 -4.60 36.14
CA HIS D 311 8.91 -6.02 36.00
C HIS D 311 8.26 -6.55 37.28
N ARG D 312 7.19 -7.33 37.13
CA ARG D 312 6.38 -7.82 38.23
C ARG D 312 6.13 -6.73 39.27
N GLY D 313 5.89 -5.51 38.81
CA GLY D 313 5.56 -4.45 39.74
C GLY D 313 6.73 -3.76 40.38
N LYS D 314 7.95 -4.19 40.11
CA LYS D 314 9.12 -3.60 40.73
C LYS D 314 9.96 -2.88 39.69
N ARG D 315 10.67 -1.84 40.11
CA ARG D 315 11.65 -1.21 39.24
C ARG D 315 12.87 -2.10 39.10
N VAL D 316 13.36 -2.25 37.87
CA VAL D 316 14.59 -3.01 37.65
C VAL D 316 15.48 -2.14 36.78
N PRO D 317 16.76 -2.02 37.11
CA PRO D 317 17.59 -0.99 36.46
C PRO D 317 18.05 -1.41 35.06
N VAL D 318 18.10 -0.43 34.16
CA VAL D 318 18.77 -0.64 32.90
C VAL D 318 20.25 -0.90 33.19
N ALA D 319 20.76 -2.00 32.65
CA ALA D 319 22.11 -2.47 32.93
C ALA D 319 22.93 -2.38 31.66
N GLY D 320 23.83 -1.43 31.59
CA GLY D 320 24.67 -1.31 30.43
C GLY D 320 24.17 -0.23 29.49
N ARG D 321 24.72 -0.23 28.29
CA ARG D 321 24.35 0.81 27.35
C ARG D 321 23.11 0.39 26.60
N VAL D 322 22.21 1.36 26.38
CA VAL D 322 21.12 1.17 25.46
C VAL D 322 21.68 0.93 24.06
N THR D 323 21.26 -0.16 23.43
CA THR D 323 21.61 -0.43 22.05
C THR D 323 20.47 0.07 21.16
N MET D 324 20.63 -0.03 19.85
CA MET D 324 19.70 0.62 18.94
C MET D 324 18.31 -0.02 19.03
N ASP D 325 18.25 -1.35 19.24
CA ASP D 325 17.00 -2.09 19.30
C ASP D 325 16.72 -2.84 20.60
N MET D 326 17.65 -2.86 21.57
CA MET D 326 17.47 -3.68 22.75
C MET D 326 18.13 -3.03 23.96
N ILE D 327 17.56 -3.29 25.14
CA ILE D 327 18.18 -2.97 26.42
C ILE D 327 18.25 -4.24 27.26
N MET D 328 19.24 -4.29 28.12
CA MET D 328 19.33 -5.28 29.18
C MET D 328 18.93 -4.62 30.50
N VAL D 329 18.29 -5.40 31.35
CA VAL D 329 17.99 -4.96 32.71
C VAL D 329 18.37 -6.07 33.66
N SER D 330 18.75 -5.70 34.89
CA SER D 330 19.20 -6.67 35.87
C SER D 330 18.05 -7.03 36.79
N LEU D 331 17.76 -8.32 36.86
CA LEU D 331 16.81 -8.82 37.84
C LEU D 331 17.50 -9.15 39.16
N GLY D 332 18.80 -8.89 39.27
CA GLY D 332 19.55 -9.11 40.48
C GLY D 332 20.04 -10.54 40.67
N GLU D 333 20.47 -10.81 41.90
CA GLU D 333 20.96 -12.13 42.28
C GLU D 333 19.78 -13.09 42.40
N ASN D 334 19.89 -14.25 41.74
CA ASN D 334 18.86 -15.28 41.77
C ASN D 334 17.49 -14.75 41.33
N GLY D 335 17.47 -13.68 40.55
CA GLY D 335 16.22 -13.00 40.26
C GLY D 335 15.30 -13.85 39.40
N GLU D 336 14.00 -13.80 39.71
CA GLU D 336 13.01 -14.58 38.97
C GLU D 336 12.38 -13.73 37.88
N GLY D 337 12.06 -14.40 36.78
CA GLY D 337 11.56 -13.76 35.59
C GLY D 337 11.73 -14.71 34.42
N LYS D 338 10.75 -14.74 33.53
CA LYS D 338 10.76 -15.68 32.42
C LYS D 338 10.69 -14.92 31.12
N GLN D 339 11.28 -15.52 30.10
CA GLN D 339 10.96 -15.19 28.71
C GLN D 339 9.45 -15.08 28.53
N GLY D 340 9.00 -13.91 28.11
CA GLY D 340 7.58 -13.67 27.89
C GLY D 340 6.92 -12.78 28.89
N ASP D 341 7.55 -12.53 30.04
CA ASP D 341 6.96 -11.67 31.06
C ASP D 341 6.74 -10.25 30.51
N GLU D 342 5.59 -9.70 30.83
CA GLU D 342 5.30 -8.33 30.43
C GLU D 342 6.07 -7.35 31.28
N VAL D 343 6.70 -6.39 30.61
CA VAL D 343 7.43 -5.31 31.26
C VAL D 343 6.76 -4.00 30.86
N VAL D 344 6.89 -2.98 31.70
CA VAL D 344 6.32 -1.67 31.40
C VAL D 344 7.46 -0.66 31.40
N ILE D 345 7.67 -0.03 30.23
CA ILE D 345 8.69 1.00 30.11
C ILE D 345 8.15 2.34 30.57
N TYR D 346 7.00 2.75 30.02
CA TYR D 346 6.31 3.96 30.45
C TYR D 346 4.91 3.56 30.89
N GLY D 347 4.50 4.04 32.05
CA GLY D 347 3.18 3.67 32.51
C GLY D 347 3.20 2.99 33.85
N LYS D 348 2.12 2.30 34.16
CA LYS D 348 1.92 1.64 35.44
C LYS D 348 2.03 0.13 35.27
N GLN D 349 2.51 -0.54 36.31
CA GLN D 349 2.38 -1.98 36.43
C GLN D 349 2.13 -2.31 37.89
N LYS D 350 0.98 -2.92 38.18
CA LYS D 350 0.55 -3.23 39.54
C LYS D 350 0.55 -1.97 40.39
N GLY D 351 1.34 -1.96 41.45
CA GLY D 351 1.33 -0.77 42.26
C GLY D 351 2.29 0.32 41.83
N ALA D 352 3.11 0.07 40.81
CA ALA D 352 4.24 0.92 40.46
C ALA D 352 3.94 1.75 39.22
N GLU D 353 4.82 2.71 38.93
CA GLU D 353 4.61 3.61 37.81
C GLU D 353 5.92 4.29 37.44
N ILE D 354 6.22 4.32 36.15
CA ILE D 354 7.28 5.15 35.59
C ILE D 354 6.59 6.14 34.65
N SER D 355 6.27 7.32 35.14
CA SER D 355 5.56 8.24 34.28
C SER D 355 6.50 8.82 33.23
N VAL D 356 5.90 9.26 32.12
CA VAL D 356 6.66 9.96 31.09
C VAL D 356 7.29 11.23 31.66
N ASP D 357 6.65 11.84 32.67
CA ASP D 357 7.23 13.03 33.29
C ASP D 357 8.54 12.72 34.00
N GLU D 358 8.62 11.57 34.68
CA GLU D 358 9.83 11.21 35.39
C GLU D 358 10.96 10.95 34.42
N VAL D 359 10.70 10.14 33.39
CA VAL D 359 11.67 9.93 32.32
C VAL D 359 12.14 11.26 31.74
N ALA D 360 11.19 12.19 31.50
CA ALA D 360 11.58 13.49 30.94
C ALA D 360 12.45 14.27 31.91
N GLU D 361 12.15 14.19 33.21
CA GLU D 361 12.99 14.84 34.22
C GLU D 361 14.39 14.24 34.21
N MET D 362 14.48 12.92 34.17
CA MET D 362 15.76 12.23 34.06
C MET D 362 16.59 12.73 32.88
N LEU D 363 15.94 13.15 31.79
CA LEU D 363 16.63 13.54 30.57
C LEU D 363 16.73 15.04 30.37
N ASN D 364 16.33 15.84 31.37
CA ASN D 364 16.32 17.30 31.27
C ASN D 364 15.57 17.76 30.05
N THR D 365 14.44 17.12 29.80
CA THR D 365 13.56 17.54 28.72
C THR D 365 12.15 17.56 29.28
N ILE D 366 11.16 17.69 28.38
CA ILE D 366 9.77 17.78 28.79
C ILE D 366 9.02 16.58 28.24
N ASN D 367 7.84 16.33 28.82
CA ASN D 367 7.08 15.15 28.43
C ASN D 367 6.69 15.22 26.97
N TYR D 368 6.44 16.43 26.44
CA TYR D 368 6.18 16.59 25.01
C TYR D 368 7.15 15.79 24.14
N GLU D 369 8.46 15.91 24.42
CA GLU D 369 9.47 15.27 23.59
C GLU D 369 9.60 13.78 23.88
N VAL D 370 9.32 13.34 25.11
CA VAL D 370 9.44 11.90 25.40
C VAL D 370 8.42 11.13 24.58
N VAL D 371 7.20 11.64 24.45
CA VAL D 371 6.16 10.87 23.78
C VAL D 371 6.17 11.12 22.29
N SER D 372 6.50 12.33 21.87
CA SER D 372 6.41 12.66 20.46
C SER D 372 7.57 12.09 19.65
N THR D 373 8.58 11.50 20.30
CA THR D 373 9.69 10.86 19.63
C THR D 373 9.62 9.35 19.71
N LEU D 374 8.48 8.79 20.14
CA LEU D 374 8.33 7.34 20.06
C LEU D 374 8.20 6.95 18.60
N SER D 375 9.06 6.04 18.16
CA SER D 375 9.15 5.71 16.74
C SER D 375 7.86 5.09 16.21
N ARG D 376 7.59 5.30 14.92
CA ARG D 376 6.42 4.69 14.31
C ARG D 376 6.58 3.18 14.10
N ARG D 377 7.81 2.64 14.23
CA ARG D 377 7.95 1.19 14.14
C ARG D 377 7.47 0.45 15.38
N ILE D 378 7.06 1.16 16.43
CA ILE D 378 6.34 0.56 17.55
C ILE D 378 4.86 0.52 17.19
N PRO D 379 4.22 -0.64 17.19
CA PRO D 379 2.77 -0.68 16.96
C PRO D 379 2.00 -0.01 18.10
N ARG D 380 0.97 0.73 17.71
CA ARG D 380 0.04 1.36 18.64
C ARG D 380 -1.20 0.50 18.72
N PHE D 381 -1.61 0.20 19.94
CA PHE D 381 -2.88 -0.46 20.21
C PHE D 381 -3.76 0.51 20.96
N TYR D 382 -5.06 0.48 20.67
CA TYR D 382 -6.02 1.44 21.20
C TYR D 382 -7.04 0.74 22.07
N ILE D 383 -7.23 1.25 23.28
CA ILE D 383 -8.21 0.74 24.22
C ILE D 383 -9.44 1.65 24.18
N ARG D 384 -10.59 1.10 23.83
CA ARG D 384 -11.84 1.85 23.92
C ARG D 384 -12.85 1.01 24.67
N ASP D 385 -13.51 1.63 25.66
CA ASP D 385 -14.43 0.92 26.54
C ASP D 385 -13.78 -0.35 27.11
N GLY D 386 -12.48 -0.26 27.42
CA GLY D 386 -11.77 -1.36 28.05
C GLY D 386 -11.28 -2.47 27.14
N GLU D 387 -11.54 -2.40 25.83
CA GLU D 387 -11.09 -3.43 24.90
C GLU D 387 -10.05 -2.88 23.92
N ILE D 388 -9.15 -3.76 23.50
CA ILE D 388 -8.03 -3.44 22.60
C ILE D 388 -8.49 -3.52 21.15
N PHE D 389 -7.82 -2.78 20.26
CA PHE D 389 -7.88 -2.92 18.80
C PHE D 389 -6.78 -2.04 18.17
N LYS D 390 -6.54 -2.25 16.88
CA LYS D 390 -5.64 -1.34 16.15
C LYS D 390 -6.32 -0.81 14.89
CL CL E . -0.34 -28.55 -19.85
CL CL F . -26.67 8.28 -17.23
CL CL G . 23.52 -9.95 20.48
CL CL H . 3.59 30.50 16.37
#